data_2BQX
# 
_entry.id   2BQX 
# 
_audit_conform.dict_name       mmcif_pdbx.dic 
_audit_conform.dict_version    5.382 
_audit_conform.dict_location   http://mmcif.pdb.org/dictionaries/ascii/mmcif_pdbx.dic 
# 
loop_
_database_2.database_id 
_database_2.database_code 
_database_2.pdbx_database_accession 
_database_2.pdbx_DOI 
PDB   2BQX         pdb_00002bqx 10.2210/pdb2bqx/pdb 
PDBE  EBI-23556    ?            ?                   
WWPDB D_1290023556 ?            ?                   
# 
_pdbx_database_related.db_name        PDB 
_pdbx_database_related.db_id          2BQY 
_pdbx_database_related.content_type   unspecified 
_pdbx_database_related.details        
'INORGANIC PYROPHOSPHATASE FROM THE PATHOGENIC BACTERIUM HELICOBACTER PYLORI-KINETIC AND STRUCTURAL PROPERTIES' 
# 
_pdbx_database_status.status_code                     REL 
_pdbx_database_status.entry_id                        2BQX 
_pdbx_database_status.deposit_site                    PDBE 
_pdbx_database_status.process_site                    PDBE 
_pdbx_database_status.SG_entry                        . 
_pdbx_database_status.recvd_initial_deposition_date   2005-04-28 
_pdbx_database_status.pdb_format_compatible           Y 
_pdbx_database_status.status_code_sf                  REL 
_pdbx_database_status.status_code_mr                  ? 
_pdbx_database_status.status_code_cs                  ? 
_pdbx_database_status.methods_development_category    ? 
_pdbx_database_status.status_code_nmr_data            ? 
# 
loop_
_audit_author.name 
_audit_author.pdbx_ordinal 
'Chao, T.-C.' 1 
'Sun, Y.-J.'  2 
# 
_citation.id                        primary 
_citation.title                     
'Kinetic and Structural Properties of Inorganic Pyrophosphatase from the Pathogenic Bacterium Helicobacter Pylori.' 
_citation.journal_abbrev            Proteins 
_citation.journal_volume            65 
_citation.page_first                670 
_citation.page_last                 ? 
_citation.year                      2006 
_citation.journal_id_ASTM           PSFGEY 
_citation.country                   US 
_citation.journal_id_ISSN           0887-3585 
_citation.journal_id_CSD            0867 
_citation.book_publisher            ? 
_citation.pdbx_database_id_PubMed   16988955 
_citation.pdbx_database_id_DOI      10.1002/PROT.21093 
# 
loop_
_citation_author.citation_id 
_citation_author.name 
_citation_author.ordinal 
_citation_author.identifier_ORCID 
primary 'Chao, T.-C.' 1 ? 
primary 'Huang, H.'   2 ? 
primary 'Tsai, J.Y.'  3 ? 
primary 'Huang, C.Y.' 4 ? 
primary 'Sun, Y.-J.'  5 ? 
# 
_cell.entry_id           2BQX 
_cell.length_a           102.650 
_cell.length_b           102.650 
_cell.length_c           93.630 
_cell.angle_alpha        90.00 
_cell.angle_beta         90.00 
_cell.angle_gamma        120.00 
_cell.Z_PDB              12 
_cell.pdbx_unique_axis   ? 
# 
_symmetry.entry_id                         2BQX 
_symmetry.space_group_name_H-M             'P 63 2 2' 
_symmetry.pdbx_full_space_group_name_H-M   ? 
_symmetry.cell_setting                     ? 
_symmetry.Int_Tables_number                182 
# 
loop_
_entity.id 
_entity.type 
_entity.src_method 
_entity.pdbx_description 
_entity.formula_weight 
_entity.pdbx_number_of_molecules 
_entity.pdbx_ec 
_entity.pdbx_mutation 
_entity.pdbx_fragment 
_entity.details 
1 polymer man 'INORGANIC PYROPHOSPHATASE' 19297.938 1   3.6.1.1 ? ? ? 
2 water   nat water                       18.015    191 ?       ? ? ? 
# 
_entity_name_com.entity_id   1 
_entity_name_com.name        'PYROPHOSPHATE PHOSPHO-HYDROLASE, PPASE' 
# 
_entity_poly.entity_id                      1 
_entity_poly.type                           'polypeptide(L)' 
_entity_poly.nstd_linkage                   no 
_entity_poly.nstd_monomer                   no 
_entity_poly.pdbx_seq_one_letter_code       
;MNLEKLEVSHDADSLCVVIEISKHSNIKYELDKESGALMVDRVLYGAQNYPANYGFVPNTLGSDGDPVDALVLSDVAFQA
GSVVKARLVGVLNMEDESGMDEKLIALPIDKIDPTHSYVKDIDDLSKHTLDKIKHFFETYKDLEPNKWVKVKGFENKESA
IKVLEKAIKAYQG
;
_entity_poly.pdbx_seq_one_letter_code_can   
;MNLEKLEVSHDADSLCVVIEISKHSNIKYELDKESGALMVDRVLYGAQNYPANYGFVPNTLGSDGDPVDALVLSDVAFQA
GSVVKARLVGVLNMEDESGMDEKLIALPIDKIDPTHSYVKDIDDLSKHTLDKIKHFFETYKDLEPNKWVKVKGFENKESA
IKVLEKAIKAYQG
;
_entity_poly.pdbx_strand_id                 A 
_entity_poly.pdbx_target_identifier         ? 
# 
loop_
_entity_poly_seq.entity_id 
_entity_poly_seq.num 
_entity_poly_seq.mon_id 
_entity_poly_seq.hetero 
1 1   MET n 
1 2   ASN n 
1 3   LEU n 
1 4   GLU n 
1 5   LYS n 
1 6   LEU n 
1 7   GLU n 
1 8   VAL n 
1 9   SER n 
1 10  HIS n 
1 11  ASP n 
1 12  ALA n 
1 13  ASP n 
1 14  SER n 
1 15  LEU n 
1 16  CYS n 
1 17  VAL n 
1 18  VAL n 
1 19  ILE n 
1 20  GLU n 
1 21  ILE n 
1 22  SER n 
1 23  LYS n 
1 24  HIS n 
1 25  SER n 
1 26  ASN n 
1 27  ILE n 
1 28  LYS n 
1 29  TYR n 
1 30  GLU n 
1 31  LEU n 
1 32  ASP n 
1 33  LYS n 
1 34  GLU n 
1 35  SER n 
1 36  GLY n 
1 37  ALA n 
1 38  LEU n 
1 39  MET n 
1 40  VAL n 
1 41  ASP n 
1 42  ARG n 
1 43  VAL n 
1 44  LEU n 
1 45  TYR n 
1 46  GLY n 
1 47  ALA n 
1 48  GLN n 
1 49  ASN n 
1 50  TYR n 
1 51  PRO n 
1 52  ALA n 
1 53  ASN n 
1 54  TYR n 
1 55  GLY n 
1 56  PHE n 
1 57  VAL n 
1 58  PRO n 
1 59  ASN n 
1 60  THR n 
1 61  LEU n 
1 62  GLY n 
1 63  SER n 
1 64  ASP n 
1 65  GLY n 
1 66  ASP n 
1 67  PRO n 
1 68  VAL n 
1 69  ASP n 
1 70  ALA n 
1 71  LEU n 
1 72  VAL n 
1 73  LEU n 
1 74  SER n 
1 75  ASP n 
1 76  VAL n 
1 77  ALA n 
1 78  PHE n 
1 79  GLN n 
1 80  ALA n 
1 81  GLY n 
1 82  SER n 
1 83  VAL n 
1 84  VAL n 
1 85  LYS n 
1 86  ALA n 
1 87  ARG n 
1 88  LEU n 
1 89  VAL n 
1 90  GLY n 
1 91  VAL n 
1 92  LEU n 
1 93  ASN n 
1 94  MET n 
1 95  GLU n 
1 96  ASP n 
1 97  GLU n 
1 98  SER n 
1 99  GLY n 
1 100 MET n 
1 101 ASP n 
1 102 GLU n 
1 103 LYS n 
1 104 LEU n 
1 105 ILE n 
1 106 ALA n 
1 107 LEU n 
1 108 PRO n 
1 109 ILE n 
1 110 ASP n 
1 111 LYS n 
1 112 ILE n 
1 113 ASP n 
1 114 PRO n 
1 115 THR n 
1 116 HIS n 
1 117 SER n 
1 118 TYR n 
1 119 VAL n 
1 120 LYS n 
1 121 ASP n 
1 122 ILE n 
1 123 ASP n 
1 124 ASP n 
1 125 LEU n 
1 126 SER n 
1 127 LYS n 
1 128 HIS n 
1 129 THR n 
1 130 LEU n 
1 131 ASP n 
1 132 LYS n 
1 133 ILE n 
1 134 LYS n 
1 135 HIS n 
1 136 PHE n 
1 137 PHE n 
1 138 GLU n 
1 139 THR n 
1 140 TYR n 
1 141 LYS n 
1 142 ASP n 
1 143 LEU n 
1 144 GLU n 
1 145 PRO n 
1 146 ASN n 
1 147 LYS n 
1 148 TRP n 
1 149 VAL n 
1 150 LYS n 
1 151 VAL n 
1 152 LYS n 
1 153 GLY n 
1 154 PHE n 
1 155 GLU n 
1 156 ASN n 
1 157 LYS n 
1 158 GLU n 
1 159 SER n 
1 160 ALA n 
1 161 ILE n 
1 162 LYS n 
1 163 VAL n 
1 164 LEU n 
1 165 GLU n 
1 166 LYS n 
1 167 ALA n 
1 168 ILE n 
1 169 LYS n 
1 170 ALA n 
1 171 TYR n 
1 172 GLN n 
1 173 GLY n 
# 
_entity_src_gen.entity_id                          1 
_entity_src_gen.pdbx_src_id                        1 
_entity_src_gen.pdbx_alt_source_flag               sample 
_entity_src_gen.pdbx_seq_type                      ? 
_entity_src_gen.pdbx_beg_seq_num                   ? 
_entity_src_gen.pdbx_end_seq_num                   ? 
_entity_src_gen.gene_src_common_name               ? 
_entity_src_gen.gene_src_genus                     ? 
_entity_src_gen.pdbx_gene_src_gene                 ? 
_entity_src_gen.gene_src_species                   ? 
_entity_src_gen.gene_src_strain                    26695 
_entity_src_gen.gene_src_tissue                    ? 
_entity_src_gen.gene_src_tissue_fraction           ? 
_entity_src_gen.gene_src_details                   ? 
_entity_src_gen.pdbx_gene_src_fragment             ? 
_entity_src_gen.pdbx_gene_src_scientific_name      'HELICOBACTER PYLORI' 
_entity_src_gen.pdbx_gene_src_ncbi_taxonomy_id     85962 
_entity_src_gen.pdbx_gene_src_variant              ? 
_entity_src_gen.pdbx_gene_src_cell_line            ? 
_entity_src_gen.pdbx_gene_src_atcc                 700392D 
_entity_src_gen.pdbx_gene_src_organ                ? 
_entity_src_gen.pdbx_gene_src_organelle            ? 
_entity_src_gen.pdbx_gene_src_cell                 ? 
_entity_src_gen.pdbx_gene_src_cellular_location    ? 
_entity_src_gen.host_org_common_name               ? 
_entity_src_gen.pdbx_host_org_scientific_name      'ESCHERICHIA COLI' 
_entity_src_gen.pdbx_host_org_ncbi_taxonomy_id     562 
_entity_src_gen.host_org_genus                     ? 
_entity_src_gen.pdbx_host_org_gene                 ? 
_entity_src_gen.pdbx_host_org_organ                ? 
_entity_src_gen.host_org_species                   ? 
_entity_src_gen.pdbx_host_org_tissue               ? 
_entity_src_gen.pdbx_host_org_tissue_fraction      ? 
_entity_src_gen.pdbx_host_org_strain               SG13009 
_entity_src_gen.pdbx_host_org_variant              ? 
_entity_src_gen.pdbx_host_org_cell_line            ? 
_entity_src_gen.pdbx_host_org_atcc                 ? 
_entity_src_gen.pdbx_host_org_culture_collection   ? 
_entity_src_gen.pdbx_host_org_cell                 ? 
_entity_src_gen.pdbx_host_org_organelle            ? 
_entity_src_gen.pdbx_host_org_cellular_location    ? 
_entity_src_gen.pdbx_host_org_vector_type          PLASMID 
_entity_src_gen.pdbx_host_org_vector               ? 
_entity_src_gen.host_org_details                   ? 
_entity_src_gen.expression_system_id               ? 
_entity_src_gen.plasmid_name                       PQE30 
_entity_src_gen.plasmid_details                    ? 
_entity_src_gen.pdbx_description                   ? 
# 
_struct_ref.id                         1 
_struct_ref.db_name                    UNP 
_struct_ref.db_code                    IPYR_HELPY 
_struct_ref.entity_id                  1 
_struct_ref.pdbx_seq_one_letter_code   ? 
_struct_ref.pdbx_align_begin           ? 
_struct_ref.pdbx_db_accession          P56153 
_struct_ref.pdbx_db_isoform            ? 
# 
_struct_ref_seq.align_id                      1 
_struct_ref_seq.ref_id                        1 
_struct_ref_seq.pdbx_PDB_id_code              2BQX 
_struct_ref_seq.pdbx_strand_id                A 
_struct_ref_seq.seq_align_beg                 1 
_struct_ref_seq.pdbx_seq_align_beg_ins_code   ? 
_struct_ref_seq.seq_align_end                 173 
_struct_ref_seq.pdbx_seq_align_end_ins_code   ? 
_struct_ref_seq.pdbx_db_accession             P56153 
_struct_ref_seq.db_align_beg                  1 
_struct_ref_seq.pdbx_db_align_beg_ins_code    ? 
_struct_ref_seq.db_align_end                  173 
_struct_ref_seq.pdbx_db_align_end_ins_code    ? 
_struct_ref_seq.pdbx_auth_seq_align_beg       1 
_struct_ref_seq.pdbx_auth_seq_align_end       173 
# 
loop_
_chem_comp.id 
_chem_comp.type 
_chem_comp.mon_nstd_flag 
_chem_comp.name 
_chem_comp.pdbx_synonyms 
_chem_comp.formula 
_chem_comp.formula_weight 
ALA 'L-peptide linking' y ALANINE         ? 'C3 H7 N O2'     89.093  
ARG 'L-peptide linking' y ARGININE        ? 'C6 H15 N4 O2 1' 175.209 
ASN 'L-peptide linking' y ASPARAGINE      ? 'C4 H8 N2 O3'    132.118 
ASP 'L-peptide linking' y 'ASPARTIC ACID' ? 'C4 H7 N O4'     133.103 
CYS 'L-peptide linking' y CYSTEINE        ? 'C3 H7 N O2 S'   121.158 
GLN 'L-peptide linking' y GLUTAMINE       ? 'C5 H10 N2 O3'   146.144 
GLU 'L-peptide linking' y 'GLUTAMIC ACID' ? 'C5 H9 N O4'     147.129 
GLY 'peptide linking'   y GLYCINE         ? 'C2 H5 N O2'     75.067  
HIS 'L-peptide linking' y HISTIDINE       ? 'C6 H10 N3 O2 1' 156.162 
HOH non-polymer         . WATER           ? 'H2 O'           18.015  
ILE 'L-peptide linking' y ISOLEUCINE      ? 'C6 H13 N O2'    131.173 
LEU 'L-peptide linking' y LEUCINE         ? 'C6 H13 N O2'    131.173 
LYS 'L-peptide linking' y LYSINE          ? 'C6 H15 N2 O2 1' 147.195 
MET 'L-peptide linking' y METHIONINE      ? 'C5 H11 N O2 S'  149.211 
PHE 'L-peptide linking' y PHENYLALANINE   ? 'C9 H11 N O2'    165.189 
PRO 'L-peptide linking' y PROLINE         ? 'C5 H9 N O2'     115.130 
SER 'L-peptide linking' y SERINE          ? 'C3 H7 N O3'     105.093 
THR 'L-peptide linking' y THREONINE       ? 'C4 H9 N O3'     119.119 
TRP 'L-peptide linking' y TRYPTOPHAN      ? 'C11 H12 N2 O2'  204.225 
TYR 'L-peptide linking' y TYROSINE        ? 'C9 H11 N O3'    181.189 
VAL 'L-peptide linking' y VALINE          ? 'C5 H11 N O2'    117.146 
# 
_exptl.entry_id          2BQX 
_exptl.method            'X-RAY DIFFRACTION' 
_exptl.crystals_number   1 
# 
_exptl_crystal.id                    1 
_exptl_crystal.density_meas          ? 
_exptl_crystal.density_Matthews      3.44 
_exptl_crystal.density_percent_sol   64 
_exptl_crystal.description           ? 
# 
_diffrn.id                     1 
_diffrn.ambient_temp           100.0 
_diffrn.ambient_temp_details   ? 
_diffrn.crystal_id             1 
# 
_diffrn_detector.diffrn_id              1 
_diffrn_detector.detector               CCD 
_diffrn_detector.type                   'ADSC CCD' 
_diffrn_detector.pdbx_collection_date   2003-12-12 
_diffrn_detector.details                ? 
# 
_diffrn_radiation.diffrn_id                        1 
_diffrn_radiation.wavelength_id                    1 
_diffrn_radiation.pdbx_monochromatic_or_laue_m_l   M 
_diffrn_radiation.monochromator                    ? 
_diffrn_radiation.pdbx_diffrn_protocol             'SINGLE WAVELENGTH' 
_diffrn_radiation.pdbx_scattering_type             x-ray 
# 
_diffrn_radiation_wavelength.id           1 
_diffrn_radiation_wavelength.wavelength   0.9793 
_diffrn_radiation_wavelength.wt           1.0 
# 
_diffrn_source.diffrn_id                   1 
_diffrn_source.source                      SYNCHROTRON 
_diffrn_source.type                        'SPRING-8 BEAMLINE BL12B2' 
_diffrn_source.pdbx_synchrotron_site       SPring-8 
_diffrn_source.pdbx_synchrotron_beamline   BL12B2 
_diffrn_source.pdbx_wavelength             0.9793 
_diffrn_source.pdbx_wavelength_list        ? 
# 
_reflns.pdbx_diffrn_id               1 
_reflns.pdbx_ordinal                 1 
_reflns.entry_id                     2BQX 
_reflns.observed_criterion_sigma_I   0.000 
_reflns.observed_criterion_sigma_F   ? 
_reflns.d_resolution_low             19.930 
_reflns.d_resolution_high            1.900 
_reflns.number_obs                   192336 
_reflns.number_all                   ? 
_reflns.percent_possible_obs         99.4 
_reflns.pdbx_Rmerge_I_obs            0.10000 
_reflns.pdbx_Rsym_value              ? 
_reflns.pdbx_netI_over_sigmaI        ? 
_reflns.B_iso_Wilson_estimate        17.4 
_reflns.pdbx_redundancy              8.100 
# 
_reflns_shell.pdbx_diffrn_id         1 
_reflns_shell.pdbx_ordinal           1 
_reflns_shell.d_res_high             1.90 
_reflns_shell.d_res_low              2.02 
_reflns_shell.percent_possible_all   99.4 
_reflns_shell.Rmerge_I_obs           0.36000 
_reflns_shell.pdbx_Rsym_value        ? 
_reflns_shell.meanI_over_sigI_obs    ? 
_reflns_shell.pdbx_redundancy        5.20 
# 
_refine.pdbx_refine_id                           'X-RAY DIFFRACTION' 
_refine.entry_id                                 2BQX 
_refine.pdbx_diffrn_id                           1 
_refine.pdbx_TLS_residual_ADP_flag               ? 
_refine.ls_number_reflns_obs                     22676 
_refine.ls_number_reflns_all                     ? 
_refine.pdbx_ls_sigma_I                          ? 
_refine.pdbx_ls_sigma_F                          0.0 
_refine.pdbx_data_cutoff_high_absF               355817.05 
_refine.pdbx_data_cutoff_low_absF                ? 
_refine.pdbx_data_cutoff_high_rms_absF           ? 
_refine.ls_d_res_low                             19.93 
_refine.ls_d_res_high                            1.90 
_refine.ls_percent_reflns_obs                    96.6 
_refine.ls_R_factor_obs                          0.217 
_refine.ls_R_factor_all                          ? 
_refine.ls_R_factor_R_work                       0.217 
_refine.ls_R_factor_R_free                       0.232 
_refine.ls_R_factor_R_free_error                 0.007 
_refine.ls_R_factor_R_free_error_details         ? 
_refine.ls_percent_reflns_R_free                 4.8 
_refine.ls_number_reflns_R_free                  1094 
_refine.ls_number_parameters                     ? 
_refine.ls_number_restraints                     ? 
_refine.occupancy_min                            ? 
_refine.occupancy_max                            ? 
_refine.correlation_coeff_Fo_to_Fc               ? 
_refine.correlation_coeff_Fo_to_Fc_free          ? 
_refine.B_iso_mean                               30.1 
_refine.aniso_B[1][1]                            0.32 
_refine.aniso_B[2][2]                            0.32 
_refine.aniso_B[3][3]                            -0.64 
_refine.aniso_B[1][2]                            0.49 
_refine.aniso_B[1][3]                            0.00 
_refine.aniso_B[2][3]                            0.00 
_refine.solvent_model_details                    'FLAT MODEL' 
_refine.solvent_model_param_ksol                 0.384942 
_refine.solvent_model_param_bsol                 45.5299 
_refine.pdbx_solvent_vdw_probe_radii             ? 
_refine.pdbx_solvent_ion_probe_radii             ? 
_refine.pdbx_solvent_shrinkage_radii             ? 
_refine.pdbx_ls_cross_valid_method               THROUGHOUT 
_refine.details                                  ? 
_refine.pdbx_starting_model                      'PDB ENTRY 1QEZ' 
_refine.pdbx_method_to_determine_struct          'MOLECULAR REPLACEMENT' 
_refine.pdbx_isotropic_thermal_model             RESTRAINED 
_refine.pdbx_stereochemistry_target_values       ? 
_refine.pdbx_stereochem_target_val_spec_case     ? 
_refine.pdbx_R_Free_selection_details            RANDOM 
_refine.pdbx_overall_ESU_R                       ? 
_refine.pdbx_overall_ESU_R_Free                  ? 
_refine.overall_SU_ML                            ? 
_refine.pdbx_overall_phase_error                 ? 
_refine.overall_SU_B                             ? 
_refine.overall_SU_R_Cruickshank_DPI             ? 
_refine.pdbx_overall_SU_R_free_Cruickshank_DPI   ? 
_refine.pdbx_overall_SU_R_Blow_DPI               ? 
_refine.pdbx_overall_SU_R_free_Blow_DPI          ? 
# 
_refine_analyze.pdbx_refine_id                  'X-RAY DIFFRACTION' 
_refine_analyze.entry_id                        2BQX 
_refine_analyze.Luzzati_coordinate_error_obs    0.23 
_refine_analyze.Luzzati_sigma_a_obs             0.12 
_refine_analyze.Luzzati_d_res_low_obs           5.00 
_refine_analyze.Luzzati_coordinate_error_free   0.26 
_refine_analyze.Luzzati_sigma_a_free            0.20 
_refine_analyze.Luzzati_d_res_low_free          ? 
_refine_analyze.number_disordered_residues      ? 
_refine_analyze.occupancy_sum_hydrogen          ? 
_refine_analyze.occupancy_sum_non_hydrogen      ? 
# 
_refine_hist.pdbx_refine_id                   'X-RAY DIFFRACTION' 
_refine_hist.cycle_id                         LAST 
_refine_hist.pdbx_number_atoms_protein        1301 
_refine_hist.pdbx_number_atoms_nucleic_acid   0 
_refine_hist.pdbx_number_atoms_ligand         0 
_refine_hist.number_atoms_solvent             191 
_refine_hist.number_atoms_total               1492 
_refine_hist.d_res_high                       1.90 
_refine_hist.d_res_low                        19.93 
# 
loop_
_refine_ls_restr.type 
_refine_ls_restr.dev_ideal 
_refine_ls_restr.dev_ideal_target 
_refine_ls_restr.weight 
_refine_ls_restr.number 
_refine_ls_restr.pdbx_refine_id 
_refine_ls_restr.pdbx_restraint_function 
c_bond_d                0.005 ?    ? ? 'X-RAY DIFFRACTION' ? 
c_bond_d_na             ?     ?    ? ? 'X-RAY DIFFRACTION' ? 
c_bond_d_prot           ?     ?    ? ? 'X-RAY DIFFRACTION' ? 
c_angle_d               ?     ?    ? ? 'X-RAY DIFFRACTION' ? 
c_angle_d_na            ?     ?    ? ? 'X-RAY DIFFRACTION' ? 
c_angle_d_prot          ?     ?    ? ? 'X-RAY DIFFRACTION' ? 
c_angle_deg             1.2   ?    ? ? 'X-RAY DIFFRACTION' ? 
c_angle_deg_na          ?     ?    ? ? 'X-RAY DIFFRACTION' ? 
c_angle_deg_prot        ?     ?    ? ? 'X-RAY DIFFRACTION' ? 
c_dihedral_angle_d      23.6  ?    ? ? 'X-RAY DIFFRACTION' ? 
c_dihedral_angle_d_na   ?     ?    ? ? 'X-RAY DIFFRACTION' ? 
c_dihedral_angle_d_prot ?     ?    ? ? 'X-RAY DIFFRACTION' ? 
c_improper_angle_d      0.70  ?    ? ? 'X-RAY DIFFRACTION' ? 
c_improper_angle_d_na   ?     ?    ? ? 'X-RAY DIFFRACTION' ? 
c_improper_angle_d_prot ?     ?    ? ? 'X-RAY DIFFRACTION' ? 
c_mcbond_it             1.22  1.50 ? ? 'X-RAY DIFFRACTION' ? 
c_mcangle_it            1.90  2.00 ? ? 'X-RAY DIFFRACTION' ? 
c_scbond_it             2.58  2.00 ? ? 'X-RAY DIFFRACTION' ? 
c_scangle_it            3.64  2.50 ? ? 'X-RAY DIFFRACTION' ? 
# 
_refine_ls_shell.pdbx_refine_id                   'X-RAY DIFFRACTION' 
_refine_ls_shell.pdbx_total_number_of_bins_used   6 
_refine_ls_shell.d_res_high                       1.90 
_refine_ls_shell.d_res_low                        2.02 
_refine_ls_shell.number_reflns_R_work             3439 
_refine_ls_shell.R_factor_R_work                  0.233 
_refine_ls_shell.percent_reflns_obs               94.3 
_refine_ls_shell.R_factor_R_free                  0.248 
_refine_ls_shell.R_factor_R_free_error            0.020 
_refine_ls_shell.percent_reflns_R_free            4.4 
_refine_ls_shell.number_reflns_R_free             157 
_refine_ls_shell.number_reflns_all                ? 
_refine_ls_shell.R_factor_all                     ? 
# 
loop_
_pdbx_xplor_file.pdbx_refine_id 
_pdbx_xplor_file.serial_no 
_pdbx_xplor_file.param_file 
_pdbx_xplor_file.topol_file 
'X-RAY DIFFRACTION' 1 PROTEIN_REP.PARAM PROTEIN.TOP 
'X-RAY DIFFRACTION' 2 WATER_REP.PARAM   WATER.TOP   
# 
_struct.entry_id                  2BQX 
_struct.title                     
'Inorganic Pyrophosphatase from the Pathogenic Bacterium Helicobacter pylori-Kinetic and Structural Properties' 
_struct.pdbx_model_details        ? 
_struct.pdbx_CASP_flag            ? 
_struct.pdbx_model_type_details   ? 
# 
_struct_keywords.entry_id        2BQX 
_struct_keywords.pdbx_keywords   HYDROLASE 
_struct_keywords.text            'HYDROLASE, INORGANIC PYROPHOSPHATASE, HELICOBACTER PYLORI' 
# 
loop_
_struct_asym.id 
_struct_asym.pdbx_blank_PDB_chainid_flag 
_struct_asym.pdbx_modified 
_struct_asym.entity_id 
_struct_asym.details 
A N N 1 ? 
B N N 2 ? 
# 
_struct_biol.id   1 
# 
loop_
_struct_conf.conf_type_id 
_struct_conf.id 
_struct_conf.pdbx_PDB_helix_id 
_struct_conf.beg_label_comp_id 
_struct_conf.beg_label_asym_id 
_struct_conf.beg_label_seq_id 
_struct_conf.pdbx_beg_PDB_ins_code 
_struct_conf.end_label_comp_id 
_struct_conf.end_label_asym_id 
_struct_conf.end_label_seq_id 
_struct_conf.pdbx_end_PDB_ins_code 
_struct_conf.beg_auth_comp_id 
_struct_conf.beg_auth_asym_id 
_struct_conf.beg_auth_seq_id 
_struct_conf.end_auth_comp_id 
_struct_conf.end_auth_asym_id 
_struct_conf.end_auth_seq_id 
_struct_conf.pdbx_PDB_helix_class 
_struct_conf.details 
_struct_conf.pdbx_PDB_helix_length 
HELX_P HELX_P1 1 ASP A 121 ? LEU A 125 ? ASP A 121 LEU A 125 5 ? 5  
HELX_P HELX_P2 2 SER A 126 ? TYR A 140 ? SER A 126 TYR A 140 1 ? 15 
HELX_P HELX_P3 3 LYS A 157 ? GLN A 172 ? LYS A 157 GLN A 172 1 ? 16 
# 
_struct_conf_type.id          HELX_P 
_struct_conf_type.criteria    ? 
_struct_conf_type.reference   ? 
# 
loop_
_struct_sheet.id 
_struct_sheet.type 
_struct_sheet.number_strands 
_struct_sheet.details 
AA ? 3 ? 
AB ? 6 ? 
AC ? 2 ? 
# 
loop_
_struct_sheet_order.sheet_id 
_struct_sheet_order.range_id_1 
_struct_sheet_order.range_id_2 
_struct_sheet_order.offset 
_struct_sheet_order.sense 
AA 1 2 ? anti-parallel 
AA 2 3 ? anti-parallel 
AB 1 2 ? anti-parallel 
AB 2 3 ? anti-parallel 
AB 3 4 ? anti-parallel 
AB 4 5 ? parallel      
AB 5 6 ? anti-parallel 
AC 1 2 ? anti-parallel 
# 
loop_
_struct_sheet_range.sheet_id 
_struct_sheet_range.id 
_struct_sheet_range.beg_label_comp_id 
_struct_sheet_range.beg_label_asym_id 
_struct_sheet_range.beg_label_seq_id 
_struct_sheet_range.pdbx_beg_PDB_ins_code 
_struct_sheet_range.end_label_comp_id 
_struct_sheet_range.end_label_asym_id 
_struct_sheet_range.end_label_seq_id 
_struct_sheet_range.pdbx_end_PDB_ins_code 
_struct_sheet_range.beg_auth_comp_id 
_struct_sheet_range.beg_auth_asym_id 
_struct_sheet_range.beg_auth_seq_id 
_struct_sheet_range.end_auth_comp_id 
_struct_sheet_range.end_auth_asym_id 
_struct_sheet_range.end_auth_seq_id 
AA 1 HIS A 10 ? ASP A 11  ? HIS A 10 ASP A 11  
AA 2 SER A 14 ? ILE A 21  ? SER A 14 ILE A 21  
AA 3 VAL A 83 ? ASP A 96  ? VAL A 83 ASP A 96  
AB 1 HIS A 10 ? ASP A 11  ? HIS A 10 ASP A 11  
AB 2 SER A 14 ? ILE A 21  ? SER A 14 ILE A 21  
AB 3 ASN A 53 ? PHE A 56  ? ASN A 53 PHE A 56  
AB 4 ASP A 69 ? VAL A 72  ? ASP A 69 VAL A 72  
AB 5 GLY A 99 ? PRO A 108 ? GLY A 99 PRO A 108 
AB 6 VAL A 83 ? ASP A 96  ? VAL A 83 ASP A 96  
AC 1 ILE A 27 ? LEU A 31  ? ILE A 27 LEU A 31  
AC 2 LEU A 38 ? VAL A 43  ? LEU A 38 VAL A 43  
# 
loop_
_pdbx_struct_sheet_hbond.sheet_id 
_pdbx_struct_sheet_hbond.range_id_1 
_pdbx_struct_sheet_hbond.range_id_2 
_pdbx_struct_sheet_hbond.range_1_label_atom_id 
_pdbx_struct_sheet_hbond.range_1_label_comp_id 
_pdbx_struct_sheet_hbond.range_1_label_asym_id 
_pdbx_struct_sheet_hbond.range_1_label_seq_id 
_pdbx_struct_sheet_hbond.range_1_PDB_ins_code 
_pdbx_struct_sheet_hbond.range_1_auth_atom_id 
_pdbx_struct_sheet_hbond.range_1_auth_comp_id 
_pdbx_struct_sheet_hbond.range_1_auth_asym_id 
_pdbx_struct_sheet_hbond.range_1_auth_seq_id 
_pdbx_struct_sheet_hbond.range_2_label_atom_id 
_pdbx_struct_sheet_hbond.range_2_label_comp_id 
_pdbx_struct_sheet_hbond.range_2_label_asym_id 
_pdbx_struct_sheet_hbond.range_2_label_seq_id 
_pdbx_struct_sheet_hbond.range_2_PDB_ins_code 
_pdbx_struct_sheet_hbond.range_2_auth_atom_id 
_pdbx_struct_sheet_hbond.range_2_auth_comp_id 
_pdbx_struct_sheet_hbond.range_2_auth_asym_id 
_pdbx_struct_sheet_hbond.range_2_auth_seq_id 
AA 1 2 N ASP A 11  ? N ASP A 11  O SER A 14  ? O SER A 14  
AA 2 3 N VAL A 17  ? N VAL A 17  O VAL A 84  ? O VAL A 84  
AB 1 2 N ASP A 11  ? N ASP A 11  O SER A 14  ? O SER A 14  
AB 2 3 N GLU A 20  ? N GLU A 20  O TYR A 54  ? O TYR A 54  
AB 3 4 N GLY A 55  ? N GLY A 55  O ALA A 70  ? O ALA A 70  
AB 4 5 N ASP A 69  ? N ASP A 69  O GLU A 102 ? O GLU A 102 
AB 5 6 N LEU A 107 ? N LEU A 107 O ARG A 87  ? O ARG A 87  
AC 1 2 N GLU A 30  ? N GLU A 30  O MET A 39  ? O MET A 39  
# 
_atom_sites.entry_id                    2BQX 
_atom_sites.fract_transf_matrix[1][1]   -0.00626169 
_atom_sites.fract_transf_matrix[1][2]   0.00790831 
_atom_sites.fract_transf_matrix[1][3]   -0.00497853 
_atom_sites.fract_transf_matrix[2][1]   0.00429996 
_atom_sites.fract_transf_matrix[2][2]   0.00611073 
_atom_sites.fract_transf_matrix[2][3]   -0.00840888 
_atom_sites.fract_transf_matrix[3][1]   -0.00351598 
_atom_sites.fract_transf_matrix[3][2]   -0.00721773 
_atom_sites.fract_transf_matrix[3][3]   -0.00704305 
_atom_sites.fract_transf_vector[1]      0.145408 
_atom_sites.fract_transf_vector[2]      0.482189 
_atom_sites.fract_transf_vector[3]      0.092117 
# 
loop_
_atom_type.symbol 
C 
N 
O 
S 
# 
loop_
_atom_site.group_PDB 
_atom_site.id 
_atom_site.type_symbol 
_atom_site.label_atom_id 
_atom_site.label_alt_id 
_atom_site.label_comp_id 
_atom_site.label_asym_id 
_atom_site.label_entity_id 
_atom_site.label_seq_id 
_atom_site.pdbx_PDB_ins_code 
_atom_site.Cartn_x 
_atom_site.Cartn_y 
_atom_site.Cartn_z 
_atom_site.occupancy 
_atom_site.B_iso_or_equiv 
_atom_site.pdbx_formal_charge 
_atom_site.auth_seq_id 
_atom_site.auth_comp_id 
_atom_site.auth_asym_id 
_atom_site.auth_atom_id 
_atom_site.pdbx_PDB_model_num 
ATOM   1    N N   . GLU A 1 7   ? -4.774  18.193  6.735   1.00 56.12 ? 7    GLU A N   1 
ATOM   2    C CA  . GLU A 1 7   ? -5.379  17.582  7.954   1.00 57.10 ? 7    GLU A CA  1 
ATOM   3    C C   . GLU A 1 7   ? -5.286  16.068  7.816   1.00 56.72 ? 7    GLU A C   1 
ATOM   4    O O   . GLU A 1 7   ? -6.229  15.414  7.360   1.00 56.80 ? 7    GLU A O   1 
ATOM   5    C CB  . GLU A 1 7   ? -6.848  18.004  8.090   1.00 58.43 ? 7    GLU A CB  1 
ATOM   6    C CG  . GLU A 1 7   ? -7.112  19.456  7.709   1.00 60.38 ? 7    GLU A CG  1 
ATOM   7    C CD  . GLU A 1 7   ? -7.382  19.636  6.223   1.00 61.53 ? 7    GLU A CD  1 
ATOM   8    O OE1 . GLU A 1 7   ? -8.533  19.397  5.792   1.00 61.89 ? 7    GLU A OE1 1 
ATOM   9    O OE2 . GLU A 1 7   ? -6.444  20.005  5.483   1.00 62.33 ? 7    GLU A OE2 1 
ATOM   10   N N   . VAL A 1 8   ? -4.141  15.517  8.206   1.00 55.52 ? 8    VAL A N   1 
ATOM   11   C CA  . VAL A 1 8   ? -3.904  14.084  8.109   1.00 54.81 ? 8    VAL A CA  1 
ATOM   12   C C   . VAL A 1 8   ? -4.646  13.282  9.175   1.00 53.81 ? 8    VAL A C   1 
ATOM   13   O O   . VAL A 1 8   ? -4.424  13.470  10.369  1.00 53.68 ? 8    VAL A O   1 
ATOM   14   C CB  . VAL A 1 8   ? -2.397  13.769  8.219   1.00 55.20 ? 8    VAL A CB  1 
ATOM   15   C CG1 . VAL A 1 8   ? -2.161  12.282  8.022   1.00 55.79 ? 8    VAL A CG1 1 
ATOM   16   C CG2 . VAL A 1 8   ? -1.626  14.572  7.189   1.00 55.77 ? 8    VAL A CG2 1 
ATOM   17   N N   . SER A 1 9   ? -5.530  12.392  8.736   1.00 52.55 ? 9    SER A N   1 
ATOM   18   C CA  . SER A 1 9   ? -6.289  11.552  9.654   1.00 51.71 ? 9    SER A CA  1 
ATOM   19   C C   . SER A 1 9   ? -5.595  10.198  9.811   1.00 51.07 ? 9    SER A C   1 
ATOM   20   O O   . SER A 1 9   ? -5.243  9.552   8.822   1.00 50.53 ? 9    SER A O   1 
ATOM   21   C CB  . SER A 1 9   ? -7.714  11.349  9.128   1.00 51.42 ? 9    SER A CB  1 
ATOM   22   O OG  . SER A 1 9   ? -8.426  10.413  9.925   1.00 50.55 ? 9    SER A OG  1 
ATOM   23   N N   . HIS A 1 10  ? -5.394  9.781   11.059  1.00 49.94 ? 10   HIS A N   1 
ATOM   24   C CA  . HIS A 1 10  ? -4.743  8.508   11.357  1.00 48.84 ? 10   HIS A CA  1 
ATOM   25   C C   . HIS A 1 10  ? -5.747  7.477   11.860  1.00 48.03 ? 10   HIS A C   1 
ATOM   26   O O   . HIS A 1 10  ? -5.376  6.446   12.420  1.00 47.99 ? 10   HIS A O   1 
ATOM   27   C CB  . HIS A 1 10  ? -3.637  8.717   12.398  1.00 48.03 ? 10   HIS A CB  1 
ATOM   28   C CG  . HIS A 1 10  ? -2.384  9.316   11.839  1.00 47.43 ? 10   HIS A CG  1 
ATOM   29   N ND1 . HIS A 1 10  ? -1.438  9.936   12.625  1.00 47.13 ? 10   HIS A ND1 1 
ATOM   30   C CD2 . HIS A 1 10  ? -1.913  9.369   10.568  1.00 46.87 ? 10   HIS A CD2 1 
ATOM   31   C CE1 . HIS A 1 10  ? -0.438  10.348  11.864  1.00 46.58 ? 10   HIS A CE1 1 
ATOM   32   N NE2 . HIS A 1 10  ? -0.702  10.016  10.613  1.00 46.88 ? 10   HIS A NE2 1 
ATOM   33   N N   . ASP A 1 11  ? -7.027  7.764   11.659  1.00 47.09 ? 11   ASP A N   1 
ATOM   34   C CA  . ASP A 1 11  ? -8.076  6.848   12.083  1.00 46.41 ? 11   ASP A CA  1 
ATOM   35   C C   . ASP A 1 11  ? -8.030  5.607   11.191  1.00 45.09 ? 11   ASP A C   1 
ATOM   36   O O   . ASP A 1 11  ? -8.073  5.710   9.963   1.00 43.24 ? 11   ASP A O   1 
ATOM   37   C CB  . ASP A 1 11  ? -9.440  7.531   11.971  1.00 48.54 ? 11   ASP A CB  1 
ATOM   38   C CG  . ASP A 1 11  ? -10.563 6.685   12.531  1.00 50.33 ? 11   ASP A CG  1 
ATOM   39   O OD1 . ASP A 1 11  ? -11.731 7.129   12.462  1.00 52.04 ? 11   ASP A OD1 1 
ATOM   40   O OD2 . ASP A 1 11  ? -10.279 5.580   13.039  1.00 51.38 ? 11   ASP A OD2 1 
ATOM   41   N N   . ALA A 1 12  ? -7.940  4.441   11.823  1.00 42.68 ? 12   ALA A N   1 
ATOM   42   C CA  . ALA A 1 12  ? -7.870  3.162   11.120  1.00 40.83 ? 12   ALA A CA  1 
ATOM   43   C C   . ALA A 1 12  ? -9.001  2.962   10.121  1.00 39.68 ? 12   ALA A C   1 
ATOM   44   O O   . ALA A 1 12  ? -8.835  2.266   9.117   1.00 36.60 ? 12   ALA A O   1 
ATOM   45   C CB  . ALA A 1 12  ? -7.865  2.017   12.130  1.00 40.42 ? 12   ALA A CB  1 
ATOM   46   N N   . ASP A 1 13  ? -10.152 3.566   10.407  1.00 39.95 ? 13   ASP A N   1 
ATOM   47   C CA  . ASP A 1 13  ? -11.314 3.450   9.536   1.00 40.12 ? 13   ASP A CA  1 
ATOM   48   C C   . ASP A 1 13  ? -11.498 4.677   8.651   1.00 39.60 ? 13   ASP A C   1 
ATOM   49   O O   . ASP A 1 13  ? -12.533 4.834   8.013   1.00 40.17 ? 13   ASP A O   1 
ATOM   50   C CB  . ASP A 1 13  ? -12.580 3.213   10.362  1.00 40.91 ? 13   ASP A CB  1 
ATOM   51   C CG  . ASP A 1 13  ? -12.606 1.840   11.011  1.00 42.99 ? 13   ASP A CG  1 
ATOM   52   O OD1 . ASP A 1 13  ? -12.374 0.836   10.301  1.00 42.83 ? 13   ASP A OD1 1 
ATOM   53   O OD2 . ASP A 1 13  ? -12.866 1.763   12.228  1.00 43.60 ? 13   ASP A OD2 1 
ATOM   54   N N   . SER A 1 14  ? -10.494 5.546   8.622   1.00 39.44 ? 14   SER A N   1 
ATOM   55   C CA  . SER A 1 14  ? -10.532 6.745   7.793   1.00 38.90 ? 14   SER A CA  1 
ATOM   56   C C   . SER A 1 14  ? -9.170  7.431   7.812   1.00 38.57 ? 14   SER A C   1 
ATOM   57   O O   . SER A 1 14  ? -9.047  8.570   8.263   1.00 38.25 ? 14   SER A O   1 
ATOM   58   C CB  . SER A 1 14  ? -11.602 7.717   8.293   1.00 39.47 ? 14   SER A CB  1 
ATOM   59   O OG  . SER A 1 14  ? -11.696 8.851   7.441   1.00 40.55 ? 14   SER A OG  1 
ATOM   60   N N   . LEU A 1 15  ? -8.144  6.730   7.333   1.00 36.99 ? 15   LEU A N   1 
ATOM   61   C CA  . LEU A 1 15  ? -6.798  7.289   7.314   1.00 35.40 ? 15   LEU A CA  1 
ATOM   62   C C   . LEU A 1 15  ? -6.447  7.816   5.930   1.00 33.44 ? 15   LEU A C   1 
ATOM   63   O O   . LEU A 1 15  ? -6.864  7.258   4.912   1.00 32.22 ? 15   LEU A O   1 
ATOM   64   C CB  . LEU A 1 15  ? -5.765  6.242   7.741   1.00 35.46 ? 15   LEU A CB  1 
ATOM   65   C CG  . LEU A 1 15  ? -5.446  5.089   6.793   1.00 37.16 ? 15   LEU A CG  1 
ATOM   66   C CD1 . LEU A 1 15  ? -4.213  4.353   7.290   1.00 38.28 ? 15   LEU A CD1 1 
ATOM   67   C CD2 . LEU A 1 15  ? -6.629  4.152   6.690   1.00 39.38 ? 15   LEU A CD2 1 
ATOM   68   N N   . CYS A 1 16  ? -5.674  8.895   5.894   1.00 31.67 ? 16   CYS A N   1 
ATOM   69   C CA  . CYS A 1 16  ? -5.285  9.480   4.624   1.00 30.75 ? 16   CYS A CA  1 
ATOM   70   C C   . CYS A 1 16  ? -4.178  8.695   3.947   1.00 29.03 ? 16   CYS A C   1 
ATOM   71   O O   . CYS A 1 16  ? -3.188  8.312   4.572   1.00 27.77 ? 16   CYS A O   1 
ATOM   72   C CB  . CYS A 1 16  ? -4.829  10.930  4.812   1.00 33.03 ? 16   CYS A CB  1 
ATOM   73   S SG  . CYS A 1 16  ? -6.151  12.085  5.244   1.00 39.69 ? 16   CYS A SG  1 
ATOM   74   N N   . VAL A 1 17  ? -4.355  8.445   2.657   1.00 25.88 ? 17   VAL A N   1 
ATOM   75   C CA  . VAL A 1 17  ? -3.347  7.739   1.892   1.00 23.02 ? 17   VAL A CA  1 
ATOM   76   C C   . VAL A 1 17  ? -3.008  8.581   0.674   1.00 21.68 ? 17   VAL A C   1 
ATOM   77   O O   . VAL A 1 17  ? -3.887  8.933   -0.119  1.00 21.10 ? 17   VAL A O   1 
ATOM   78   C CB  . VAL A 1 17  ? -3.834  6.345   1.438   1.00 23.86 ? 17   VAL A CB  1 
ATOM   79   C CG1 . VAL A 1 17  ? -2.759  5.679   0.586   1.00 22.95 ? 17   VAL A CG1 1 
ATOM   80   C CG2 . VAL A 1 17  ? -4.138  5.480   2.653   1.00 24.40 ? 17   VAL A CG2 1 
ATOM   81   N N   . VAL A 1 18  ? -1.734  8.941   0.562   1.00 21.60 ? 18   VAL A N   1 
ATOM   82   C CA  . VAL A 1 18  ? -1.249  9.721   -0.566  1.00 21.45 ? 18   VAL A CA  1 
ATOM   83   C C   . VAL A 1 18  ? -0.877  8.713   -1.643  1.00 20.51 ? 18   VAL A C   1 
ATOM   84   O O   . VAL A 1 18  ? 0.033   7.909   -1.464  1.00 21.08 ? 18   VAL A O   1 
ATOM   85   C CB  . VAL A 1 18  ? 0.002   10.549  -0.188  1.00 20.42 ? 18   VAL A CB  1 
ATOM   86   C CG1 . VAL A 1 18  ? 0.546   11.261  -1.414  1.00 21.00 ? 18   VAL A CG1 1 
ATOM   87   C CG2 . VAL A 1 18  ? -0.362  11.568  0.886   1.00 20.57 ? 18   VAL A CG2 1 
ATOM   88   N N   . ILE A 1 19  ? -1.599  8.750   -2.757  1.00 19.85 ? 19   ILE A N   1 
ATOM   89   C CA  . ILE A 1 19  ? -1.363  7.827   -3.859  1.00 19.97 ? 19   ILE A CA  1 
ATOM   90   C C   . ILE A 1 19  ? -0.116  8.176   -4.662  1.00 19.69 ? 19   ILE A C   1 
ATOM   91   O O   . ILE A 1 19  ? 0.045   9.311   -5.099  1.00 20.76 ? 19   ILE A O   1 
ATOM   92   C CB  . ILE A 1 19  ? -2.560  7.825   -4.830  1.00 19.16 ? 19   ILE A CB  1 
ATOM   93   C CG1 . ILE A 1 19  ? -3.852  7.521   -4.069  1.00 19.77 ? 19   ILE A CG1 1 
ATOM   94   C CG2 . ILE A 1 19  ? -2.328  6.802   -5.926  1.00 20.65 ? 19   ILE A CG2 1 
ATOM   95   C CD1 . ILE A 1 19  ? -3.864  6.179   -3.378  1.00 20.90 ? 19   ILE A CD1 1 
ATOM   96   N N   . GLU A 1 20  ? 0.755   7.197   -4.864  1.00 20.52 ? 20   GLU A N   1 
ATOM   97   C CA  . GLU A 1 20  ? 1.971   7.410   -5.636  1.00 22.41 ? 20   GLU A CA  1 
ATOM   98   C C   . GLU A 1 20  ? 1.983   6.535   -6.885  1.00 22.76 ? 20   GLU A C   1 
ATOM   99   O O   . GLU A 1 20  ? 2.725   6.800   -7.829  1.00 23.09 ? 20   GLU A O   1 
ATOM   100  C CB  . GLU A 1 20  ? 3.204   7.086   -4.796  1.00 23.84 ? 20   GLU A CB  1 
ATOM   101  C CG  . GLU A 1 20  ? 3.429   8.025   -3.628  1.00 24.36 ? 20   GLU A CG  1 
ATOM   102  C CD  . GLU A 1 20  ? 4.618   7.608   -2.792  1.00 24.66 ? 20   GLU A CD  1 
ATOM   103  O OE1 . GLU A 1 20  ? 4.629   6.447   -2.338  1.00 26.29 ? 20   GLU A OE1 1 
ATOM   104  O OE2 . GLU A 1 20  ? 5.533   8.434   -2.592  1.00 23.85 ? 20   GLU A OE2 1 
ATOM   105  N N   . ILE A 1 21  ? 1.172   5.480   -6.876  1.00 20.32 ? 21   ILE A N   1 
ATOM   106  C CA  . ILE A 1 21  ? 1.094   4.568   -8.007  1.00 19.33 ? 21   ILE A CA  1 
ATOM   107  C C   . ILE A 1 21  ? -0.370  4.279   -8.294  1.00 19.04 ? 21   ILE A C   1 
ATOM   108  O O   . ILE A 1 21  ? -1.115  3.905   -7.396  1.00 18.47 ? 21   ILE A O   1 
ATOM   109  C CB  . ILE A 1 21  ? 1.796   3.230   -7.713  1.00 18.94 ? 21   ILE A CB  1 
ATOM   110  C CG1 . ILE A 1 21  ? 3.219   3.487   -7.209  1.00 21.52 ? 21   ILE A CG1 1 
ATOM   111  C CG2 . ILE A 1 21  ? 1.811   2.376   -8.978  1.00 20.10 ? 21   ILE A CG2 1 
ATOM   112  C CD1 . ILE A 1 21  ? 3.955   2.235   -6.800  1.00 22.31 ? 21   ILE A CD1 1 
ATOM   113  N N   . SER A 1 22  ? -0.778  4.462   -9.544  1.00 18.82 ? 22   SER A N   1 
ATOM   114  C CA  . SER A 1 22  ? -2.164  4.228   -9.933  1.00 19.34 ? 22   SER A CA  1 
ATOM   115  C C   . SER A 1 22  ? -2.362  2.773   -10.344 1.00 18.01 ? 22   SER A C   1 
ATOM   116  O O   . SER A 1 22  ? -1.495  2.180   -10.993 1.00 18.37 ? 22   SER A O   1 
ATOM   117  C CB  . SER A 1 22  ? -2.538  5.162   -11.090 1.00 19.44 ? 22   SER A CB  1 
ATOM   118  O OG  . SER A 1 22  ? -3.937  5.187   -11.291 1.00 25.73 ? 22   SER A OG  1 
ATOM   119  N N   . LYS A 1 23  ? -3.496  2.195   -9.959  1.00 18.50 ? 23   LYS A N   1 
ATOM   120  C CA  . LYS A 1 23  ? -3.791  0.804   -10.304 1.00 17.78 ? 23   LYS A CA  1 
ATOM   121  C C   . LYS A 1 23  ? -3.599  0.587   -11.809 1.00 18.12 ? 23   LYS A C   1 
ATOM   122  O O   . LYS A 1 23  ? -3.952  1.450   -12.612 1.00 18.10 ? 23   LYS A O   1 
ATOM   123  C CB  . LYS A 1 23  ? -5.238  0.457   -9.916  1.00 18.53 ? 23   LYS A CB  1 
ATOM   124  C CG  . LYS A 1 23  ? -5.595  -1.005  -10.135 1.00 18.59 ? 23   LYS A CG  1 
ATOM   125  C CD  . LYS A 1 23  ? -7.058  -1.288  -9.839  1.00 22.12 ? 23   LYS A CD  1 
ATOM   126  C CE  . LYS A 1 23  ? -7.350  -2.776  -9.964  1.00 22.70 ? 23   LYS A CE  1 
ATOM   127  N NZ  . LYS A 1 23  ? -8.811  -3.056  -9.853  1.00 24.95 ? 23   LYS A NZ  1 
ATOM   128  N N   . HIS A 1 24  ? -3.030  -0.565  -12.165 1.00 17.27 ? 24   HIS A N   1 
ATOM   129  C CA  . HIS A 1 24  ? -2.768  -0.966  -13.553 1.00 20.19 ? 24   HIS A CA  1 
ATOM   130  C C   . HIS A 1 24  ? -1.542  -0.328  -14.196 1.00 19.47 ? 24   HIS A C   1 
ATOM   131  O O   . HIS A 1 24  ? -1.116  -0.749  -15.271 1.00 20.48 ? 24   HIS A O   1 
ATOM   132  C CB  . HIS A 1 24  ? -3.987  -0.696  -14.451 1.00 21.66 ? 24   HIS A CB  1 
ATOM   133  C CG  . HIS A 1 24  ? -5.222  -1.430  -14.030 1.00 22.16 ? 24   HIS A CG  1 
ATOM   134  N ND1 . HIS A 1 24  ? -5.245  -2.794  -13.850 1.00 23.80 ? 24   HIS A ND1 1 
ATOM   135  C CD2 . HIS A 1 24  ? -6.474  -0.992  -13.754 1.00 24.65 ? 24   HIS A CD2 1 
ATOM   136  C CE1 . HIS A 1 24  ? -6.456  -3.168  -13.478 1.00 24.14 ? 24   HIS A CE1 1 
ATOM   137  N NE2 . HIS A 1 24  ? -7.221  -2.094  -13.413 1.00 24.37 ? 24   HIS A NE2 1 
ATOM   138  N N   . SER A 1 25  ? -0.972  0.683   -13.552 1.00 17.54 ? 25   SER A N   1 
ATOM   139  C CA  . SER A 1 25  ? 0.197   1.355   -14.107 1.00 18.22 ? 25   SER A CA  1 
ATOM   140  C C   . SER A 1 25  ? 1.471   0.547   -13.875 1.00 18.56 ? 25   SER A C   1 
ATOM   141  O O   . SER A 1 25  ? 1.532   -0.281  -12.963 1.00 19.16 ? 25   SER A O   1 
ATOM   142  C CB  . SER A 1 25  ? 0.353   2.743   -13.473 1.00 17.42 ? 25   SER A CB  1 
ATOM   143  O OG  . SER A 1 25  ? 1.533   3.384   -13.931 1.00 19.88 ? 25   SER A OG  1 
ATOM   144  N N   . ASN A 1 26  ? 2.479   0.775   -14.713 1.00 18.66 ? 26   ASN A N   1 
ATOM   145  C CA  . ASN A 1 26  ? 3.767   0.107   -14.549 1.00 19.09 ? 26   ASN A CA  1 
ATOM   146  C C   . ASN A 1 26  ? 4.794   1.190   -14.203 1.00 19.06 ? 26   ASN A C   1 
ATOM   147  O O   . ASN A 1 26  ? 5.999   0.968   -14.275 1.00 19.20 ? 26   ASN A O   1 
ATOM   148  C CB  . ASN A 1 26  ? 4.172   -0.652  -15.827 1.00 19.48 ? 26   ASN A CB  1 
ATOM   149  C CG  . ASN A 1 26  ? 4.419   0.263   -17.016 1.00 18.01 ? 26   ASN A CG  1 
ATOM   150  O OD1 . ASN A 1 26  ? 3.932   1.394   -17.058 1.00 19.89 ? 26   ASN A OD1 1 
ATOM   151  N ND2 . ASN A 1 26  ? 5.172   -0.235  -18.002 1.00 18.11 ? 26   ASN A ND2 1 
ATOM   152  N N   . ILE A 1 27  ? 4.301   2.358   -13.806 1.00 17.64 ? 27   ILE A N   1 
ATOM   153  C CA  . ILE A 1 27  ? 5.180   3.463   -13.438 1.00 18.50 ? 27   ILE A CA  1 
ATOM   154  C C   . ILE A 1 27  ? 5.024   3.809   -11.964 1.00 18.05 ? 27   ILE A C   1 
ATOM   155  O O   . ILE A 1 27  ? 3.944   4.196   -11.514 1.00 17.91 ? 27   ILE A O   1 
ATOM   156  C CB  . ILE A 1 27  ? 4.883   4.738   -14.255 1.00 18.43 ? 27   ILE A CB  1 
ATOM   157  C CG1 . ILE A 1 27  ? 5.046   4.458   -15.751 1.00 19.31 ? 27   ILE A CG1 1 
ATOM   158  C CG2 . ILE A 1 27  ? 5.840   5.861   -13.815 1.00 20.52 ? 27   ILE A CG2 1 
ATOM   159  C CD1 . ILE A 1 27  ? 4.633   5.611   -16.646 1.00 20.85 ? 27   ILE A CD1 1 
ATOM   160  N N   . LYS A 1 28  ? 6.103   3.667   -11.208 1.00 18.57 ? 28   LYS A N   1 
ATOM   161  C CA  . LYS A 1 28  ? 6.066   4.003   -9.790  1.00 20.48 ? 28   LYS A CA  1 
ATOM   162  C C   . LYS A 1 28  ? 6.551   5.436   -9.594  1.00 20.64 ? 28   LYS A C   1 
ATOM   163  O O   . LYS A 1 28  ? 7.664   5.773   -10.000 1.00 20.85 ? 28   LYS A O   1 
ATOM   164  C CB  . LYS A 1 28  ? 6.971   3.058   -8.997  1.00 23.66 ? 28   LYS A CB  1 
ATOM   165  C CG  . LYS A 1 28  ? 7.095   3.398   -7.517  1.00 27.77 ? 28   LYS A CG  1 
ATOM   166  C CD  . LYS A 1 28  ? 8.065   2.448   -6.828  1.00 31.58 ? 28   LYS A CD  1 
ATOM   167  C CE  . LYS A 1 28  ? 8.151   2.708   -5.328  1.00 34.24 ? 28   LYS A CE  1 
ATOM   168  N NZ  . LYS A 1 28  ? 8.743   4.036   -5.023  1.00 38.14 ? 28   LYS A NZ  1 
ATOM   169  N N   . TYR A 1 29  ? 5.717   6.277   -8.989  1.00 19.79 ? 29   TYR A N   1 
ATOM   170  C CA  . TYR A 1 29  ? 6.105   7.657   -8.708  1.00 21.05 ? 29   TYR A CA  1 
ATOM   171  C C   . TYR A 1 29  ? 6.453   7.708   -7.227  1.00 24.07 ? 29   TYR A C   1 
ATOM   172  O O   . TYR A 1 29  ? 6.142   6.780   -6.473  1.00 22.24 ? 29   TYR A O   1 
ATOM   173  C CB  . TYR A 1 29  ? 4.949   8.636   -8.979  1.00 21.75 ? 29   TYR A CB  1 
ATOM   174  C CG  . TYR A 1 29  ? 4.581   8.774   -10.435 1.00 21.36 ? 29   TYR A CG  1 
ATOM   175  C CD1 . TYR A 1 29  ? 5.254   9.674   -11.266 1.00 21.14 ? 29   TYR A CD1 1 
ATOM   176  C CD2 . TYR A 1 29  ? 3.587   7.975   -10.996 1.00 21.66 ? 29   TYR A CD2 1 
ATOM   177  C CE1 . TYR A 1 29  ? 4.947   9.771   -12.619 1.00 20.86 ? 29   TYR A CE1 1 
ATOM   178  C CE2 . TYR A 1 29  ? 3.274   8.063   -12.348 1.00 20.52 ? 29   TYR A CE2 1 
ATOM   179  C CZ  . TYR A 1 29  ? 3.959   8.961   -13.155 1.00 20.18 ? 29   TYR A CZ  1 
ATOM   180  O OH  . TYR A 1 29  ? 3.683   9.035   -14.504 1.00 18.68 ? 29   TYR A OH  1 
ATOM   181  N N   . GLU A 1 30  ? 7.107   8.786   -6.814  1.00 25.27 ? 30   GLU A N   1 
ATOM   182  C CA  . GLU A 1 30  ? 7.470   8.959   -5.414  1.00 28.03 ? 30   GLU A CA  1 
ATOM   183  C C   . GLU A 1 30  ? 7.439   10.437  -5.064  1.00 27.75 ? 30   GLU A C   1 
ATOM   184  O O   . GLU A 1 30  ? 8.179   11.233  -5.634  1.00 26.94 ? 30   GLU A O   1 
ATOM   185  C CB  . GLU A 1 30  ? 8.858   8.380   -5.144  1.00 29.52 ? 30   GLU A CB  1 
ATOM   186  C CG  . GLU A 1 30  ? 9.361   8.613   -3.731  1.00 36.38 ? 30   GLU A CG  1 
ATOM   187  C CD  . GLU A 1 30  ? 10.603  7.798   -3.417  1.00 38.71 ? 30   GLU A CD  1 
ATOM   188  O OE1 . GLU A 1 30  ? 10.472  6.575   -3.186  1.00 40.76 ? 30   GLU A OE1 1 
ATOM   189  O OE2 . GLU A 1 30  ? 11.704  8.383   -3.417  1.00 41.44 ? 30   GLU A OE2 1 
ATOM   190  N N   . LEU A 1 31  ? 6.577   10.795  -4.120  1.00 30.30 ? 31   LEU A N   1 
ATOM   191  C CA  . LEU A 1 31  ? 6.432   12.181  -3.703  1.00 33.40 ? 31   LEU A CA  1 
ATOM   192  C C   . LEU A 1 31  ? 7.614   12.647  -2.862  1.00 35.56 ? 31   LEU A C   1 
ATOM   193  O O   . LEU A 1 31  ? 8.031   11.966  -1.925  1.00 34.56 ? 31   LEU A O   1 
ATOM   194  C CB  . LEU A 1 31  ? 5.138   12.356  -2.908  1.00 33.02 ? 31   LEU A CB  1 
ATOM   195  C CG  . LEU A 1 31  ? 4.722   13.797  -2.605  1.00 34.07 ? 31   LEU A CG  1 
ATOM   196  C CD1 . LEU A 1 31  ? 4.301   14.475  -3.896  1.00 34.76 ? 31   LEU A CD1 1 
ATOM   197  C CD2 . LEU A 1 31  ? 3.571   13.801  -1.604  1.00 34.42 ? 31   LEU A CD2 1 
ATOM   198  N N   . ASP A 1 32  ? 8.150   13.810  -3.213  1.00 39.12 ? 32   ASP A N   1 
ATOM   199  C CA  . ASP A 1 32  ? 9.276   14.406  -2.500  1.00 43.67 ? 32   ASP A CA  1 
ATOM   200  C C   . ASP A 1 32  ? 8.701   15.239  -1.350  1.00 45.86 ? 32   ASP A C   1 
ATOM   201  O O   . ASP A 1 32  ? 7.906   16.150  -1.583  1.00 45.35 ? 32   ASP A O   1 
ATOM   202  C CB  . ASP A 1 32  ? 10.061  15.314  -3.450  1.00 45.80 ? 32   ASP A CB  1 
ATOM   203  C CG  . ASP A 1 32  ? 11.295  15.912  -2.805  1.00 48.27 ? 32   ASP A CG  1 
ATOM   204  O OD1 . ASP A 1 32  ? 11.723  16.999  -3.247  1.00 48.76 ? 32   ASP A OD1 1 
ATOM   205  O OD2 . ASP A 1 32  ? 11.841  15.289  -1.869  1.00 49.49 ? 32   ASP A OD2 1 
ATOM   206  N N   . LYS A 1 33  ? 9.094   14.928  -0.117  1.00 49.29 ? 33   LYS A N   1 
ATOM   207  C CA  . LYS A 1 33  ? 8.594   15.652  1.051   1.00 53.29 ? 33   LYS A CA  1 
ATOM   208  C C   . LYS A 1 33  ? 9.376   16.927  1.368   1.00 54.98 ? 33   LYS A C   1 
ATOM   209  O O   . LYS A 1 33  ? 10.026  17.031  2.409   1.00 56.47 ? 33   LYS A O   1 
ATOM   210  C CB  . LYS A 1 33  ? 8.595   14.744  2.285   1.00 54.45 ? 33   LYS A CB  1 
ATOM   211  C CG  . LYS A 1 33  ? 9.968   14.187  2.658   1.00 56.84 ? 33   LYS A CG  1 
ATOM   212  C CD  . LYS A 1 33  ? 9.960   13.574  4.055   1.00 58.31 ? 33   LYS A CD  1 
ATOM   213  C CE  . LYS A 1 33  ? 9.672   14.635  5.117   1.00 59.48 ? 33   LYS A CE  1 
ATOM   214  N NZ  . LYS A 1 33  ? 9.507   14.053  6.486   1.00 59.49 ? 33   LYS A NZ  1 
ATOM   215  N N   . GLU A 1 34  ? 9.305   17.900  0.469   1.00 55.89 ? 34   GLU A N   1 
ATOM   216  C CA  . GLU A 1 34  ? 9.995   19.168  0.664   1.00 56.77 ? 34   GLU A CA  1 
ATOM   217  C C   . GLU A 1 34  ? 9.619   20.124  -0.458  1.00 55.53 ? 34   GLU A C   1 
ATOM   218  O O   . GLU A 1 34  ? 9.737   21.340  -0.320  1.00 56.20 ? 34   GLU A O   1 
ATOM   219  C CB  . GLU A 1 34  ? 11.514  18.953  0.681   1.00 58.42 ? 34   GLU A CB  1 
ATOM   220  C CG  . GLU A 1 34  ? 12.093  18.448  -0.630  1.00 61.43 ? 34   GLU A CG  1 
ATOM   221  C CD  . GLU A 1 34  ? 13.550  18.035  -0.511  1.00 63.51 ? 34   GLU A CD  1 
ATOM   222  O OE1 . GLU A 1 34  ? 14.388  18.880  -0.116  1.00 64.42 ? 34   GLU A OE1 1 
ATOM   223  O OE2 . GLU A 1 34  ? 13.857  16.860  -0.812  1.00 64.26 ? 34   GLU A OE2 1 
ATOM   224  N N   . SER A 1 35  ? 9.158   19.565  -1.571  1.00 53.36 ? 35   SER A N   1 
ATOM   225  C CA  . SER A 1 35  ? 8.767   20.368  -2.722  1.00 51.02 ? 35   SER A CA  1 
ATOM   226  C C   . SER A 1 35  ? 7.411   19.921  -3.232  1.00 49.27 ? 35   SER A C   1 
ATOM   227  O O   . SER A 1 35  ? 6.788   20.597  -4.052  1.00 49.10 ? 35   SER A O   1 
ATOM   228  C CB  . SER A 1 35  ? 9.798   20.222  -3.836  1.00 50.37 ? 35   SER A CB  1 
ATOM   229  O OG  . SER A 1 35  ? 9.901   18.866  -4.237  1.00 50.85 ? 35   SER A OG  1 
ATOM   230  N N   . GLY A 1 36  ? 6.960   18.772  -2.742  1.00 46.72 ? 36   GLY A N   1 
ATOM   231  C CA  . GLY A 1 36  ? 5.681   18.247  -3.176  1.00 43.13 ? 36   GLY A CA  1 
ATOM   232  C C   . GLY A 1 36  ? 5.793   17.752  -4.602  1.00 39.83 ? 36   GLY A C   1 
ATOM   233  O O   . GLY A 1 36  ? 4.786   17.492  -5.260  1.00 40.72 ? 36   GLY A O   1 
ATOM   234  N N   . ALA A 1 37  ? 7.023   17.619  -5.088  1.00 37.02 ? 37   ALA A N   1 
ATOM   235  C CA  . ALA A 1 37  ? 7.235   17.149  -6.453  1.00 34.77 ? 37   ALA A CA  1 
ATOM   236  C C   . ALA A 1 37  ? 7.007   15.652  -6.574  1.00 31.38 ? 37   ALA A C   1 
ATOM   237  O O   . ALA A 1 37  ? 7.516   14.860  -5.776  1.00 30.57 ? 37   ALA A O   1 
ATOM   238  C CB  . ALA A 1 37  ? 8.644   17.497  -6.920  1.00 35.21 ? 37   ALA A CB  1 
ATOM   239  N N   . LEU A 1 38  ? 6.224   15.277  -7.576  1.00 28.47 ? 38   LEU A N   1 
ATOM   240  C CA  . LEU A 1 38  ? 5.921   13.881  -7.849  1.00 25.91 ? 38   LEU A CA  1 
ATOM   241  C C   . LEU A 1 38  ? 7.048   13.387  -8.751  1.00 24.75 ? 38   LEU A C   1 
ATOM   242  O O   . LEU A 1 38  ? 7.085   13.710  -9.938  1.00 24.11 ? 38   LEU A O   1 
ATOM   243  C CB  . LEU A 1 38  ? 4.574   13.782  -8.568  1.00 25.51 ? 38   LEU A CB  1 
ATOM   244  C CG  . LEU A 1 38  ? 3.950   12.395  -8.707  1.00 25.21 ? 38   LEU A CG  1 
ATOM   245  C CD1 . LEU A 1 38  ? 3.670   11.819  -7.321  1.00 25.49 ? 38   LEU A CD1 1 
ATOM   246  C CD2 . LEU A 1 38  ? 2.655   12.501  -9.509  1.00 24.16 ? 38   LEU A CD2 1 
ATOM   247  N N   . MET A 1 39  ? 7.969   12.614  -8.187  1.00 23.33 ? 39   MET A N   1 
ATOM   248  C CA  . MET A 1 39  ? 9.114   12.113  -8.940  1.00 24.08 ? 39   MET A CA  1 
ATOM   249  C C   . MET A 1 39  ? 8.871   10.767  -9.606  1.00 23.52 ? 39   MET A C   1 
ATOM   250  O O   . MET A 1 39  ? 8.254   9.877   -9.021  1.00 24.09 ? 39   MET A O   1 
ATOM   251  C CB  . MET A 1 39  ? 10.329  11.966  -8.017  1.00 23.83 ? 39   MET A CB  1 
ATOM   252  C CG  . MET A 1 39  ? 10.610  13.148  -7.115  1.00 27.71 ? 39   MET A CG  1 
ATOM   253  S SD  . MET A 1 39  ? 11.157  14.599  -8.006  1.00 32.56 ? 39   MET A SD  1 
ATOM   254  C CE  . MET A 1 39  ? 12.692  14.009  -8.677  1.00 31.29 ? 39   MET A CE  1 
ATOM   255  N N   . VAL A 1 40  ? 9.358   10.627  -10.835 1.00 22.76 ? 40   VAL A N   1 
ATOM   256  C CA  . VAL A 1 40  ? 9.246   9.361   -11.543 1.00 23.02 ? 40   VAL A CA  1 
ATOM   257  C C   . VAL A 1 40  ? 10.340  8.536   -10.887 1.00 24.60 ? 40   VAL A C   1 
ATOM   258  O O   . VAL A 1 40  ? 11.518  8.887   -10.969 1.00 24.52 ? 40   VAL A O   1 
ATOM   259  C CB  . VAL A 1 40  ? 9.560   9.513   -13.036 1.00 22.89 ? 40   VAL A CB  1 
ATOM   260  C CG1 . VAL A 1 40  ? 9.536   8.144   -13.706 1.00 22.26 ? 40   VAL A CG1 1 
ATOM   261  C CG2 . VAL A 1 40  ? 8.545   10.445  -13.689 1.00 21.87 ? 40   VAL A CG2 1 
ATOM   262  N N   . ASP A 1 41  ? 9.963   7.443   -10.234 1.00 24.96 ? 41   ASP A N   1 
ATOM   263  C CA  . ASP A 1 41  ? 10.943  6.629   -9.525  1.00 26.11 ? 41   ASP A CA  1 
ATOM   264  C C   . ASP A 1 41  ? 11.369  5.365   -10.260 1.00 26.19 ? 41   ASP A C   1 
ATOM   265  O O   . ASP A 1 41  ? 12.554  5.029   -10.304 1.00 25.42 ? 41   ASP A O   1 
ATOM   266  C CB  . ASP A 1 41  ? 10.384  6.264   -8.145  1.00 28.29 ? 41   ASP A CB  1 
ATOM   267  C CG  . ASP A 1 41  ? 11.419  5.628   -7.239  1.00 31.16 ? 41   ASP A CG  1 
ATOM   268  O OD1 . ASP A 1 41  ? 11.088  4.607   -6.608  1.00 34.53 ? 41   ASP A OD1 1 
ATOM   269  O OD2 . ASP A 1 41  ? 12.552  6.147   -7.144  1.00 32.08 ? 41   ASP A OD2 1 
ATOM   270  N N   . ARG A 1 42  ? 10.414  4.660   -10.850 1.00 25.30 ? 42   ARG A N   1 
ATOM   271  C CA  . ARG A 1 42  ? 10.768  3.432   -11.539 1.00 24.63 ? 42   ARG A CA  1 
ATOM   272  C C   . ARG A 1 42  ? 9.717   2.972   -12.527 1.00 23.54 ? 42   ARG A C   1 
ATOM   273  O O   . ARG A 1 42  ? 8.527   3.186   -12.324 1.00 22.05 ? 42   ARG A O   1 
ATOM   274  C CB  . ARG A 1 42  ? 10.992  2.329   -10.497 1.00 27.77 ? 42   ARG A CB  1 
ATOM   275  C CG  . ARG A 1 42  ? 11.213  0.934   -11.056 1.00 31.07 ? 42   ARG A CG  1 
ATOM   276  C CD  . ARG A 1 42  ? 12.570  0.824   -11.723 1.00 33.52 ? 42   ARG A CD  1 
ATOM   277  N NE  . ARG A 1 42  ? 13.610  1.450   -10.913 1.00 36.65 ? 42   ARG A NE  1 
ATOM   278  C CZ  . ARG A 1 42  ? 13.876  1.129   -9.651  1.00 37.80 ? 42   ARG A CZ  1 
ATOM   279  N NH1 . ARG A 1 42  ? 14.840  1.764   -8.996  1.00 38.07 ? 42   ARG A NH1 1 
ATOM   280  N NH2 . ARG A 1 42  ? 13.183  0.169   -9.046  1.00 38.11 ? 42   ARG A NH2 1 
ATOM   281  N N   . VAL A 1 43  ? 10.177  2.361   -13.611 1.00 21.83 ? 43   VAL A N   1 
ATOM   282  C CA  . VAL A 1 43  ? 9.281   1.788   -14.598 1.00 21.42 ? 43   VAL A CA  1 
ATOM   283  C C   . VAL A 1 43  ? 9.573   0.306   -14.451 1.00 21.83 ? 43   VAL A C   1 
ATOM   284  O O   . VAL A 1 43  ? 10.720  -0.123  -14.596 1.00 21.18 ? 43   VAL A O   1 
ATOM   285  C CB  . VAL A 1 43  ? 9.604   2.236   -16.037 1.00 20.70 ? 43   VAL A CB  1 
ATOM   286  C CG1 . VAL A 1 43  ? 8.643   1.559   -17.004 1.00 20.31 ? 43   VAL A CG1 1 
ATOM   287  C CG2 . VAL A 1 43  ? 9.468   3.754   -16.165 1.00 21.08 ? 43   VAL A CG2 1 
ATOM   288  N N   . LEU A 1 44  ? 8.545   -0.470  -14.132 1.00 20.59 ? 44   LEU A N   1 
ATOM   289  C CA  . LEU A 1 44  ? 8.710   -1.912  -13.937 1.00 19.92 ? 44   LEU A CA  1 
ATOM   290  C C   . LEU A 1 44  ? 9.525   -2.548  -15.062 1.00 20.05 ? 44   LEU A C   1 
ATOM   291  O O   . LEU A 1 44  ? 9.306   -2.261  -16.236 1.00 19.23 ? 44   LEU A O   1 
ATOM   292  C CB  . LEU A 1 44  ? 7.336   -2.584  -13.844 1.00 19.89 ? 44   LEU A CB  1 
ATOM   293  C CG  . LEU A 1 44  ? 6.450   -2.191  -12.657 1.00 18.92 ? 44   LEU A CG  1 
ATOM   294  C CD1 . LEU A 1 44  ? 5.125   -2.921  -12.754 1.00 19.25 ? 44   LEU A CD1 1 
ATOM   295  C CD2 . LEU A 1 44  ? 7.153   -2.547  -11.342 1.00 22.55 ? 44   LEU A CD2 1 
ATOM   296  N N   . TYR A 1 45  ? 10.468  -3.407  -14.690 1.00 19.32 ? 45   TYR A N   1 
ATOM   297  C CA  . TYR A 1 45  ? 11.318  -4.091  -15.663 1.00 20.14 ? 45   TYR A CA  1 
ATOM   298  C C   . TYR A 1 45  ? 10.547  -5.181  -16.399 1.00 20.46 ? 45   TYR A C   1 
ATOM   299  O O   . TYR A 1 45  ? 10.853  -5.497  -17.544 1.00 22.04 ? 45   TYR A O   1 
ATOM   300  C CB  . TYR A 1 45  ? 12.509  -4.748  -14.965 1.00 20.94 ? 45   TYR A CB  1 
ATOM   301  C CG  . TYR A 1 45  ? 13.638  -3.817  -14.565 1.00 21.98 ? 45   TYR A CG  1 
ATOM   302  C CD1 . TYR A 1 45  ? 13.387  -2.533  -14.083 1.00 23.08 ? 45   TYR A CD1 1 
ATOM   303  C CD2 . TYR A 1 45  ? 14.960  -4.260  -14.604 1.00 23.63 ? 45   TYR A CD2 1 
ATOM   304  C CE1 . TYR A 1 45  ? 14.438  -1.711  -13.644 1.00 24.76 ? 45   TYR A CE1 1 
ATOM   305  C CE2 . TYR A 1 45  ? 16.011  -3.460  -14.168 1.00 24.74 ? 45   TYR A CE2 1 
ATOM   306  C CZ  . TYR A 1 45  ? 15.743  -2.188  -13.690 1.00 25.83 ? 45   TYR A CZ  1 
ATOM   307  O OH  . TYR A 1 45  ? 16.785  -1.401  -13.247 1.00 27.93 ? 45   TYR A OH  1 
ATOM   308  N N   . GLY A 1 46  ? 9.555   -5.755  -15.726 1.00 19.92 ? 46   GLY A N   1 
ATOM   309  C CA  . GLY A 1 46  ? 8.783   -6.821  -16.328 1.00 18.57 ? 46   GLY A CA  1 
ATOM   310  C C   . GLY A 1 46  ? 7.453   -6.395  -16.904 1.00 19.55 ? 46   GLY A C   1 
ATOM   311  O O   . GLY A 1 46  ? 7.022   -5.249  -16.747 1.00 17.84 ? 46   GLY A O   1 
ATOM   312  N N   . ALA A 1 47  ? 6.804   -7.340  -17.576 1.00 18.99 ? 47   ALA A N   1 
ATOM   313  C CA  . ALA A 1 47  ? 5.504   -7.110  -18.196 1.00 19.71 ? 47   ALA A CA  1 
ATOM   314  C C   . ALA A 1 47  ? 4.454   -7.267  -17.107 1.00 19.46 ? 47   ALA A C   1 
ATOM   315  O O   . ALA A 1 47  ? 3.691   -8.229  -17.096 1.00 19.59 ? 47   ALA A O   1 
ATOM   316  C CB  . ALA A 1 47  ? 5.281   -8.131  -19.305 1.00 18.92 ? 47   ALA A CB  1 
ATOM   317  N N   . GLN A 1 48  ? 4.430   -6.307  -16.190 1.00 18.86 ? 48   GLN A N   1 
ATOM   318  C CA  . GLN A 1 48  ? 3.507   -6.339  -15.068 1.00 19.44 ? 48   GLN A CA  1 
ATOM   319  C C   . GLN A 1 48  ? 2.852   -4.988  -14.835 1.00 19.59 ? 48   GLN A C   1 
ATOM   320  O O   . GLN A 1 48  ? 3.202   -4.001  -15.472 1.00 19.69 ? 48   GLN A O   1 
ATOM   321  C CB  . GLN A 1 48  ? 4.258   -6.763  -13.802 1.00 20.73 ? 48   GLN A CB  1 
ATOM   322  C CG  . GLN A 1 48  ? 4.763   -8.199  -13.833 1.00 22.10 ? 48   GLN A CG  1 
ATOM   323  C CD  . GLN A 1 48  ? 5.754   -8.492  -12.721 1.00 23.14 ? 48   GLN A CD  1 
ATOM   324  O OE1 . GLN A 1 48  ? 6.931   -8.133  -12.807 1.00 23.12 ? 48   GLN A OE1 1 
ATOM   325  N NE2 . GLN A 1 48  ? 5.279   -9.140  -11.667 1.00 24.59 ? 48   GLN A NE2 1 
ATOM   326  N N   . ASN A 1 49  ? 1.891   -4.956  -13.921 1.00 20.13 ? 49   ASN A N   1 
ATOM   327  C CA  . ASN A 1 49  ? 1.204   -3.722  -13.595 1.00 23.17 ? 49   ASN A CA  1 
ATOM   328  C C   . ASN A 1 49  ? 0.723   -3.807  -12.160 1.00 21.62 ? 49   ASN A C   1 
ATOM   329  O O   . ASN A 1 49  ? 0.354   -4.884  -11.693 1.00 22.40 ? 49   ASN A O   1 
ATOM   330  C CB  . ASN A 1 49  ? 0.036   -3.488  -14.556 1.00 28.04 ? 49   ASN A CB  1 
ATOM   331  C CG  . ASN A 1 49  ? -0.631  -4.776  -15.002 1.00 32.31 ? 49   ASN A CG  1 
ATOM   332  O OD1 . ASN A 1 49  ? -0.132  -5.490  -15.885 1.00 35.04 ? 49   ASN A OD1 1 
ATOM   333  N ND2 . ASN A 1 49  ? -1.765  -5.083  -14.393 1.00 36.36 ? 49   ASN A ND2 1 
ATOM   334  N N   . TYR A 1 50  ? 0.747   -2.684  -11.449 1.00 21.87 ? 50   TYR A N   1 
ATOM   335  C CA  . TYR A 1 50  ? 0.319   -2.691  -10.054 1.00 20.61 ? 50   TYR A CA  1 
ATOM   336  C C   . TYR A 1 50  ? -1.121  -3.155  -9.901  1.00 20.99 ? 50   TYR A C   1 
ATOM   337  O O   . TYR A 1 50  ? -2.032  -2.616  -10.524 1.00 20.15 ? 50   TYR A O   1 
ATOM   338  C CB  . TYR A 1 50  ? 0.517   -1.311  -9.423  1.00 20.97 ? 50   TYR A CB  1 
ATOM   339  C CG  . TYR A 1 50  ? 1.938   -1.076  -8.985  1.00 23.73 ? 50   TYR A CG  1 
ATOM   340  C CD1 . TYR A 1 50  ? 2.929   -0.737  -9.903  1.00 22.78 ? 50   TYR A CD1 1 
ATOM   341  C CD2 . TYR A 1 50  ? 2.302   -1.226  -7.647  1.00 23.98 ? 50   TYR A CD2 1 
ATOM   342  C CE1 . TYR A 1 50  ? 4.250   -0.551  -9.494  1.00 23.69 ? 50   TYR A CE1 1 
ATOM   343  C CE2 . TYR A 1 50  ? 3.613   -1.048  -7.232  1.00 25.64 ? 50   TYR A CE2 1 
ATOM   344  C CZ  . TYR A 1 50  ? 4.580   -0.709  -8.156  1.00 25.56 ? 50   TYR A CZ  1 
ATOM   345  O OH  . TYR A 1 50  ? 5.880   -0.522  -7.737  1.00 27.73 ? 50   TYR A OH  1 
ATOM   346  N N   . PRO A 1 51  ? -1.338  -4.178  -9.063  1.00 21.43 ? 51   PRO A N   1 
ATOM   347  C CA  . PRO A 1 51  ? -2.668  -4.744  -8.820  1.00 21.74 ? 51   PRO A CA  1 
ATOM   348  C C   . PRO A 1 51  ? -3.610  -3.885  -7.988  1.00 21.18 ? 51   PRO A C   1 
ATOM   349  O O   . PRO A 1 51  ? -4.762  -4.256  -7.759  1.00 20.81 ? 51   PRO A O   1 
ATOM   350  C CB  . PRO A 1 51  ? -2.348  -6.075  -8.152  1.00 22.05 ? 51   PRO A CB  1 
ATOM   351  C CG  . PRO A 1 51  ? -1.151  -5.739  -7.334  1.00 23.10 ? 51   PRO A CG  1 
ATOM   352  C CD  . PRO A 1 51  ? -0.311  -4.897  -8.285  1.00 21.42 ? 51   PRO A CD  1 
ATOM   353  N N   . ALA A 1 52  ? -3.119  -2.739  -7.535  1.00 19.40 ? 52   ALA A N   1 
ATOM   354  C CA  . ALA A 1 52  ? -3.942  -1.822  -6.747  1.00 18.82 ? 52   ALA A CA  1 
ATOM   355  C C   . ALA A 1 52  ? -3.295  -0.463  -6.739  1.00 18.12 ? 52   ALA A C   1 
ATOM   356  O O   . ALA A 1 52  ? -2.171  -0.299  -7.200  1.00 17.85 ? 52   ALA A O   1 
ATOM   357  C CB  . ALA A 1 52  ? -4.074  -2.317  -5.308  1.00 19.03 ? 52   ALA A CB  1 
ATOM   358  N N   . ASN A 1 53  ? -4.021  0.514   -6.221  1.00 18.29 ? 53   ASN A N   1 
ATOM   359  C CA  . ASN A 1 53  ? -3.478  1.849   -6.093  1.00 19.04 ? 53   ASN A CA  1 
ATOM   360  C C   . ASN A 1 53  ? -2.502  1.680   -4.938  1.00 20.29 ? 53   ASN A C   1 
ATOM   361  O O   . ASN A 1 53  ? -2.728  0.857   -4.048  1.00 19.22 ? 53   ASN A O   1 
ATOM   362  C CB  . ASN A 1 53  ? -4.593  2.833   -5.757  1.00 19.74 ? 53   ASN A CB  1 
ATOM   363  C CG  . ASN A 1 53  ? -5.621  2.939   -6.875  1.00 19.39 ? 53   ASN A CG  1 
ATOM   364  O OD1 . ASN A 1 53  ? -5.307  3.405   -7.978  1.00 18.75 ? 53   ASN A OD1 1 
ATOM   365  N ND2 . ASN A 1 53  ? -6.853  2.497   -6.602  1.00 19.86 ? 53   ASN A ND2 1 
ATOM   366  N N   . TYR A 1 54  ? -1.425  2.451   -4.958  1.00 18.85 ? 54   TYR A N   1 
ATOM   367  C CA  . TYR A 1 54  ? -0.381  2.337   -3.949  1.00 21.87 ? 54   TYR A CA  1 
ATOM   368  C C   . TYR A 1 54  ? 0.075   3.694   -3.429  1.00 20.94 ? 54   TYR A C   1 
ATOM   369  O O   . TYR A 1 54  ? 0.250   4.629   -4.206  1.00 17.59 ? 54   TYR A O   1 
ATOM   370  C CB  . TYR A 1 54  ? 0.797   1.605   -4.592  1.00 24.82 ? 54   TYR A CB  1 
ATOM   371  C CG  . TYR A 1 54  ? 1.946   1.290   -3.676  1.00 29.71 ? 54   TYR A CG  1 
ATOM   372  C CD1 . TYR A 1 54  ? 2.850   2.277   -3.271  1.00 31.12 ? 54   TYR A CD1 1 
ATOM   373  C CD2 . TYR A 1 54  ? 2.142   -0.010  -3.223  1.00 33.25 ? 54   TYR A CD2 1 
ATOM   374  C CE1 . TYR A 1 54  ? 3.923   1.963   -2.432  1.00 34.45 ? 54   TYR A CE1 1 
ATOM   375  C CE2 . TYR A 1 54  ? 3.200   -0.331  -2.395  1.00 35.80 ? 54   TYR A CE2 1 
ATOM   376  C CZ  . TYR A 1 54  ? 4.085   0.654   -2.002  1.00 35.70 ? 54   TYR A CZ  1 
ATOM   377  O OH  . TYR A 1 54  ? 5.123   0.302   -1.176  1.00 39.00 ? 54   TYR A OH  1 
ATOM   378  N N   . GLY A 1 55  ? 0.285   3.799   -2.120  1.00 20.09 ? 55   GLY A N   1 
ATOM   379  C CA  . GLY A 1 55  ? 0.727   5.064   -1.565  1.00 21.52 ? 55   GLY A CA  1 
ATOM   380  C C   . GLY A 1 55  ? 1.281   4.949   -0.158  1.00 22.42 ? 55   GLY A C   1 
ATOM   381  O O   . GLY A 1 55  ? 1.696   3.873   0.271   1.00 22.26 ? 55   GLY A O   1 
ATOM   382  N N   . PHE A 1 56  ? 1.290   6.059   0.567   1.00 22.90 ? 56   PHE A N   1 
ATOM   383  C CA  . PHE A 1 56  ? 1.803   6.048   1.932   1.00 24.21 ? 56   PHE A CA  1 
ATOM   384  C C   . PHE A 1 56  ? 0.912   6.868   2.853   1.00 24.45 ? 56   PHE A C   1 
ATOM   385  O O   . PHE A 1 56  ? 0.112   7.689   2.396   1.00 23.07 ? 56   PHE A O   1 
ATOM   386  C CB  . PHE A 1 56  ? 3.232   6.605   1.962   1.00 23.82 ? 56   PHE A CB  1 
ATOM   387  C CG  . PHE A 1 56  ? 3.317   8.081   1.679   1.00 24.79 ? 56   PHE A CG  1 
ATOM   388  C CD1 . PHE A 1 56  ? 3.102   9.014   2.695   1.00 25.20 ? 56   PHE A CD1 1 
ATOM   389  C CD2 . PHE A 1 56  ? 3.577   8.542   0.388   1.00 23.96 ? 56   PHE A CD2 1 
ATOM   390  C CE1 . PHE A 1 56  ? 3.143   10.376  2.431   1.00 23.07 ? 56   PHE A CE1 1 
ATOM   391  C CE2 . PHE A 1 56  ? 3.620   9.903   0.114   1.00 24.32 ? 56   PHE A CE2 1 
ATOM   392  C CZ  . PHE A 1 56  ? 3.402   10.825  1.137   1.00 24.82 ? 56   PHE A CZ  1 
ATOM   393  N N   . VAL A 1 57  ? 1.055   6.643   4.155   1.00 24.95 ? 57   VAL A N   1 
ATOM   394  C CA  . VAL A 1 57  ? 0.279   7.378   5.143   1.00 25.05 ? 57   VAL A CA  1 
ATOM   395  C C   . VAL A 1 57  ? 1.176   8.464   5.715   1.00 25.30 ? 57   VAL A C   1 
ATOM   396  O O   . VAL A 1 57  ? 2.205   8.172   6.321   1.00 24.13 ? 57   VAL A O   1 
ATOM   397  C CB  . VAL A 1 57  ? -0.182  6.471   6.298   1.00 26.04 ? 57   VAL A CB  1 
ATOM   398  C CG1 . VAL A 1 57  ? -1.108  7.250   7.213   1.00 25.46 ? 57   VAL A CG1 1 
ATOM   399  C CG2 . VAL A 1 57  ? -0.870  5.231   5.752   1.00 25.84 ? 57   VAL A CG2 1 
ATOM   400  N N   . PRO A 1 58  ? 0.801   9.737   5.522   1.00 25.42 ? 58   PRO A N   1 
ATOM   401  C CA  . PRO A 1 58  ? 1.578   10.874  6.019   1.00 26.47 ? 58   PRO A CA  1 
ATOM   402  C C   . PRO A 1 58  ? 1.791   10.848  7.526   1.00 28.05 ? 58   PRO A C   1 
ATOM   403  O O   . PRO A 1 58  ? 0.984   10.294  8.273   1.00 27.98 ? 58   PRO A O   1 
ATOM   404  C CB  . PRO A 1 58  ? 0.735   12.079  5.608   1.00 26.17 ? 58   PRO A CB  1 
ATOM   405  C CG  . PRO A 1 58  ? 0.010   11.598  4.404   1.00 25.96 ? 58   PRO A CG  1 
ATOM   406  C CD  . PRO A 1 58  ? -0.392  10.202  4.794   1.00 26.52 ? 58   PRO A CD  1 
ATOM   407  N N   . ASN A 1 59  ? 2.884   11.458  7.961   1.00 30.08 ? 59   ASN A N   1 
ATOM   408  C CA  . ASN A 1 59  ? 3.198   11.555  9.382   1.00 31.20 ? 59   ASN A CA  1 
ATOM   409  C C   . ASN A 1 59  ? 3.273   10.218  10.097  1.00 30.76 ? 59   ASN A C   1 
ATOM   410  O O   . ASN A 1 59  ? 2.751   10.060  11.201  1.00 31.33 ? 59   ASN A O   1 
ATOM   411  C CB  . ASN A 1 59  ? 2.167   12.451  10.068  1.00 33.09 ? 59   ASN A CB  1 
ATOM   412  C CG  . ASN A 1 59  ? 2.034   13.792  9.389   1.00 35.51 ? 59   ASN A CG  1 
ATOM   413  O OD1 . ASN A 1 59  ? 3.026   14.489  9.179   1.00 36.64 ? 59   ASN A OD1 1 
ATOM   414  N ND2 . ASN A 1 59  ? 0.807   14.163  9.036   1.00 37.36 ? 59   ASN A ND2 1 
ATOM   415  N N   . THR A 1 60  ? 3.921   9.255   9.459   1.00 29.76 ? 60   THR A N   1 
ATOM   416  C CA  . THR A 1 60  ? 4.102   7.940   10.044  1.00 29.04 ? 60   THR A CA  1 
ATOM   417  C C   . THR A 1 60  ? 5.536   7.541   9.752   1.00 29.80 ? 60   THR A C   1 
ATOM   418  O O   . THR A 1 60  ? 6.191   8.136   8.893   1.00 28.12 ? 60   THR A O   1 
ATOM   419  C CB  . THR A 1 60  ? 3.151   6.896   9.424   1.00 28.41 ? 60   THR A CB  1 
ATOM   420  O OG1 . THR A 1 60  ? 3.486   6.698   8.046   1.00 26.76 ? 60   THR A OG1 1 
ATOM   421  C CG2 . THR A 1 60  ? 1.702   7.356   9.546   1.00 27.37 ? 60   THR A CG2 1 
ATOM   422  N N   . LEU A 1 61  ? 6.028   6.540   10.469  1.00 29.94 ? 61   LEU A N   1 
ATOM   423  C CA  . LEU A 1 61  ? 7.390   6.075   10.270  1.00 31.04 ? 61   LEU A CA  1 
ATOM   424  C C   . LEU A 1 61  ? 7.368   4.549   10.272  1.00 31.10 ? 61   LEU A C   1 
ATOM   425  O O   . LEU A 1 61  ? 7.191   3.924   11.320  1.00 30.87 ? 61   LEU A O   1 
ATOM   426  C CB  . LEU A 1 61  ? 8.291   6.615   11.394  1.00 32.16 ? 61   LEU A CB  1 
ATOM   427  C CG  . LEU A 1 61  ? 9.787   6.757   11.104  1.00 32.58 ? 61   LEU A CG  1 
ATOM   428  C CD1 . LEU A 1 61  ? 10.373  5.387   10.825  1.00 35.63 ? 61   LEU A CD1 1 
ATOM   429  C CD2 . LEU A 1 61  ? 10.008  7.682   9.915   1.00 33.93 ? 61   LEU A CD2 1 
ATOM   430  N N   . GLY A 1 62  ? 7.531   3.964   9.088   1.00 31.17 ? 62   GLY A N   1 
ATOM   431  C CA  . GLY A 1 62  ? 7.522   2.519   8.947   1.00 31.74 ? 62   GLY A CA  1 
ATOM   432  C C   . GLY A 1 62  ? 8.864   1.860   9.220   1.00 32.21 ? 62   GLY A C   1 
ATOM   433  O O   . GLY A 1 62  ? 9.828   2.530   9.593   1.00 32.63 ? 62   GLY A O   1 
ATOM   434  N N   . SER A 1 63  ? 8.922   0.545   9.022   1.00 32.64 ? 63   SER A N   1 
ATOM   435  C CA  . SER A 1 63  ? 10.140  -0.233  9.254   1.00 32.42 ? 63   SER A CA  1 
ATOM   436  C C   . SER A 1 63  ? 11.401  0.273   8.559   1.00 31.33 ? 63   SER A C   1 
ATOM   437  O O   . SER A 1 63  ? 12.483  0.234   9.140   1.00 29.99 ? 63   SER A O   1 
ATOM   438  C CB  . SER A 1 63  ? 9.923   -1.695  8.845   1.00 33.78 ? 63   SER A CB  1 
ATOM   439  O OG  . SER A 1 63  ? 8.954   -2.320  9.661   1.00 37.38 ? 63   SER A OG  1 
ATOM   440  N N   . ASP A 1 64  ? 11.274  0.736   7.320   1.00 30.01 ? 64   ASP A N   1 
ATOM   441  C CA  . ASP A 1 64  ? 12.440  1.204   6.582   1.00 29.95 ? 64   ASP A CA  1 
ATOM   442  C C   . ASP A 1 64  ? 12.764  2.683   6.745   1.00 29.22 ? 64   ASP A C   1 
ATOM   443  O O   . ASP A 1 64  ? 13.576  3.222   6.000   1.00 30.12 ? 64   ASP A O   1 
ATOM   444  C CB  . ASP A 1 64  ? 12.284  0.875   5.095   1.00 31.34 ? 64   ASP A CB  1 
ATOM   445  C CG  . ASP A 1 64  ? 11.111  1.589   4.462   1.00 32.16 ? 64   ASP A CG  1 
ATOM   446  O OD1 . ASP A 1 64  ? 10.894  1.393   3.248   1.00 35.79 ? 64   ASP A OD1 1 
ATOM   447  O OD2 . ASP A 1 64  ? 10.410  2.343   5.175   1.00 29.99 ? 64   ASP A OD2 1 
ATOM   448  N N   . GLY A 1 65  ? 12.128  3.346   7.705   1.00 28.50 ? 65   GLY A N   1 
ATOM   449  C CA  . GLY A 1 65  ? 12.412  4.754   7.916   1.00 28.65 ? 65   GLY A CA  1 
ATOM   450  C C   . GLY A 1 65  ? 11.580  5.699   7.070   1.00 30.41 ? 65   GLY A C   1 
ATOM   451  O O   . GLY A 1 65  ? 11.703  6.915   7.189   1.00 30.32 ? 65   GLY A O   1 
ATOM   452  N N   . ASP A 1 66  ? 10.741  5.146   6.202   1.00 30.34 ? 66   ASP A N   1 
ATOM   453  C CA  . ASP A 1 66  ? 9.879   5.969   5.362   1.00 30.73 ? 66   ASP A CA  1 
ATOM   454  C C   . ASP A 1 66  ? 8.436   5.786   5.827   1.00 28.38 ? 66   ASP A C   1 
ATOM   455  O O   . ASP A 1 66  ? 8.124   4.837   6.549   1.00 28.87 ? 66   ASP A O   1 
ATOM   456  C CB  . ASP A 1 66  ? 10.019  5.556   3.891   1.00 33.28 ? 66   ASP A CB  1 
ATOM   457  C CG  . ASP A 1 66  ? 11.346  5.988   3.282   1.00 36.89 ? 66   ASP A CG  1 
ATOM   458  O OD1 . ASP A 1 66  ? 11.676  5.510   2.178   1.00 39.88 ? 66   ASP A OD1 1 
ATOM   459  O OD2 . ASP A 1 66  ? 12.055  6.814   3.895   1.00 40.13 ? 66   ASP A OD2 1 
ATOM   460  N N   . PRO A 1 67  ? 7.538   6.702   5.438   1.00 27.35 ? 67   PRO A N   1 
ATOM   461  C CA  . PRO A 1 67  ? 6.142   6.561   5.858   1.00 24.61 ? 67   PRO A CA  1 
ATOM   462  C C   . PRO A 1 67  ? 5.642   5.150   5.536   1.00 21.90 ? 67   PRO A C   1 
ATOM   463  O O   . PRO A 1 67  ? 6.098   4.538   4.573   1.00 19.86 ? 67   PRO A O   1 
ATOM   464  C CB  . PRO A 1 67  ? 5.434   7.645   5.049   1.00 26.02 ? 67   PRO A CB  1 
ATOM   465  C CG  . PRO A 1 67  ? 6.487   8.723   4.959   1.00 27.63 ? 67   PRO A CG  1 
ATOM   466  C CD  . PRO A 1 67  ? 7.735   7.925   4.638   1.00 26.33 ? 67   PRO A CD  1 
ATOM   467  N N   . VAL A 1 68  ? 4.722   4.630   6.343   1.00 22.97 ? 68   VAL A N   1 
ATOM   468  C CA  . VAL A 1 68  ? 4.198   3.282   6.121   1.00 25.21 ? 68   VAL A CA  1 
ATOM   469  C C   . VAL A 1 68  ? 3.423   3.223   4.800   1.00 24.90 ? 68   VAL A C   1 
ATOM   470  O O   . VAL A 1 68  ? 2.663   4.138   4.480   1.00 25.37 ? 68   VAL A O   1 
ATOM   471  C CB  . VAL A 1 68  ? 3.292   2.844   7.303   1.00 25.99 ? 68   VAL A CB  1 
ATOM   472  C CG1 . VAL A 1 68  ? 2.104   3.786   7.441   1.00 28.47 ? 68   VAL A CG1 1 
ATOM   473  C CG2 . VAL A 1 68  ? 2.826   1.411   7.105   1.00 27.71 ? 68   VAL A CG2 1 
ATOM   474  N N   . ASP A 1 69  ? 3.630   2.154   4.033   1.00 24.53 ? 69   ASP A N   1 
ATOM   475  C CA  . ASP A 1 69  ? 2.975   1.989   2.729   1.00 24.49 ? 69   ASP A CA  1 
ATOM   476  C C   . ASP A 1 69  ? 1.582   1.390   2.846   1.00 23.36 ? 69   ASP A C   1 
ATOM   477  O O   . ASP A 1 69  ? 1.292   0.641   3.775   1.00 22.59 ? 69   ASP A O   1 
ATOM   478  C CB  . ASP A 1 69  ? 3.792   1.073   1.809   1.00 27.63 ? 69   ASP A CB  1 
ATOM   479  C CG  . ASP A 1 69  ? 5.149   1.635   1.465   1.00 31.39 ? 69   ASP A CG  1 
ATOM   480  O OD1 . ASP A 1 69  ? 5.236   2.840   1.137   1.00 32.55 ? 69   ASP A OD1 1 
ATOM   481  O OD2 . ASP A 1 69  ? 6.122   0.854   1.501   1.00 32.31 ? 69   ASP A OD2 1 
ATOM   482  N N   . ALA A 1 70  ? 0.730   1.699   1.880   1.00 22.31 ? 70   ALA A N   1 
ATOM   483  C CA  . ALA A 1 70  ? -0.619  1.166   1.878   1.00 20.92 ? 70   ALA A CA  1 
ATOM   484  C C   . ALA A 1 70  ? -1.086  0.905   0.458   1.00 22.01 ? 70   ALA A C   1 
ATOM   485  O O   . ALA A 1 70  ? -0.801  1.682   -0.450  1.00 21.07 ? 70   ALA A O   1 
ATOM   486  C CB  . ALA A 1 70  ? -1.565  2.137   2.554   1.00 22.78 ? 70   ALA A CB  1 
ATOM   487  N N   . LEU A 1 71  ? -1.778  -0.211  0.276   1.00 20.19 ? 71   LEU A N   1 
ATOM   488  C CA  . LEU A 1 71  ? -2.343  -0.542  -1.014  1.00 20.85 ? 71   LEU A CA  1 
ATOM   489  C C   . LEU A 1 71  ? -3.802  -0.178  -0.836  1.00 20.73 ? 71   LEU A C   1 
ATOM   490  O O   . LEU A 1 71  ? -4.402  -0.499  0.190   1.00 19.65 ? 71   LEU A O   1 
ATOM   491  C CB  . LEU A 1 71  ? -2.225  -2.037  -1.300  1.00 22.44 ? 71   LEU A CB  1 
ATOM   492  C CG  . LEU A 1 71  ? -0.822  -2.534  -1.665  1.00 26.38 ? 71   LEU A CG  1 
ATOM   493  C CD1 . LEU A 1 71  ? -0.788  -4.062  -1.653  1.00 28.09 ? 71   LEU A CD1 1 
ATOM   494  C CD2 . LEU A 1 71  ? -0.455  -2.008  -3.045  1.00 31.20 ? 71   LEU A CD2 1 
ATOM   495  N N   . VAL A 1 72  ? -4.368  0.530   -1.804  1.00 19.55 ? 72   VAL A N   1 
ATOM   496  C CA  . VAL A 1 72  ? -5.774  0.886   -1.723  1.00 18.55 ? 72   VAL A CA  1 
ATOM   497  C C   . VAL A 1 72  ? -6.470  0.120   -2.838  1.00 19.15 ? 72   VAL A C   1 
ATOM   498  O O   . VAL A 1 72  ? -6.353  0.474   -4.006  1.00 17.34 ? 72   VAL A O   1 
ATOM   499  C CB  . VAL A 1 72  ? -5.994  2.407   -1.902  1.00 19.97 ? 72   VAL A CB  1 
ATOM   500  C CG1 . VAL A 1 72  ? -7.485  2.721   -1.818  1.00 18.59 ? 72   VAL A CG1 1 
ATOM   501  C CG2 . VAL A 1 72  ? -5.242  3.173   -0.811  1.00 18.45 ? 72   VAL A CG2 1 
ATOM   502  N N   . LEU A 1 73  ? -7.160  -0.956  -2.467  1.00 19.44 ? 73   LEU A N   1 
ATOM   503  C CA  . LEU A 1 73  ? -7.875  -1.790  -3.427  1.00 20.72 ? 73   LEU A CA  1 
ATOM   504  C C   . LEU A 1 73  ? -9.149  -1.101  -3.889  1.00 22.14 ? 73   LEU A C   1 
ATOM   505  O O   . LEU A 1 73  ? -9.901  -0.548  -3.092  1.00 25.44 ? 73   LEU A O   1 
ATOM   506  C CB  . LEU A 1 73  ? -8.195  -3.150  -2.804  1.00 21.08 ? 73   LEU A CB  1 
ATOM   507  C CG  . LEU A 1 73  ? -7.028  -4.148  -2.766  1.00 20.73 ? 73   LEU A CG  1 
ATOM   508  C CD1 . LEU A 1 73  ? -5.853  -3.567  -2.000  1.00 23.82 ? 73   LEU A CD1 1 
ATOM   509  C CD2 . LEU A 1 73  ? -7.497  -5.443  -2.129  1.00 23.38 ? 73   LEU A CD2 1 
ATOM   510  N N   . SER A 1 74  ? -9.390  -1.138  -5.191  1.00 22.69 ? 74   SER A N   1 
ATOM   511  C CA  . SER A 1 74  ? -10.550 -0.474  -5.755  1.00 23.20 ? 74   SER A CA  1 
ATOM   512  C C   . SER A 1 74  ? -10.727 -0.982  -7.165  1.00 23.11 ? 74   SER A C   1 
ATOM   513  O O   . SER A 1 74  ? -9.809  -1.568  -7.731  1.00 22.50 ? 74   SER A O   1 
ATOM   514  C CB  . SER A 1 74  ? -10.307 1.043   -5.796  1.00 23.46 ? 74   SER A CB  1 
ATOM   515  O OG  . SER A 1 74  ? -11.305 1.697   -6.561  1.00 27.88 ? 74   SER A OG  1 
ATOM   516  N N   . ASP A 1 75  ? -11.905 -0.773  -7.735  1.00 23.10 ? 75   ASP A N   1 
ATOM   517  C CA  . ASP A 1 75  ? -12.103 -1.193  -9.109  1.00 23.63 ? 75   ASP A CA  1 
ATOM   518  C C   . ASP A 1 75  ? -11.568 -0.104  -10.023 1.00 22.94 ? 75   ASP A C   1 
ATOM   519  O O   . ASP A 1 75  ? -11.327 -0.352  -11.205 1.00 23.72 ? 75   ASP A O   1 
ATOM   520  C CB  . ASP A 1 75  ? -13.579 -1.432  -9.414  1.00 26.30 ? 75   ASP A CB  1 
ATOM   521  C CG  . ASP A 1 75  ? -14.127 -2.646  -8.695  1.00 27.85 ? 75   ASP A CG  1 
ATOM   522  O OD1 . ASP A 1 75  ? -13.350 -3.593  -8.449  1.00 28.93 ? 75   ASP A OD1 1 
ATOM   523  O OD2 . ASP A 1 75  ? -15.333 -2.653  -8.393  1.00 29.05 ? 75   ASP A OD2 1 
ATOM   524  N N   . VAL A 1 76  ? -11.385 1.100   -9.482  1.00 21.75 ? 76   VAL A N   1 
ATOM   525  C CA  . VAL A 1 76  ? -10.875 2.209   -10.285 1.00 21.56 ? 76   VAL A CA  1 
ATOM   526  C C   . VAL A 1 76  ? -9.456  2.619   -9.907  1.00 20.83 ? 76   VAL A C   1 
ATOM   527  O O   . VAL A 1 76  ? -8.979  2.304   -8.822  1.00 20.08 ? 76   VAL A O   1 
ATOM   528  C CB  . VAL A 1 76  ? -11.783 3.464   -10.189 1.00 22.48 ? 76   VAL A CB  1 
ATOM   529  C CG1 . VAL A 1 76  ? -13.201 3.113   -10.594 1.00 23.39 ? 76   VAL A CG1 1 
ATOM   530  C CG2 . VAL A 1 76  ? -11.739 4.051   -8.787  1.00 21.87 ? 76   VAL A CG2 1 
ATOM   531  N N   . ALA A 1 77  ? -8.791  3.309   -10.829 1.00 18.48 ? 77   ALA A N   1 
ATOM   532  C CA  . ALA A 1 77  ? -7.426  3.784   -10.629 1.00 19.34 ? 77   ALA A CA  1 
ATOM   533  C C   . ALA A 1 77  ? -7.427  5.268   -10.238 1.00 19.61 ? 77   ALA A C   1 
ATOM   534  O O   . ALA A 1 77  ? -7.982  6.100   -10.957 1.00 21.00 ? 77   ALA A O   1 
ATOM   535  C CB  . ALA A 1 77  ? -6.623  3.590   -11.925 1.00 18.15 ? 77   ALA A CB  1 
ATOM   536  N N   . PHE A 1 78  ? -6.817  5.588   -9.098  1.00 17.64 ? 78   PHE A N   1 
ATOM   537  C CA  . PHE A 1 78  ? -6.734  6.962   -8.623  1.00 18.48 ? 78   PHE A CA  1 
ATOM   538  C C   . PHE A 1 78  ? -5.453  7.597   -9.163  1.00 17.85 ? 78   PHE A C   1 
ATOM   539  O O   . PHE A 1 78  ? -4.414  6.938   -9.256  1.00 17.27 ? 78   PHE A O   1 
ATOM   540  C CB  . PHE A 1 78  ? -6.721  7.002   -7.084  1.00 18.11 ? 78   PHE A CB  1 
ATOM   541  C CG  . PHE A 1 78  ? -7.942  6.387   -6.451  1.00 21.79 ? 78   PHE A CG  1 
ATOM   542  C CD1 . PHE A 1 78  ? -9.218  6.772   -6.856  1.00 22.30 ? 78   PHE A CD1 1 
ATOM   543  C CD2 . PHE A 1 78  ? -7.817  5.404   -5.476  1.00 20.96 ? 78   PHE A CD2 1 
ATOM   544  C CE1 . PHE A 1 78  ? -10.354 6.184   -6.302  1.00 21.54 ? 78   PHE A CE1 1 
ATOM   545  C CE2 . PHE A 1 78  ? -8.948  4.807   -4.914  1.00 22.98 ? 78   PHE A CE2 1 
ATOM   546  C CZ  . PHE A 1 78  ? -10.216 5.197   -5.333  1.00 20.71 ? 78   PHE A CZ  1 
ATOM   547  N N   . GLN A 1 79  ? -5.536  8.877   -9.504  1.00 17.00 ? 79   GLN A N   1 
ATOM   548  C CA  . GLN A 1 79  ? -4.409  9.628   -10.052 1.00 17.68 ? 79   GLN A CA  1 
ATOM   549  C C   . GLN A 1 79  ? -3.234  9.761   -9.093  1.00 17.72 ? 79   GLN A C   1 
ATOM   550  O O   . GLN A 1 79  ? -3.413  10.120  -7.927  1.00 17.87 ? 79   GLN A O   1 
ATOM   551  C CB  . GLN A 1 79  ? -4.887  11.019  -10.460 1.00 17.25 ? 79   GLN A CB  1 
ATOM   552  C CG  . GLN A 1 79  ? -3.800  11.897  -11.060 1.00 19.12 ? 79   GLN A CG  1 
ATOM   553  C CD  . GLN A 1 79  ? -4.388  13.073  -11.815 1.00 19.53 ? 79   GLN A CD  1 
ATOM   554  O OE1 . GLN A 1 79  ? -5.065  12.895  -12.830 1.00 20.51 ? 79   GLN A OE1 1 
ATOM   555  N NE2 . GLN A 1 79  ? -4.144  14.276  -11.319 1.00 20.76 ? 79   GLN A NE2 1 
ATOM   556  N N   . ALA A 1 80  ? -2.029  9.470   -9.577  1.00 18.21 ? 80   ALA A N   1 
ATOM   557  C CA  . ALA A 1 80  ? -0.852  9.591   -8.724  1.00 17.29 ? 80   ALA A CA  1 
ATOM   558  C C   . ALA A 1 80  ? -0.821  11.031  -8.233  1.00 18.75 ? 80   ALA A C   1 
ATOM   559  O O   . ALA A 1 80  ? -1.060  11.960  -9.001  1.00 19.40 ? 80   ALA A O   1 
ATOM   560  C CB  . ALA A 1 80  ? 0.420   9.272   -9.505  1.00 17.98 ? 80   ALA A CB  1 
ATOM   561  N N   . GLY A 1 81  ? -0.542  11.214  -6.948  1.00 18.03 ? 81   GLY A N   1 
ATOM   562  C CA  . GLY A 1 81  ? -0.510  12.556  -6.403  1.00 19.51 ? 81   GLY A CA  1 
ATOM   563  C C   . GLY A 1 81  ? -1.779  12.920  -5.655  1.00 20.81 ? 81   GLY A C   1 
ATOM   564  O O   . GLY A 1 81  ? -1.782  13.879  -4.887  1.00 22.69 ? 81   GLY A O   1 
ATOM   565  N N   . SER A 1 82  ? -2.866  12.180  -5.863  1.00 20.84 ? 82   SER A N   1 
ATOM   566  C CA  . SER A 1 82  ? -4.106  12.489  -5.152  1.00 20.03 ? 82   SER A CA  1 
ATOM   567  C C   . SER A 1 82  ? -4.077  11.844  -3.768  1.00 20.91 ? 82   SER A C   1 
ATOM   568  O O   . SER A 1 82  ? -3.190  11.045  -3.462  1.00 19.59 ? 82   SER A O   1 
ATOM   569  C CB  . SER A 1 82  ? -5.333  12.003  -5.941  1.00 18.07 ? 82   SER A CB  1 
ATOM   570  O OG  . SER A 1 82  ? -5.314  10.595  -6.133  1.00 17.99 ? 82   SER A OG  1 
ATOM   571  N N   . VAL A 1 83  ? -5.050  12.199  -2.938  1.00 20.82 ? 83   VAL A N   1 
ATOM   572  C CA  . VAL A 1 83  ? -5.140  11.679  -1.583  1.00 21.99 ? 83   VAL A CA  1 
ATOM   573  C C   . VAL A 1 83  ? -6.514  11.076  -1.373  1.00 22.11 ? 83   VAL A C   1 
ATOM   574  O O   . VAL A 1 83  ? -7.526  11.717  -1.652  1.00 23.53 ? 83   VAL A O   1 
ATOM   575  C CB  . VAL A 1 83  ? -4.946  12.806  -0.549  1.00 22.96 ? 83   VAL A CB  1 
ATOM   576  C CG1 . VAL A 1 83  ? -5.005  12.244  0.857   1.00 25.15 ? 83   VAL A CG1 1 
ATOM   577  C CG2 . VAL A 1 83  ? -3.624  13.514  -0.797  1.00 22.27 ? 83   VAL A CG2 1 
ATOM   578  N N   . VAL A 1 84  ? -6.557  9.843   -0.882  1.00 23.18 ? 84   VAL A N   1 
ATOM   579  C CA  . VAL A 1 84  ? -7.831  9.178   -0.645  1.00 23.40 ? 84   VAL A CA  1 
ATOM   580  C C   . VAL A 1 84  ? -7.965  8.746   0.810   1.00 24.55 ? 84   VAL A C   1 
ATOM   581  O O   . VAL A 1 84  ? -7.007  8.264   1.411   1.00 24.37 ? 84   VAL A O   1 
ATOM   582  C CB  . VAL A 1 84  ? -7.988  7.932   -1.550  1.00 24.31 ? 84   VAL A CB  1 
ATOM   583  C CG1 . VAL A 1 84  ? -6.887  6.929   -1.257  1.00 23.75 ? 84   VAL A CG1 1 
ATOM   584  C CG2 . VAL A 1 84  ? -9.361  7.297   -1.335  1.00 24.91 ? 84   VAL A CG2 1 
ATOM   585  N N   . LYS A 1 85  ? -9.150  8.943   1.381   1.00 24.04 ? 85   LYS A N   1 
ATOM   586  C CA  . LYS A 1 85  ? -9.403  8.528   2.755   1.00 24.38 ? 85   LYS A CA  1 
ATOM   587  C C   . LYS A 1 85  ? -9.762  7.052   2.654   1.00 24.11 ? 85   LYS A C   1 
ATOM   588  O O   . LYS A 1 85  ? -10.673 6.674   1.914   1.00 22.62 ? 85   LYS A O   1 
ATOM   589  C CB  . LYS A 1 85  ? -10.567 9.318   3.356   1.00 27.78 ? 85   LYS A CB  1 
ATOM   590  C CG  . LYS A 1 85  ? -10.288 10.797  3.561   1.00 32.55 ? 85   LYS A CG  1 
ATOM   591  C CD  . LYS A 1 85  ? -11.451 11.467  4.280   1.00 38.65 ? 85   LYS A CD  1 
ATOM   592  C CE  . LYS A 1 85  ? -11.128 12.908  4.639   1.00 41.94 ? 85   LYS A CE  1 
ATOM   593  N NZ  . LYS A 1 85  ? -12.213 13.511  5.474   1.00 43.94 ? 85   LYS A NZ  1 
ATOM   594  N N   . ALA A 1 86  ? -9.044  6.219   3.394   1.00 22.37 ? 86   ALA A N   1 
ATOM   595  C CA  . ALA A 1 86  ? -9.262  4.785   3.343   1.00 22.39 ? 86   ALA A CA  1 
ATOM   596  C C   . ALA A 1 86  ? -9.507  4.144   4.705   1.00 22.74 ? 86   ALA A C   1 
ATOM   597  O O   . ALA A 1 86  ? -9.452  4.808   5.743   1.00 23.55 ? 86   ALA A O   1 
ATOM   598  C CB  . ALA A 1 86  ? -8.061  4.124   2.678   1.00 21.77 ? 86   ALA A CB  1 
ATOM   599  N N   . ARG A 1 87  ? -9.790  2.848   4.693   1.00 23.63 ? 87   ARG A N   1 
ATOM   600  C CA  . ARG A 1 87  ? -10.009 2.103   5.927   1.00 23.59 ? 87   ARG A CA  1 
ATOM   601  C C   . ARG A 1 87  ? -9.229  0.802   5.819   1.00 23.12 ? 87   ARG A C   1 
ATOM   602  O O   . ARG A 1 87  ? -9.193  0.176   4.762   1.00 24.04 ? 87   ARG A O   1 
ATOM   603  C CB  . ARG A 1 87  ? -11.497 1.824   6.135   1.00 23.13 ? 87   ARG A CB  1 
ATOM   604  C CG  . ARG A 1 87  ? -12.145 0.978   5.056   1.00 23.09 ? 87   ARG A CG  1 
ATOM   605  C CD  . ARG A 1 87  ? -13.663 1.001   5.219   1.00 22.96 ? 87   ARG A CD  1 
ATOM   606  N NE  . ARG A 1 87  ? -14.343 0.227   4.192   1.00 22.16 ? 87   ARG A NE  1 
ATOM   607  C CZ  . ARG A 1 87  ? -14.398 -1.099  4.164   1.00 24.81 ? 87   ARG A CZ  1 
ATOM   608  N NH1 . ARG A 1 87  ? -15.038 -1.711  3.174   1.00 25.06 ? 87   ARG A NH1 1 
ATOM   609  N NH2 . ARG A 1 87  ? -13.832 -1.814  5.129   1.00 26.77 ? 87   ARG A NH2 1 
ATOM   610  N N   . LEU A 1 88  ? -8.591  0.405   6.913   1.00 22.53 ? 88   LEU A N   1 
ATOM   611  C CA  . LEU A 1 88  ? -7.797  -0.820  6.935   1.00 23.39 ? 88   LEU A CA  1 
ATOM   612  C C   . LEU A 1 88  ? -8.615  -2.101  6.992   1.00 22.57 ? 88   LEU A C   1 
ATOM   613  O O   . LEU A 1 88  ? -9.672  -2.149  7.620   1.00 23.86 ? 88   LEU A O   1 
ATOM   614  C CB  . LEU A 1 88  ? -6.859  -0.812  8.146   1.00 23.22 ? 88   LEU A CB  1 
ATOM   615  C CG  . LEU A 1 88  ? -5.425  -0.298  8.046   1.00 27.63 ? 88   LEU A CG  1 
ATOM   616  C CD1 . LEU A 1 88  ? -5.341  0.938   7.193   1.00 28.16 ? 88   LEU A CD1 1 
ATOM   617  C CD2 . LEU A 1 88  ? -4.917  -0.038  9.466   1.00 25.04 ? 88   LEU A CD2 1 
ATOM   618  N N   . VAL A 1 89  ? -8.114  -3.138  6.326   1.00 22.18 ? 89   VAL A N   1 
ATOM   619  C CA  . VAL A 1 89  ? -8.753  -4.447  6.360   1.00 22.89 ? 89   VAL A CA  1 
ATOM   620  C C   . VAL A 1 89  ? -7.697  -5.532  6.556   1.00 22.55 ? 89   VAL A C   1 
ATOM   621  O O   . VAL A 1 89  ? -8.028  -6.700  6.763   1.00 23.89 ? 89   VAL A O   1 
ATOM   622  C CB  . VAL A 1 89  ? -9.590  -4.757  5.078   1.00 22.08 ? 89   VAL A CB  1 
ATOM   623  C CG1 . VAL A 1 89  ? -10.760 -3.784  4.984   1.00 23.76 ? 89   VAL A CG1 1 
ATOM   624  C CG2 . VAL A 1 89  ? -8.722  -4.678  3.832   1.00 23.08 ? 89   VAL A CG2 1 
ATOM   625  N N   . GLY A 1 90  ? -6.425  -5.142  6.500   1.00 22.69 ? 90   GLY A N   1 
ATOM   626  C CA  . GLY A 1 90  ? -5.353  -6.110  6.685   1.00 20.90 ? 90   GLY A CA  1 
ATOM   627  C C   . GLY A 1 90  ? -3.959  -5.573  6.410   1.00 21.47 ? 90   GLY A C   1 
ATOM   628  O O   . GLY A 1 90  ? -3.771  -4.371  6.238   1.00 21.59 ? 90   GLY A O   1 
ATOM   629  N N   . VAL A 1 91  ? -2.977  -6.470  6.385   1.00 21.60 ? 91   VAL A N   1 
ATOM   630  C CA  . VAL A 1 91  ? -1.598  -6.088  6.111   1.00 21.60 ? 91   VAL A CA  1 
ATOM   631  C C   . VAL A 1 91  ? -0.851  -7.236  5.433   1.00 22.07 ? 91   VAL A C   1 
ATOM   632  O O   . VAL A 1 91  ? -1.104  -8.411  5.714   1.00 21.81 ? 91   VAL A O   1 
ATOM   633  C CB  . VAL A 1 91  ? -0.851  -5.673  7.419   1.00 22.24 ? 91   VAL A CB  1 
ATOM   634  C CG1 . VAL A 1 91  ? -0.828  -6.833  8.405   1.00 24.31 ? 91   VAL A CG1 1 
ATOM   635  C CG2 . VAL A 1 91  ? 0.568   -5.226  7.091   1.00 22.35 ? 91   VAL A CG2 1 
ATOM   636  N N   . LEU A 1 92  ? 0.048   -6.888  4.515   1.00 21.82 ? 92   LEU A N   1 
ATOM   637  C CA  . LEU A 1 92  ? 0.853   -7.873  3.794   1.00 22.53 ? 92   LEU A CA  1 
ATOM   638  C C   . LEU A 1 92  ? 2.301   -7.771  4.262   1.00 23.16 ? 92   LEU A C   1 
ATOM   639  O O   . LEU A 1 92  ? 2.932   -6.719  4.146   1.00 23.48 ? 92   LEU A O   1 
ATOM   640  C CB  . LEU A 1 92  ? 0.781   -7.629  2.279   1.00 21.98 ? 92   LEU A CB  1 
ATOM   641  C CG  . LEU A 1 92  ? 1.646   -8.522  1.379   1.00 21.56 ? 92   LEU A CG  1 
ATOM   642  C CD1 . LEU A 1 92  ? 1.333   -9.990  1.629   1.00 22.33 ? 92   LEU A CD1 1 
ATOM   643  C CD2 . LEU A 1 92  ? 1.392   -8.167  -0.080  1.00 21.93 ? 92   LEU A CD2 1 
ATOM   644  N N   . ASN A 1 93  ? 2.821   -8.872  4.791   1.00 23.98 ? 93   ASN A N   1 
ATOM   645  C CA  . ASN A 1 93  ? 4.190   -8.922  5.294   1.00 24.55 ? 93   ASN A CA  1 
ATOM   646  C C   . ASN A 1 93  ? 5.135   -9.553  4.275   1.00 24.36 ? 93   ASN A C   1 
ATOM   647  O O   . ASN A 1 93  ? 4.828   -10.588 3.688   1.00 24.83 ? 93   ASN A O   1 
ATOM   648  C CB  . ASN A 1 93  ? 4.218   -9.724  6.598   1.00 27.16 ? 93   ASN A CB  1 
ATOM   649  C CG  . ASN A 1 93  ? 3.380   -9.085  7.692   1.00 30.03 ? 93   ASN A CG  1 
ATOM   650  O OD1 . ASN A 1 93  ? 2.713   -9.775  8.464   1.00 33.73 ? 93   ASN A OD1 1 
ATOM   651  N ND2 . ASN A 1 93  ? 3.419   -7.764  7.769   1.00 31.32 ? 93   ASN A ND2 1 
ATOM   652  N N   . MET A 1 94  ? 6.289   -8.929  4.067   1.00 23.35 ? 94   MET A N   1 
ATOM   653  C CA  . MET A 1 94  ? 7.261   -9.446  3.119   1.00 25.52 ? 94   MET A CA  1 
ATOM   654  C C   . MET A 1 94  ? 8.680   -9.069  3.519   1.00 25.35 ? 94   MET A C   1 
ATOM   655  O O   . MET A 1 94  ? 8.903   -8.123  4.279   1.00 27.28 ? 94   MET A O   1 
ATOM   656  C CB  . MET A 1 94  ? 6.978   -8.900  1.717   1.00 25.66 ? 94   MET A CB  1 
ATOM   657  C CG  . MET A 1 94  ? 7.010   -7.379  1.629   1.00 28.48 ? 94   MET A CG  1 
ATOM   658  S SD  . MET A 1 94  ? 6.480   -6.786  0.005   1.00 32.60 ? 94   MET A SD  1 
ATOM   659  C CE  . MET A 1 94  ? 4.748   -7.108  0.106   1.00 28.26 ? 94   MET A CE  1 
ATOM   660  N N   . GLU A 1 95  ? 9.637   -9.808  2.983   1.00 26.30 ? 95   GLU A N   1 
ATOM   661  C CA  . GLU A 1 95  ? 11.039  -9.553  3.259   1.00 28.00 ? 95   GLU A CA  1 
ATOM   662  C C   . GLU A 1 95  ? 11.742  -9.229  1.950   1.00 27.88 ? 95   GLU A C   1 
ATOM   663  O O   . GLU A 1 95  ? 11.545  -9.930  0.956   1.00 28.99 ? 95   GLU A O   1 
ATOM   664  C CB  . GLU A 1 95  ? 11.685  -10.794 3.879   1.00 29.42 ? 95   GLU A CB  1 
ATOM   665  C CG  . GLU A 1 95  ? 13.145  -10.608 4.254   1.00 31.98 ? 95   GLU A CG  1 
ATOM   666  C CD  . GLU A 1 95  ? 13.885  -11.919 4.412   1.00 35.06 ? 95   GLU A CD  1 
ATOM   667  O OE1 . GLU A 1 95  ? 13.226  -12.982 4.458   1.00 36.24 ? 95   GLU A OE1 1 
ATOM   668  O OE2 . GLU A 1 95  ? 15.132  -11.886 4.488   1.00 34.10 ? 95   GLU A OE2 1 
ATOM   669  N N   . ASP A 1 96  ? 12.530  -8.158  1.929   1.00 28.80 ? 96   ASP A N   1 
ATOM   670  C CA  . ASP A 1 96  ? 13.289  -7.821  0.731   1.00 30.08 ? 96   ASP A CA  1 
ATOM   671  C C   . ASP A 1 96  ? 14.766  -7.758  1.094   1.00 31.03 ? 96   ASP A C   1 
ATOM   672  O O   . ASP A 1 96  ? 15.148  -8.110  2.215   1.00 28.37 ? 96   ASP A O   1 
ATOM   673  C CB  . ASP A 1 96  ? 12.824  -6.503  0.088   1.00 31.29 ? 96   ASP A CB  1 
ATOM   674  C CG  . ASP A 1 96  ? 12.984  -5.296  0.993   1.00 34.24 ? 96   ASP A CG  1 
ATOM   675  O OD1 . ASP A 1 96  ? 13.878  -5.289  1.865   1.00 33.00 ? 96   ASP A OD1 1 
ATOM   676  O OD2 . ASP A 1 96  ? 12.210  -4.331  0.805   1.00 35.71 ? 96   ASP A OD2 1 
ATOM   677  N N   . GLU A 1 97  ? 15.599  -7.321  0.157   1.00 31.63 ? 97   GLU A N   1 
ATOM   678  C CA  . GLU A 1 97  ? 17.038  -7.259  0.402   1.00 33.97 ? 97   GLU A CA  1 
ATOM   679  C C   . GLU A 1 97  ? 17.430  -6.296  1.521   1.00 34.05 ? 97   GLU A C   1 
ATOM   680  O O   . GLU A 1 97  ? 18.550  -6.361  2.027   1.00 34.56 ? 97   GLU A O   1 
ATOM   681  C CB  . GLU A 1 97  ? 17.791  -6.868  -0.876  1.00 34.27 ? 97   GLU A CB  1 
ATOM   682  C CG  . GLU A 1 97  ? 17.664  -5.399  -1.253  1.00 37.25 ? 97   GLU A CG  1 
ATOM   683  C CD  . GLU A 1 97  ? 16.314  -5.059  -1.850  1.00 38.29 ? 97   GLU A CD  1 
ATOM   684  O OE1 . GLU A 1 97  ? 15.988  -3.858  -1.928  1.00 42.19 ? 97   GLU A OE1 1 
ATOM   685  O OE2 . GLU A 1 97  ? 15.583  -5.986  -2.251  1.00 38.67 ? 97   GLU A OE2 1 
ATOM   686  N N   . SER A 1 98  ? 16.516  -5.413  1.909   1.00 32.93 ? 98   SER A N   1 
ATOM   687  C CA  . SER A 1 98  ? 16.800  -4.443  2.963   1.00 34.26 ? 98   SER A CA  1 
ATOM   688  C C   . SER A 1 98  ? 16.263  -4.859  4.328   1.00 33.82 ? 98   SER A C   1 
ATOM   689  O O   . SER A 1 98  ? 16.675  -4.322  5.353   1.00 34.54 ? 98   SER A O   1 
ATOM   690  C CB  . SER A 1 98  ? 16.223  -3.073  2.597   1.00 35.76 ? 98   SER A CB  1 
ATOM   691  O OG  . SER A 1 98  ? 16.881  -2.530  1.467   1.00 39.97 ? 98   SER A OG  1 
ATOM   692  N N   . GLY A 1 99  ? 15.341  -5.809  4.343   1.00 32.49 ? 99   GLY A N   1 
ATOM   693  C CA  . GLY A 1 99  ? 14.779  -6.250  5.604   1.00 30.00 ? 99   GLY A CA  1 
ATOM   694  C C   . GLY A 1 99  ? 13.292  -6.488  5.485   1.00 30.06 ? 99   GLY A C   1 
ATOM   695  O O   . GLY A 1 99  ? 12.772  -6.690  4.388   1.00 28.16 ? 99   GLY A O   1 
ATOM   696  N N   . MET A 1 100 ? 12.598  -6.465  6.615   1.00 29.42 ? 100  MET A N   1 
ATOM   697  C CA  . MET A 1 100 ? 11.166  -6.686  6.605   1.00 30.55 ? 100  MET A CA  1 
ATOM   698  C C   . MET A 1 100 ? 10.436  -5.453  6.106   1.00 30.33 ? 100  MET A C   1 
ATOM   699  O O   . MET A 1 100 ? 10.896  -4.322  6.275   1.00 29.33 ? 100  MET A O   1 
ATOM   700  C CB  . MET A 1 100 ? 10.678  -7.065  8.003   1.00 32.12 ? 100  MET A CB  1 
ATOM   701  C CG  . MET A 1 100 ? 11.165  -8.429  8.460   1.00 35.02 ? 100  MET A CG  1 
ATOM   702  S SD  . MET A 1 100 ? 10.788  -9.727  7.255   1.00 38.18 ? 100  MET A SD  1 
ATOM   703  C CE  . MET A 1 100 ? 9.004   -9.860  7.422   1.00 37.53 ? 100  MET A CE  1 
ATOM   704  N N   . ASP A 1 101 ? 9.299   -5.680  5.466   1.00 28.93 ? 101  ASP A N   1 
ATOM   705  C CA  . ASP A 1 101 ? 8.510   -4.585  4.944   1.00 29.71 ? 101  ASP A CA  1 
ATOM   706  C C   . ASP A 1 101 ? 7.056   -4.966  5.142   1.00 30.00 ? 101  ASP A C   1 
ATOM   707  O O   . ASP A 1 101 ? 6.703   -6.142  5.138   1.00 29.68 ? 101  ASP A O   1 
ATOM   708  C CB  . ASP A 1 101 ? 8.822   -4.366  3.461   1.00 29.20 ? 101  ASP A CB  1 
ATOM   709  C CG  . ASP A 1 101 ? 8.273   -3.049  2.934   1.00 33.35 ? 101  ASP A CG  1 
ATOM   710  O OD1 . ASP A 1 101 ? 7.752   -2.240  3.734   1.00 32.50 ? 101  ASP A OD1 1 
ATOM   711  O OD2 . ASP A 1 101 ? 8.373   -2.817  1.713   1.00 34.33 ? 101  ASP A OD2 1 
ATOM   712  N N   . GLU A 1 102 ? 6.219   -3.962  5.342   1.00 29.62 ? 102  GLU A N   1 
ATOM   713  C CA  . GLU A 1 102 ? 4.809   -4.198  5.561   1.00 30.38 ? 102  GLU A CA  1 
ATOM   714  C C   . GLU A 1 102 ? 4.024   -3.320  4.606   1.00 28.86 ? 102  GLU A C   1 
ATOM   715  O O   . GLU A 1 102 ? 4.398   -2.173  4.358   1.00 30.70 ? 102  GLU A O   1 
ATOM   716  C CB  . GLU A 1 102 ? 4.437   -3.847  7.005   1.00 32.52 ? 102  GLU A CB  1 
ATOM   717  C CG  . GLU A 1 102 ? 4.770   -2.404  7.373   1.00 38.19 ? 102  GLU A CG  1 
ATOM   718  C CD  . GLU A 1 102 ? 6.265   -2.165  7.524   1.00 40.60 ? 102  GLU A CD  1 
ATOM   719  O OE1 . GLU A 1 102 ? 6.720   -1.031  7.254   1.00 41.25 ? 102  GLU A OE1 1 
ATOM   720  O OE2 . GLU A 1 102 ? 6.984   -3.106  7.925   1.00 41.78 ? 102  GLU A OE2 1 
ATOM   721  N N   . LYS A 1 103 ? 2.952   -3.862  4.043   1.00 26.77 ? 103  LYS A N   1 
ATOM   722  C CA  . LYS A 1 103 ? 2.116   -3.077  3.145   1.00 25.63 ? 103  LYS A CA  1 
ATOM   723  C C   . LYS A 1 103 ? 0.709   -3.152  3.713   1.00 23.89 ? 103  LYS A C   1 
ATOM   724  O O   . LYS A 1 103 ? 0.106   -4.220  3.735   1.00 23.61 ? 103  LYS A O   1 
ATOM   725  C CB  . LYS A 1 103 ? 2.114   -3.653  1.720   1.00 27.21 ? 103  LYS A CB  1 
ATOM   726  C CG  . LYS A 1 103 ? 3.481   -3.843  1.073   1.00 27.72 ? 103  LYS A CG  1 
ATOM   727  C CD  . LYS A 1 103 ? 4.204   -2.535  0.839   1.00 26.07 ? 103  LYS A CD  1 
ATOM   728  C CE  . LYS A 1 103 ? 5.570   -2.772  0.191   1.00 27.56 ? 103  LYS A CE  1 
ATOM   729  N NZ  . LYS A 1 103 ? 6.395   -1.536  0.177   1.00 27.67 ? 103  LYS A NZ  1 
ATOM   730  N N   . LEU A 1 104 ? 0.196   -2.029  4.196   1.00 22.06 ? 104  LEU A N   1 
ATOM   731  C CA  . LEU A 1 104 ? -1.154  -2.004  4.733   1.00 22.14 ? 104  LEU A CA  1 
ATOM   732  C C   . LEU A 1 104 ? -2.111  -2.281  3.572   1.00 22.05 ? 104  LEU A C   1 
ATOM   733  O O   . LEU A 1 104 ? -1.859  -1.854  2.447   1.00 22.10 ? 104  LEU A O   1 
ATOM   734  C CB  . LEU A 1 104 ? -1.454  -0.630  5.347   1.00 22.25 ? 104  LEU A CB  1 
ATOM   735  C CG  . LEU A 1 104 ? -0.655  -0.238  6.599   1.00 21.12 ? 104  LEU A CG  1 
ATOM   736  C CD1 . LEU A 1 104 ? -0.941  1.213   6.988   1.00 22.07 ? 104  LEU A CD1 1 
ATOM   737  C CD2 . LEU A 1 104 ? -1.024  -1.172  7.732   1.00 21.43 ? 104  LEU A CD2 1 
ATOM   738  N N   . ILE A 1 105 ? -3.191  -3.009  3.841   1.00 21.23 ? 105  ILE A N   1 
ATOM   739  C CA  . ILE A 1 105 ? -4.188  -3.320  2.814   1.00 20.66 ? 105  ILE A CA  1 
ATOM   740  C C   . ILE A 1 105 ? -5.427  -2.513  3.169   1.00 20.89 ? 105  ILE A C   1 
ATOM   741  O O   . ILE A 1 105 ? -5.992  -2.680  4.252   1.00 20.94 ? 105  ILE A O   1 
ATOM   742  C CB  . ILE A 1 105 ? -4.553  -4.823  2.806   1.00 19.29 ? 105  ILE A CB  1 
ATOM   743  C CG1 . ILE A 1 105 ? -3.298  -5.676  2.583   1.00 19.89 ? 105  ILE A CG1 1 
ATOM   744  C CG2 . ILE A 1 105 ? -5.612  -5.104  1.730   1.00 20.53 ? 105  ILE A CG2 1 
ATOM   745  C CD1 . ILE A 1 105 ? -2.531  -5.382  1.312   1.00 18.05 ? 105  ILE A CD1 1 
ATOM   746  N N   . ALA A 1 106 ? -5.856  -1.641  2.262   1.00 19.59 ? 106  ALA A N   1 
ATOM   747  C CA  . ALA A 1 106 ? -7.011  -0.793  2.539   1.00 20.10 ? 106  ALA A CA  1 
ATOM   748  C C   . ALA A 1 106 ? -8.002  -0.647  1.395   1.00 21.53 ? 106  ALA A C   1 
ATOM   749  O O   . ALA A 1 106 ? -7.753  -1.086  0.278   1.00 21.29 ? 106  ALA A O   1 
ATOM   750  C CB  . ALA A 1 106 ? -6.530  0.591   2.962   1.00 18.36 ? 106  ALA A CB  1 
ATOM   751  N N   . LEU A 1 107 ? -9.122  0.000   1.704   1.00 21.61 ? 107  LEU A N   1 
ATOM   752  C CA  . LEU A 1 107 ? -10.183 0.271   0.742   1.00 21.75 ? 107  LEU A CA  1 
ATOM   753  C C   . LEU A 1 107 ? -10.620 1.714   0.961   1.00 21.71 ? 107  LEU A C   1 
ATOM   754  O O   . LEU A 1 107 ? -10.466 2.257   2.057   1.00 23.18 ? 107  LEU A O   1 
ATOM   755  C CB  . LEU A 1 107 ? -11.373 -0.663  0.987   1.00 20.67 ? 107  LEU A CB  1 
ATOM   756  C CG  . LEU A 1 107 ? -11.208 -2.139  0.606   1.00 23.63 ? 107  LEU A CG  1 
ATOM   757  C CD1 . LEU A 1 107 ? -12.237 -2.977  1.335   1.00 25.03 ? 107  LEU A CD1 1 
ATOM   758  C CD2 . LEU A 1 107 ? -11.349 -2.294  -0.904  1.00 23.50 ? 107  LEU A CD2 1 
ATOM   759  N N   . PRO A 1 108 ? -11.149 2.367   -0.082  1.00 22.31 ? 108  PRO A N   1 
ATOM   760  C CA  . PRO A 1 108 ? -11.584 3.750   0.118   1.00 21.86 ? 108  PRO A CA  1 
ATOM   761  C C   . PRO A 1 108 ? -12.729 3.692   1.118   1.00 21.60 ? 108  PRO A C   1 
ATOM   762  O O   . PRO A 1 108 ? -13.390 2.662   1.228   1.00 22.64 ? 108  PRO A O   1 
ATOM   763  C CB  . PRO A 1 108 ? -12.081 4.161   -1.265  1.00 22.19 ? 108  PRO A CB  1 
ATOM   764  C CG  . PRO A 1 108 ? -11.263 3.308   -2.192  1.00 23.05 ? 108  PRO A CG  1 
ATOM   765  C CD  . PRO A 1 108 ? -11.281 1.969   -1.493  1.00 20.85 ? 108  PRO A CD  1 
ATOM   766  N N   . ILE A 1 109 ? -12.966 4.770   1.855   1.00 22.69 ? 109  ILE A N   1 
ATOM   767  C CA  . ILE A 1 109 ? -14.073 4.747   2.799   1.00 24.59 ? 109  ILE A CA  1 
ATOM   768  C C   . ILE A 1 109 ? -15.363 4.692   1.990   1.00 26.24 ? 109  ILE A C   1 
ATOM   769  O O   . ILE A 1 109 ? -15.402 5.154   0.846   1.00 25.66 ? 109  ILE A O   1 
ATOM   770  C CB  . ILE A 1 109 ? -14.082 5.987   3.713   1.00 24.15 ? 109  ILE A CB  1 
ATOM   771  C CG1 . ILE A 1 109 ? -14.022 7.263   2.873   1.00 25.06 ? 109  ILE A CG1 1 
ATOM   772  C CG2 . ILE A 1 109 ? -12.905 5.924   4.694   1.00 23.42 ? 109  ILE A CG2 1 
ATOM   773  C CD1 . ILE A 1 109 ? -14.142 8.531   3.694   1.00 25.62 ? 109  ILE A CD1 1 
ATOM   774  N N   . ASP A 1 110 ? -16.410 4.124   2.580   1.00 26.61 ? 110  ASP A N   1 
ATOM   775  C CA  . ASP A 1 110 ? -17.699 3.991   1.901   1.00 29.65 ? 110  ASP A CA  1 
ATOM   776  C C   . ASP A 1 110 ? -18.262 5.303   1.356   1.00 29.35 ? 110  ASP A C   1 
ATOM   777  O O   . ASP A 1 110 ? -18.971 5.308   0.350   1.00 29.11 ? 110  ASP A O   1 
ATOM   778  C CB  . ASP A 1 110 ? -18.728 3.337   2.835   1.00 30.19 ? 110  ASP A CB  1 
ATOM   779  C CG  . ASP A 1 110 ? -18.453 1.865   3.072   1.00 33.38 ? 110  ASP A CG  1 
ATOM   780  O OD1 . ASP A 1 110 ? -17.623 1.282   2.347   1.00 33.01 ? 110  ASP A OD1 1 
ATOM   781  O OD2 . ASP A 1 110 ? -19.077 1.276   3.980   1.00 36.50 ? 110  ASP A OD2 1 
ATOM   782  N N   . LYS A 1 111 ? -17.949 6.414   2.014   1.00 31.18 ? 111  LYS A N   1 
ATOM   783  C CA  . LYS A 1 111 ? -18.439 7.709   1.561   1.00 32.01 ? 111  LYS A CA  1 
ATOM   784  C C   . LYS A 1 111 ? -17.888 8.031   0.167   1.00 31.71 ? 111  LYS A C   1 
ATOM   785  O O   . LYS A 1 111 ? -18.554 8.681   -0.644  1.00 31.80 ? 111  LYS A O   1 
ATOM   786  C CB  . LYS A 1 111 ? -18.036 8.803   2.555   1.00 35.00 ? 111  LYS A CB  1 
ATOM   787  C CG  . LYS A 1 111 ? -18.599 10.179  2.239   1.00 40.40 ? 111  LYS A CG  1 
ATOM   788  C CD  . LYS A 1 111 ? -18.256 11.177  3.330   1.00 45.32 ? 111  LYS A CD  1 
ATOM   789  C CE  . LYS A 1 111 ? -18.771 12.570  2.997   1.00 47.75 ? 111  LYS A CE  1 
ATOM   790  N NZ  . LYS A 1 111 ? -20.253 12.598  2.851   1.00 50.89 ? 111  LYS A NZ  1 
ATOM   791  N N   . ILE A 1 112 ? -16.674 7.563   -0.109  1.00 28.65 ? 112  ILE A N   1 
ATOM   792  C CA  . ILE A 1 112 ? -16.027 7.790   -1.401  1.00 27.10 ? 112  ILE A CA  1 
ATOM   793  C C   . ILE A 1 112 ? -16.499 6.783   -2.454  1.00 26.32 ? 112  ILE A C   1 
ATOM   794  O O   . ILE A 1 112 ? -16.879 7.162   -3.562  1.00 26.76 ? 112  ILE A O   1 
ATOM   795  C CB  . ILE A 1 112 ? -14.485 7.704   -1.269  1.00 25.79 ? 112  ILE A CB  1 
ATOM   796  C CG1 . ILE A 1 112 ? -13.979 8.868   -0.416  1.00 25.39 ? 112  ILE A CG1 1 
ATOM   797  C CG2 . ILE A 1 112 ? -13.834 7.719   -2.650  1.00 25.64 ? 112  ILE A CG2 1 
ATOM   798  C CD1 . ILE A 1 112 ? -12.490 8.826   -0.132  1.00 23.98 ? 112  ILE A CD1 1 
ATOM   799  N N   . ASP A 1 113 ? -16.463 5.503   -2.099  1.00 27.25 ? 113  ASP A N   1 
ATOM   800  C CA  . ASP A 1 113 ? -16.898 4.428   -2.984  1.00 27.35 ? 113  ASP A CA  1 
ATOM   801  C C   . ASP A 1 113 ? -17.279 3.223   -2.122  1.00 27.44 ? 113  ASP A C   1 
ATOM   802  O O   . ASP A 1 113 ? -16.418 2.609   -1.489  1.00 27.54 ? 113  ASP A O   1 
ATOM   803  C CB  . ASP A 1 113 ? -15.769 4.040   -3.952  1.00 28.43 ? 113  ASP A CB  1 
ATOM   804  C CG  . ASP A 1 113 ? -16.196 2.985   -4.961  1.00 28.49 ? 113  ASP A CG  1 
ATOM   805  O OD1 . ASP A 1 113 ? -17.325 2.468   -4.856  1.00 29.73 ? 113  ASP A OD1 1 
ATOM   806  O OD2 . ASP A 1 113 ? -15.402 2.669   -5.867  1.00 30.04 ? 113  ASP A OD2 1 
ATOM   807  N N   . PRO A 1 114 ? -18.577 2.881   -2.073  1.00 26.81 ? 114  PRO A N   1 
ATOM   808  C CA  . PRO A 1 114 ? -19.062 1.749   -1.281  1.00 26.76 ? 114  PRO A CA  1 
ATOM   809  C C   . PRO A 1 114 ? -19.036 0.405   -2.002  1.00 27.34 ? 114  PRO A C   1 
ATOM   810  O O   . PRO A 1 114 ? -19.545 -0.589  -1.485  1.00 27.17 ? 114  PRO A O   1 
ATOM   811  C CB  . PRO A 1 114 ? -20.481 2.175   -0.924  1.00 28.35 ? 114  PRO A CB  1 
ATOM   812  C CG  . PRO A 1 114 ? -20.917 2.867   -2.183  1.00 27.51 ? 114  PRO A CG  1 
ATOM   813  C CD  . PRO A 1 114 ? -19.703 3.718   -2.529  1.00 27.47 ? 114  PRO A CD  1 
ATOM   814  N N   . THR A 1 115 ? -18.432 0.373   -3.187  1.00 27.91 ? 115  THR A N   1 
ATOM   815  C CA  . THR A 1 115 ? -18.370 -0.854  -3.978  1.00 29.76 ? 115  THR A CA  1 
ATOM   816  C C   . THR A 1 115 ? -18.005 -2.088  -3.158  1.00 29.35 ? 115  THR A C   1 
ATOM   817  O O   . THR A 1 115 ? -18.665 -3.120  -3.262  1.00 28.46 ? 115  THR A O   1 
ATOM   818  C CB  . THR A 1 115 ? -17.366 -0.718  -5.144  1.00 31.93 ? 115  THR A CB  1 
ATOM   819  O OG1 . THR A 1 115 ? -17.809 0.310   -6.037  1.00 34.93 ? 115  THR A OG1 1 
ATOM   820  C CG2 . THR A 1 115 ? -17.263 -2.022  -5.917  1.00 33.52 ? 115  THR A CG2 1 
ATOM   821  N N   . HIS A 1 116 ? -16.959 -1.989  -2.344  1.00 27.94 ? 116  HIS A N   1 
ATOM   822  C CA  . HIS A 1 116 ? -16.547 -3.125  -1.527  1.00 29.20 ? 116  HIS A CA  1 
ATOM   823  C C   . HIS A 1 116 ? -16.811 -2.920  -0.038  1.00 29.12 ? 116  HIS A C   1 
ATOM   824  O O   . HIS A 1 116 ? -16.030 -3.347  0.811   1.00 28.73 ? 116  HIS A O   1 
ATOM   825  C CB  . HIS A 1 116 ? -15.065 -3.433  -1.764  1.00 29.51 ? 116  HIS A CB  1 
ATOM   826  C CG  . HIS A 1 116 ? -14.758 -3.851  -3.167  1.00 29.26 ? 116  HIS A CG  1 
ATOM   827  N ND1 . HIS A 1 116 ? -14.202 -2.996  -4.095  1.00 30.80 ? 116  HIS A ND1 1 
ATOM   828  C CD2 . HIS A 1 116 ? -14.972 -5.023  -3.813  1.00 28.57 ? 116  HIS A CD2 1 
ATOM   829  C CE1 . HIS A 1 116 ? -14.088 -3.623  -5.253  1.00 30.09 ? 116  HIS A CE1 1 
ATOM   830  N NE2 . HIS A 1 116 ? -14.548 -4.853  -5.108  1.00 28.99 ? 116  HIS A NE2 1 
ATOM   831  N N   . SER A 1 117 ? -17.929 -2.275  0.275   1.00 28.20 ? 117  SER A N   1 
ATOM   832  C CA  . SER A 1 117 ? -18.289 -2.026  1.663   1.00 29.29 ? 117  SER A CA  1 
ATOM   833  C C   . SER A 1 117 ? -18.454 -3.337  2.434   1.00 29.19 ? 117  SER A C   1 
ATOM   834  O O   . SER A 1 117 ? -18.364 -3.353  3.660   1.00 30.01 ? 117  SER A O   1 
ATOM   835  C CB  . SER A 1 117 ? -19.588 -1.221  1.733   1.00 29.34 ? 117  SER A CB  1 
ATOM   836  O OG  . SER A 1 117 ? -20.657 -1.934  1.137   1.00 32.04 ? 117  SER A OG  1 
ATOM   837  N N   . TYR A 1 118 ? -18.690 -4.433  1.716   1.00 29.44 ? 118  TYR A N   1 
ATOM   838  C CA  . TYR A 1 118 ? -18.872 -5.742  2.345   1.00 29.27 ? 118  TYR A CA  1 
ATOM   839  C C   . TYR A 1 118 ? -17.574 -6.326  2.887   1.00 29.12 ? 118  TYR A C   1 
ATOM   840  O O   . TYR A 1 118 ? -17.592 -7.265  3.684   1.00 28.95 ? 118  TYR A O   1 
ATOM   841  C CB  . TYR A 1 118 ? -19.489 -6.743  1.358   1.00 29.56 ? 118  TYR A CB  1 
ATOM   842  C CG  . TYR A 1 118 ? -18.628 -7.053  0.153   1.00 30.43 ? 118  TYR A CG  1 
ATOM   843  C CD1 . TYR A 1 118 ? -18.679 -6.254  -0.990  1.00 30.26 ? 118  TYR A CD1 1 
ATOM   844  C CD2 . TYR A 1 118 ? -17.746 -8.133  0.162   1.00 29.90 ? 118  TYR A CD2 1 
ATOM   845  C CE1 . TYR A 1 118 ? -17.873 -6.523  -2.093  1.00 31.13 ? 118  TYR A CE1 1 
ATOM   846  C CE2 . TYR A 1 118 ? -16.936 -8.410  -0.934  1.00 31.39 ? 118  TYR A CE2 1 
ATOM   847  C CZ  . TYR A 1 118 ? -17.004 -7.601  -2.059  1.00 32.16 ? 118  TYR A CZ  1 
ATOM   848  O OH  . TYR A 1 118 ? -16.200 -7.867  -3.146  1.00 34.53 ? 118  TYR A OH  1 
ATOM   849  N N   . VAL A 1 119 ? -16.446 -5.784  2.439   1.00 27.87 ? 119  VAL A N   1 
ATOM   850  C CA  . VAL A 1 119 ? -15.147 -6.260  2.900   1.00 27.39 ? 119  VAL A CA  1 
ATOM   851  C C   . VAL A 1 119 ? -14.839 -5.613  4.243   1.00 27.28 ? 119  VAL A C   1 
ATOM   852  O O   . VAL A 1 119 ? -14.537 -4.424  4.309   1.00 27.88 ? 119  VAL A O   1 
ATOM   853  C CB  . VAL A 1 119 ? -14.035 -5.906  1.895   1.00 27.33 ? 119  VAL A CB  1 
ATOM   854  C CG1 . VAL A 1 119 ? -12.692 -6.415  2.412   1.00 25.70 ? 119  VAL A CG1 1 
ATOM   855  C CG2 . VAL A 1 119 ? -14.344 -6.536  0.537   1.00 24.92 ? 119  VAL A CG2 1 
ATOM   856  N N   . LYS A 1 120 ? -14.916 -6.406  5.309   1.00 28.19 ? 120  LYS A N   1 
ATOM   857  C CA  . LYS A 1 120 ? -14.675 -5.922  6.668   1.00 28.01 ? 120  LYS A CA  1 
ATOM   858  C C   . LYS A 1 120 ? -13.307 -6.318  7.208   1.00 26.90 ? 120  LYS A C   1 
ATOM   859  O O   . LYS A 1 120 ? -12.751 -5.636  8.071   1.00 26.44 ? 120  LYS A O   1 
ATOM   860  C CB  . LYS A 1 120 ? -15.742 -6.476  7.614   1.00 31.56 ? 120  LYS A CB  1 
ATOM   861  C CG  . LYS A 1 120 ? -17.168 -6.309  7.129   1.00 35.25 ? 120  LYS A CG  1 
ATOM   862  C CD  . LYS A 1 120 ? -17.576 -4.851  7.065   1.00 37.59 ? 120  LYS A CD  1 
ATOM   863  C CE  . LYS A 1 120 ? -19.018 -4.726  6.595   1.00 39.07 ? 120  LYS A CE  1 
ATOM   864  N NZ  . LYS A 1 120 ? -19.454 -3.310  6.523   1.00 41.53 ? 120  LYS A NZ  1 
ATOM   865  N N   . ASP A 1 121 ? -12.782 -7.429  6.705   1.00 26.12 ? 121  ASP A N   1 
ATOM   866  C CA  . ASP A 1 121 ? -11.492 -7.952  7.140   1.00 25.45 ? 121  ASP A CA  1 
ATOM   867  C C   . ASP A 1 121 ? -10.814 -8.660  5.970   1.00 25.94 ? 121  ASP A C   1 
ATOM   868  O O   . ASP A 1 121 ? -11.458 -8.972  4.969   1.00 25.81 ? 121  ASP A O   1 
ATOM   869  C CB  . ASP A 1 121 ? -11.701 -8.919  8.310   1.00 25.02 ? 121  ASP A CB  1 
ATOM   870  C CG  . ASP A 1 121 ? -10.517 -8.961  9.255   1.00 26.25 ? 121  ASP A CG  1 
ATOM   871  O OD1 . ASP A 1 121 ? -10.678 -9.493  10.377  1.00 27.50 ? 121  ASP A OD1 1 
ATOM   872  O OD2 . ASP A 1 121 ? -9.429  -8.467  8.882   1.00 23.24 ? 121  ASP A OD2 1 
ATOM   873  N N   . ILE A 1 122 ? -9.517  -8.919  6.106   1.00 26.96 ? 122  ILE A N   1 
ATOM   874  C CA  . ILE A 1 122 ? -8.736  -9.553  5.048   1.00 26.76 ? 122  ILE A CA  1 
ATOM   875  C C   . ILE A 1 122 ? -9.402  -10.779 4.426   1.00 27.18 ? 122  ILE A C   1 
ATOM   876  O O   . ILE A 1 122 ? -9.401  -10.944 3.205   1.00 26.88 ? 122  ILE A O   1 
ATOM   877  C CB  . ILE A 1 122 ? -7.322  -9.944  5.560   1.00 27.75 ? 122  ILE A CB  1 
ATOM   878  C CG1 . ILE A 1 122 ? -6.400  -10.232 4.376   1.00 28.50 ? 122  ILE A CG1 1 
ATOM   879  C CG2 . ILE A 1 122 ? -7.398  -11.150 6.487   1.00 28.53 ? 122  ILE A CG2 1 
ATOM   880  C CD1 . ILE A 1 122 ? -5.953  -8.984  3.645   1.00 28.25 ? 122  ILE A CD1 1 
ATOM   881  N N   . ASP A 1 123 ? -9.987  -11.630 5.259   1.00 27.36 ? 123  ASP A N   1 
ATOM   882  C CA  . ASP A 1 123 ? -10.633 -12.842 4.767   1.00 29.69 ? 123  ASP A CA  1 
ATOM   883  C C   . ASP A 1 123 ? -11.850 -12.598 3.867   1.00 28.12 ? 123  ASP A C   1 
ATOM   884  O O   . ASP A 1 123 ? -12.331 -13.527 3.221   1.00 29.15 ? 123  ASP A O   1 
ATOM   885  C CB  . ASP A 1 123 ? -11.031 -13.726 5.950   1.00 34.23 ? 123  ASP A CB  1 
ATOM   886  C CG  . ASP A 1 123 ? -11.696 -12.940 7.055   1.00 39.41 ? 123  ASP A CG  1 
ATOM   887  O OD1 . ASP A 1 123 ? -11.006 -12.106 7.689   1.00 42.44 ? 123  ASP A OD1 1 
ATOM   888  O OD2 . ASP A 1 123 ? -12.907 -13.146 7.289   1.00 42.35 ? 123  ASP A OD2 1 
ATOM   889  N N   . ASP A 1 124 ? -12.353 -11.366 3.823   1.00 27.30 ? 124  ASP A N   1 
ATOM   890  C CA  . ASP A 1 124 ? -13.510 -11.068 2.976   1.00 25.24 ? 124  ASP A CA  1 
ATOM   891  C C   . ASP A 1 124 ? -13.088 -10.845 1.524   1.00 25.93 ? 124  ASP A C   1 
ATOM   892  O O   . ASP A 1 124 ? -13.920 -10.865 0.609   1.00 23.11 ? 124  ASP A O   1 
ATOM   893  C CB  . ASP A 1 124 ? -14.270 -9.841  3.490   1.00 25.36 ? 124  ASP A CB  1 
ATOM   894  C CG  . ASP A 1 124 ? -14.941 -10.090 4.833   1.00 25.85 ? 124  ASP A CG  1 
ATOM   895  O OD1 . ASP A 1 124 ? -15.409 -11.224 5.062   1.00 27.73 ? 124  ASP A OD1 1 
ATOM   896  O OD2 . ASP A 1 124 ? -15.020 -9.153  5.646   1.00 25.83 ? 124  ASP A OD2 1 
ATOM   897  N N   . LEU A 1 125 ? -11.792 -10.628 1.318   1.00 26.23 ? 125  LEU A N   1 
ATOM   898  C CA  . LEU A 1 125 ? -11.249 -10.427 -0.026  1.00 27.96 ? 125  LEU A CA  1 
ATOM   899  C C   . LEU A 1 125 ? -11.155 -11.800 -0.679  1.00 28.97 ? 125  LEU A C   1 
ATOM   900  O O   . LEU A 1 125 ? -10.919 -12.797 0.001   1.00 29.04 ? 125  LEU A O   1 
ATOM   901  C CB  . LEU A 1 125 ? -9.859  -9.785  0.054   1.00 27.41 ? 125  LEU A CB  1 
ATOM   902  C CG  . LEU A 1 125 ? -9.825  -8.329  0.523   1.00 27.21 ? 125  LEU A CG  1 
ATOM   903  C CD1 . LEU A 1 125 ? -8.383  -7.856  0.669   1.00 28.33 ? 125  LEU A CD1 1 
ATOM   904  C CD2 . LEU A 1 125 ? -10.572 -7.468  -0.477  1.00 30.24 ? 125  LEU A CD2 1 
ATOM   905  N N   . SER A 1 126 ? -11.337 -11.859 -1.994  1.00 30.67 ? 126  SER A N   1 
ATOM   906  C CA  . SER A 1 126 ? -11.277 -13.139 -2.686  1.00 32.04 ? 126  SER A CA  1 
ATOM   907  C C   . SER A 1 126 ? -9.870  -13.724 -2.709  1.00 32.70 ? 126  SER A C   1 
ATOM   908  O O   . SER A 1 126 ? -8.872  -13.000 -2.703  1.00 32.14 ? 126  SER A O   1 
ATOM   909  C CB  . SER A 1 126 ? -11.782 -12.999 -4.124  1.00 34.39 ? 126  SER A CB  1 
ATOM   910  O OG  . SER A 1 126 ? -10.796 -12.403 -4.947  1.00 36.55 ? 126  SER A OG  1 
ATOM   911  N N   . LYS A 1 127 ? -9.814  -15.049 -2.741  1.00 31.68 ? 127  LYS A N   1 
ATOM   912  C CA  . LYS A 1 127 ? -8.567  -15.793 -2.783  1.00 31.85 ? 127  LYS A CA  1 
ATOM   913  C C   . LYS A 1 127 ? -7.754  -15.378 -4.006  1.00 30.78 ? 127  LYS A C   1 
ATOM   914  O O   . LYS A 1 127 ? -6.526  -15.270 -3.954  1.00 27.23 ? 127  LYS A O   1 
ATOM   915  C CB  . LYS A 1 127 ? -8.879  -17.288 -2.860  1.00 36.29 ? 127  LYS A CB  1 
ATOM   916  C CG  . LYS A 1 127 ? -7.695  -18.178 -3.180  1.00 39.45 ? 127  LYS A CG  1 
ATOM   917  C CD  . LYS A 1 127 ? -6.646  -18.124 -2.092  1.00 42.71 ? 127  LYS A CD  1 
ATOM   918  C CE  . LYS A 1 127 ? -5.583  -19.186 -2.324  1.00 44.52 ? 127  LYS A CE  1 
ATOM   919  N NZ  . LYS A 1 127 ? -4.450  -19.035 -1.370  1.00 46.54 ? 127  LYS A NZ  1 
ATOM   920  N N   . HIS A 1 128 ? -8.458  -15.141 -5.104  1.00 28.75 ? 128  HIS A N   1 
ATOM   921  C CA  . HIS A 1 128 ? -7.834  -14.753 -6.362  1.00 28.51 ? 128  HIS A CA  1 
ATOM   922  C C   . HIS A 1 128 ? -7.133  -13.404 -6.261  1.00 28.12 ? 128  HIS A C   1 
ATOM   923  O O   . HIS A 1 128 ? -6.019  -13.243 -6.756  1.00 28.86 ? 128  HIS A O   1 
ATOM   924  C CB  . HIS A 1 128 ? -8.905  -14.720 -7.458  1.00 29.08 ? 128  HIS A CB  1 
ATOM   925  C CG  . HIS A 1 128 ? -8.360  -14.554 -8.843  1.00 29.99 ? 128  HIS A CG  1 
ATOM   926  N ND1 . HIS A 1 128 ? -8.150  -13.321 -9.422  1.00 30.91 ? 128  HIS A ND1 1 
ATOM   927  C CD2 . HIS A 1 128 ? -7.994  -15.472 -9.770  1.00 30.49 ? 128  HIS A CD2 1 
ATOM   928  C CE1 . HIS A 1 128 ? -7.682  -13.485 -10.647 1.00 30.56 ? 128  HIS A CE1 1 
ATOM   929  N NE2 . HIS A 1 128 ? -7.578  -14.781 -10.883 1.00 30.75 ? 128  HIS A NE2 1 
ATOM   930  N N   . THR A 1 129 ? -7.783  -12.439 -5.619  1.00 26.51 ? 129  THR A N   1 
ATOM   931  C CA  . THR A 1 129 ? -7.204  -11.110 -5.470  1.00 26.80 ? 129  THR A CA  1 
ATOM   932  C C   . THR A 1 129 ? -5.969  -11.125 -4.575  1.00 25.83 ? 129  THR A C   1 
ATOM   933  O O   . THR A 1 129 ? -4.967  -10.466 -4.868  1.00 23.73 ? 129  THR A O   1 
ATOM   934  C CB  . THR A 1 129 ? -8.224  -10.122 -4.888  1.00 27.76 ? 129  THR A CB  1 
ATOM   935  O OG1 . THR A 1 129 ? -9.399  -10.118 -5.707  1.00 28.31 ? 129  THR A OG1 1 
ATOM   936  C CG2 . THR A 1 129 ? -7.642  -8.715  -4.856  1.00 29.57 ? 129  THR A CG2 1 
ATOM   937  N N   . LEU A 1 130 ? -6.048  -11.873 -3.479  1.00 24.68 ? 130  LEU A N   1 
ATOM   938  C CA  . LEU A 1 130 ? -4.936  -11.985 -2.546  1.00 25.61 ? 130  LEU A CA  1 
ATOM   939  C C   . LEU A 1 130 ? -3.740  -12.651 -3.219  1.00 24.86 ? 130  LEU A C   1 
ATOM   940  O O   . LEU A 1 130 ? -2.608  -12.187 -3.085  1.00 24.06 ? 130  LEU A O   1 
ATOM   941  C CB  . LEU A 1 130 ? -5.364  -12.786 -1.310  1.00 27.08 ? 130  LEU A CB  1 
ATOM   942  C CG  . LEU A 1 130 ? -5.790  -11.988 -0.070  1.00 31.31 ? 130  LEU A CG  1 
ATOM   943  C CD1 . LEU A 1 130 ? -6.626  -10.792 -0.461  1.00 31.40 ? 130  LEU A CD1 1 
ATOM   944  C CD2 . LEU A 1 130 ? -6.547  -12.903 0.888   1.00 29.91 ? 130  LEU A CD2 1 
ATOM   945  N N   . ASP A 1 131 ? -3.991  -13.731 -3.952  1.00 23.46 ? 131  ASP A N   1 
ATOM   946  C CA  . ASP A 1 131 ? -2.917  -14.436 -4.641  1.00 24.77 ? 131  ASP A CA  1 
ATOM   947  C C   . ASP A 1 131 ? -2.270  -13.548 -5.700  1.00 21.98 ? 131  ASP A C   1 
ATOM   948  O O   . ASP A 1 131 ? -1.055  -13.583 -5.884  1.00 20.81 ? 131  ASP A O   1 
ATOM   949  C CB  . ASP A 1 131 ? -3.436  -15.705 -5.320  1.00 28.05 ? 131  ASP A CB  1 
ATOM   950  C CG  . ASP A 1 131 ? -3.878  -16.768 -4.329  1.00 31.92 ? 131  ASP A CG  1 
ATOM   951  O OD1 . ASP A 1 131 ? -3.406  -16.747 -3.175  1.00 33.34 ? 131  ASP A OD1 1 
ATOM   952  O OD2 . ASP A 1 131 ? -4.685  -17.636 -4.722  1.00 35.84 ? 131  ASP A OD2 1 
ATOM   953  N N   . LYS A 1 132 ? -3.082  -12.761 -6.404  1.00 20.55 ? 132  LYS A N   1 
ATOM   954  C CA  . LYS A 1 132 ? -2.552  -11.879 -7.446  1.00 21.21 ? 132  LYS A CA  1 
ATOM   955  C C   . LYS A 1 132 ? -1.634  -10.829 -6.832  1.00 20.30 ? 132  LYS A C   1 
ATOM   956  O O   . LYS A 1 132 ? -0.564  -10.530 -7.363  1.00 19.91 ? 132  LYS A O   1 
ATOM   957  C CB  . LYS A 1 132 ? -3.690  -11.181 -8.211  1.00 20.56 ? 132  LYS A CB  1 
ATOM   958  C CG  . LYS A 1 132 ? -3.194  -10.172 -9.266  1.00 23.91 ? 132  LYS A CG  1 
ATOM   959  C CD  . LYS A 1 132 ? -4.332  -9.423  -9.966  1.00 25.87 ? 132  LYS A CD  1 
ATOM   960  C CE  . LYS A 1 132 ? -5.150  -10.323 -10.880 1.00 28.25 ? 132  LYS A CE  1 
ATOM   961  N NZ  . LYS A 1 132 ? -6.208  -9.563  -11.633 1.00 30.34 ? 132  LYS A NZ  1 
ATOM   962  N N   . ILE A 1 133 ? -2.058  -10.261 -5.710  1.00 20.84 ? 133  ILE A N   1 
ATOM   963  C CA  . ILE A 1 133 ? -1.249  -9.247  -5.043  1.00 21.10 ? 133  ILE A CA  1 
ATOM   964  C C   . ILE A 1 133 ? 0.061   -9.838  -4.535  1.00 22.35 ? 133  ILE A C   1 
ATOM   965  O O   . ILE A 1 133 ? 1.139   -9.254  -4.712  1.00 21.62 ? 133  ILE A O   1 
ATOM   966  C CB  . ILE A 1 133 ? -2.018  -8.616  -3.874  1.00 19.77 ? 133  ILE A CB  1 
ATOM   967  C CG1 . ILE A 1 133 ? -3.169  -7.774  -4.429  1.00 22.25 ? 133  ILE A CG1 1 
ATOM   968  C CG2 . ILE A 1 133 ? -1.069  -7.791  -3.003  1.00 20.75 ? 133  ILE A CG2 1 
ATOM   969  C CD1 . ILE A 1 133 ? -4.070  -7.171  -3.383  1.00 24.17 ? 133  ILE A CD1 1 
ATOM   970  N N   . LYS A 1 134 ? -0.031  -11.006 -3.910  1.00 22.94 ? 134  LYS A N   1 
ATOM   971  C CA  . LYS A 1 134 ? 1.150   -11.673 -3.375  1.00 24.55 ? 134  LYS A CA  1 
ATOM   972  C C   . LYS A 1 134 ? 2.143   -12.027 -4.476  1.00 23.57 ? 134  LYS A C   1 
ATOM   973  O O   . LYS A 1 134 ? 3.348   -11.817 -4.336  1.00 22.69 ? 134  LYS A O   1 
ATOM   974  C CB  . LYS A 1 134 ? 0.734   -12.941 -2.612  1.00 27.60 ? 134  LYS A CB  1 
ATOM   975  C CG  . LYS A 1 134 ? 1.891   -13.848 -2.206  1.00 32.89 ? 134  LYS A CG  1 
ATOM   976  C CD  . LYS A 1 134 ? 1.536   -14.704 -0.985  1.00 36.23 ? 134  LYS A CD  1 
ATOM   977  C CE  . LYS A 1 134 ? 0.344   -15.612 -1.233  1.00 40.20 ? 134  LYS A CE  1 
ATOM   978  N NZ  . LYS A 1 134 ? -0.059  -16.351 0.007   1.00 40.67 ? 134  LYS A NZ  1 
ATOM   979  N N   . HIS A 1 135 ? 1.624   -12.560 -5.577  1.00 23.42 ? 135  HIS A N   1 
ATOM   980  C CA  . HIS A 1 135 ? 2.457   -12.956 -6.701  1.00 22.38 ? 135  HIS A CA  1 
ATOM   981  C C   . HIS A 1 135 ? 3.132   -11.744 -7.354  1.00 21.10 ? 135  HIS A C   1 
ATOM   982  O O   . HIS A 1 135 ? 4.247   -11.843 -7.875  1.00 21.53 ? 135  HIS A O   1 
ATOM   983  C CB  . HIS A 1 135 ? 1.601   -13.728 -7.710  1.00 23.32 ? 135  HIS A CB  1 
ATOM   984  C CG  . HIS A 1 135 ? 2.318   -14.072 -8.975  1.00 23.21 ? 135  HIS A CG  1 
ATOM   985  N ND1 . HIS A 1 135 ? 2.220   -13.305 -10.116 1.00 23.97 ? 135  HIS A ND1 1 
ATOM   986  C CD2 . HIS A 1 135 ? 3.175   -15.078 -9.269  1.00 22.70 ? 135  HIS A CD2 1 
ATOM   987  C CE1 . HIS A 1 135 ? 2.990   -13.822 -11.057 1.00 23.63 ? 135  HIS A CE1 1 
ATOM   988  N NE2 . HIS A 1 135 ? 3.579   -14.899 -10.570 1.00 22.76 ? 135  HIS A NE2 1 
ATOM   989  N N   . PHE A 1 136 ? 2.461   -10.599 -7.318  1.00 20.49 ? 136  PHE A N   1 
ATOM   990  C CA  . PHE A 1 136 ? 3.032   -9.386  -7.894  1.00 20.86 ? 136  PHE A CA  1 
ATOM   991  C C   . PHE A 1 136 ? 4.284   -8.968  -7.125  1.00 21.17 ? 136  PHE A C   1 
ATOM   992  O O   . PHE A 1 136 ? 5.345   -8.728  -7.709  1.00 21.07 ? 136  PHE A O   1 
ATOM   993  C CB  . PHE A 1 136 ? 2.025   -8.238  -7.855  1.00 20.41 ? 136  PHE A CB  1 
ATOM   994  C CG  . PHE A 1 136 ? 2.608   -6.919  -8.268  1.00 20.38 ? 136  PHE A CG  1 
ATOM   995  C CD1 . PHE A 1 136 ? 2.791   -6.615  -9.614  1.00 21.46 ? 136  PHE A CD1 1 
ATOM   996  C CD2 . PHE A 1 136 ? 2.997   -5.989  -7.310  1.00 21.83 ? 136  PHE A CD2 1 
ATOM   997  C CE1 . PHE A 1 136 ? 3.354   -5.400  -10.001 1.00 21.98 ? 136  PHE A CE1 1 
ATOM   998  C CE2 . PHE A 1 136 ? 3.563   -4.770  -7.685  1.00 22.63 ? 136  PHE A CE2 1 
ATOM   999  C CZ  . PHE A 1 136 ? 3.741   -4.474  -9.036  1.00 23.62 ? 136  PHE A CZ  1 
ATOM   1000 N N   . PHE A 1 137 ? 4.164   -8.880  -5.808  1.00 21.77 ? 137  PHE A N   1 
ATOM   1001 C CA  . PHE A 1 137 ? 5.307   -8.473  -4.998  1.00 22.44 ? 137  PHE A CA  1 
ATOM   1002 C C   . PHE A 1 137 ? 6.395   -9.535  -5.019  1.00 23.41 ? 137  PHE A C   1 
ATOM   1003 O O   . PHE A 1 137 ? 7.587   -9.226  -4.953  1.00 23.16 ? 137  PHE A O   1 
ATOM   1004 C CB  . PHE A 1 137 ? 4.845   -8.175  -3.570  1.00 22.49 ? 137  PHE A CB  1 
ATOM   1005 C CG  . PHE A 1 137 ? 4.117   -6.869  -3.445  1.00 22.85 ? 137  PHE A CG  1 
ATOM   1006 C CD1 . PHE A 1 137 ? 4.811   -5.664  -3.531  1.00 23.53 ? 137  PHE A CD1 1 
ATOM   1007 C CD2 . PHE A 1 137 ? 2.735   -6.836  -3.295  1.00 21.57 ? 137  PHE A CD2 1 
ATOM   1008 C CE1 . PHE A 1 137 ? 4.141   -4.445  -3.476  1.00 23.75 ? 137  PHE A CE1 1 
ATOM   1009 C CE2 . PHE A 1 137 ? 2.054   -5.623  -3.239  1.00 22.74 ? 137  PHE A CE2 1 
ATOM   1010 C CZ  . PHE A 1 137 ? 2.761   -4.421  -3.330  1.00 24.66 ? 137  PHE A CZ  1 
ATOM   1011 N N   . GLU A 1 138 ? 5.981   -10.787 -5.144  1.00 23.21 ? 138  GLU A N   1 
ATOM   1012 C CA  . GLU A 1 138 ? 6.933   -11.885 -5.180  1.00 26.05 ? 138  GLU A CA  1 
ATOM   1013 C C   . GLU A 1 138 ? 7.781   -11.883 -6.456  1.00 26.23 ? 138  GLU A C   1 
ATOM   1014 O O   . GLU A 1 138 ? 8.897   -12.403 -6.457  1.00 26.96 ? 138  GLU A O   1 
ATOM   1015 C CB  . GLU A 1 138 ? 6.187   -13.214 -5.071  1.00 27.69 ? 138  GLU A CB  1 
ATOM   1016 C CG  . GLU A 1 138 ? 7.027   -14.353 -4.547  1.00 35.07 ? 138  GLU A CG  1 
ATOM   1017 C CD  . GLU A 1 138 ? 6.575   -14.803 -3.168  1.00 39.04 ? 138  GLU A CD  1 
ATOM   1018 O OE1 . GLU A 1 138 ? 5.482   -15.420 -3.066  1.00 39.93 ? 138  GLU A OE1 1 
ATOM   1019 O OE2 . GLU A 1 138 ? 7.300   -14.531 -2.187  1.00 39.23 ? 138  GLU A OE2 1 
ATOM   1020 N N   . THR A 1 139 ? 7.277   -11.279 -7.531  1.00 23.40 ? 139  THR A N   1 
ATOM   1021 C CA  . THR A 1 139 ? 8.006   -11.293 -8.800  1.00 22.73 ? 139  THR A CA  1 
ATOM   1022 C C   . THR A 1 139 ? 8.353   -9.973  -9.488  1.00 22.91 ? 139  THR A C   1 
ATOM   1023 O O   . THR A 1 139 ? 9.194   -9.957  -10.384 1.00 24.43 ? 139  THR A O   1 
ATOM   1024 C CB  . THR A 1 139 ? 7.233   -12.114 -9.849  1.00 23.09 ? 139  THR A CB  1 
ATOM   1025 O OG1 . THR A 1 139 ? 5.987   -11.461 -10.142 1.00 22.24 ? 139  THR A OG1 1 
ATOM   1026 C CG2 . THR A 1 139 ? 6.960   -13.516 -9.342  1.00 21.82 ? 139  THR A CG2 1 
ATOM   1027 N N   . TYR A 1 140 ? 7.729   -8.874  -9.081  1.00 22.06 ? 140  TYR A N   1 
ATOM   1028 C CA  . TYR A 1 140 ? 7.959   -7.599  -9.752  1.00 22.65 ? 140  TYR A CA  1 
ATOM   1029 C C   . TYR A 1 140 ? 9.379   -7.045  -9.692  1.00 24.40 ? 140  TYR A C   1 
ATOM   1030 O O   . TYR A 1 140 ? 9.729   -6.141  -10.453 1.00 25.71 ? 140  TYR A O   1 
ATOM   1031 C CB  . TYR A 1 140 ? 6.939   -6.561  -9.264  1.00 20.63 ? 140  TYR A CB  1 
ATOM   1032 C CG  . TYR A 1 140 ? 7.283   -5.812  -7.994  1.00 22.93 ? 140  TYR A CG  1 
ATOM   1033 C CD1 . TYR A 1 140 ? 7.618   -6.486  -6.820  1.00 22.17 ? 140  TYR A CD1 1 
ATOM   1034 C CD2 . TYR A 1 140 ? 7.202   -4.418  -7.953  1.00 23.18 ? 140  TYR A CD2 1 
ATOM   1035 C CE1 . TYR A 1 140 ? 7.857   -5.786  -5.634  1.00 23.88 ? 140  TYR A CE1 1 
ATOM   1036 C CE2 . TYR A 1 140 ? 7.437   -3.712  -6.776  1.00 24.39 ? 140  TYR A CE2 1 
ATOM   1037 C CZ  . TYR A 1 140 ? 7.762   -4.404  -5.623  1.00 25.87 ? 140  TYR A CZ  1 
ATOM   1038 O OH  . TYR A 1 140 ? 7.976   -3.712  -4.454  1.00 26.90 ? 140  TYR A OH  1 
ATOM   1039 N N   . LYS A 1 141 ? 10.199  -7.587  -8.799  1.00 24.15 ? 141  LYS A N   1 
ATOM   1040 C CA  . LYS A 1 141 ? 11.584  -7.144  -8.698  1.00 26.78 ? 141  LYS A CA  1 
ATOM   1041 C C   . LYS A 1 141 ? 12.543  -8.238  -9.145  1.00 25.53 ? 141  LYS A C   1 
ATOM   1042 O O   . LYS A 1 141 ? 13.755  -8.105  -8.981  1.00 26.12 ? 141  LYS A O   1 
ATOM   1043 C CB  . LYS A 1 141 ? 11.918  -6.707  -7.269  1.00 28.72 ? 141  LYS A CB  1 
ATOM   1044 C CG  . LYS A 1 141 ? 11.380  -5.341  -6.909  1.00 31.98 ? 141  LYS A CG  1 
ATOM   1045 C CD  . LYS A 1 141 ? 11.850  -4.916  -5.536  1.00 36.51 ? 141  LYS A CD  1 
ATOM   1046 C CE  . LYS A 1 141 ? 11.409  -3.505  -5.227  1.00 38.59 ? 141  LYS A CE  1 
ATOM   1047 N NZ  . LYS A 1 141 ? 11.928  -3.058  -3.902  1.00 42.84 ? 141  LYS A NZ  1 
ATOM   1048 N N   . ASP A 1 142 ? 12.011  -9.314  -9.719  1.00 25.14 ? 142  ASP A N   1 
ATOM   1049 C CA  . ASP A 1 142 ? 12.865  -10.409 -10.186 1.00 25.96 ? 142  ASP A CA  1 
ATOM   1050 C C   . ASP A 1 142 ? 13.981  -9.905  -11.094 1.00 26.46 ? 142  ASP A C   1 
ATOM   1051 O O   . ASP A 1 142 ? 15.146  -10.236 -10.893 1.00 26.37 ? 142  ASP A O   1 
ATOM   1052 C CB  . ASP A 1 142 ? 12.069  -11.465 -10.973 1.00 26.28 ? 142  ASP A CB  1 
ATOM   1053 C CG  . ASP A 1 142 ? 11.204  -12.360 -10.089 1.00 27.96 ? 142  ASP A CG  1 
ATOM   1054 O OD1 . ASP A 1 142 ? 11.439  -12.430 -8.861  1.00 28.12 ? 142  ASP A OD1 1 
ATOM   1055 O OD2 . ASP A 1 142 ? 10.293  -13.013 -10.649 1.00 24.65 ? 142  ASP A OD2 1 
ATOM   1056 N N   . LEU A 1 143 ? 13.617  -9.104  -12.093 1.00 24.27 ? 143  LEU A N   1 
ATOM   1057 C CA  . LEU A 1 143 ? 14.580  -8.590  -13.063 1.00 24.17 ? 143  LEU A CA  1 
ATOM   1058 C C   . LEU A 1 143 ? 15.517  -7.498  -12.561 1.00 24.73 ? 143  LEU A C   1 
ATOM   1059 O O   . LEU A 1 143 ? 16.482  -7.158  -13.233 1.00 23.87 ? 143  LEU A O   1 
ATOM   1060 C CB  . LEU A 1 143 ? 13.841  -8.088  -14.310 1.00 22.91 ? 143  LEU A CB  1 
ATOM   1061 C CG  . LEU A 1 143 ? 13.070  -9.159  -15.093 1.00 25.35 ? 143  LEU A CG  1 
ATOM   1062 C CD1 . LEU A 1 143 ? 12.201  -8.502  -16.152 1.00 23.68 ? 143  LEU A CD1 1 
ATOM   1063 C CD2 . LEU A 1 143 ? 14.045  -10.140 -15.729 1.00 25.63 ? 143  LEU A CD2 1 
ATOM   1064 N N   . GLU A 1 144 ? 15.225  -6.928  -11.398 1.00 25.14 ? 144  GLU A N   1 
ATOM   1065 C CA  . GLU A 1 144 ? 16.089  -5.885  -10.870 1.00 25.95 ? 144  GLU A CA  1 
ATOM   1066 C C   . GLU A 1 144 ? 17.267  -6.523  -10.156 1.00 28.17 ? 144  GLU A C   1 
ATOM   1067 O O   . GLU A 1 144 ? 17.095  -7.300  -9.221  1.00 27.87 ? 144  GLU A O   1 
ATOM   1068 C CB  . GLU A 1 144 ? 15.316  -4.973  -9.927  1.00 26.47 ? 144  GLU A CB  1 
ATOM   1069 C CG  . GLU A 1 144 ? 14.348  -4.058  -10.657 1.00 28.57 ? 144  GLU A CG  1 
ATOM   1070 C CD  . GLU A 1 144 ? 13.628  -3.113  -9.729  1.00 30.66 ? 144  GLU A CD  1 
ATOM   1071 O OE1 . GLU A 1 144 ? 14.273  -2.616  -8.785  1.00 29.92 ? 144  GLU A OE1 1 
ATOM   1072 O OE2 . GLU A 1 144 ? 12.423  -2.855  -9.953  1.00 29.07 ? 144  GLU A OE2 1 
ATOM   1073 N N   . PRO A 1 145 ? 18.489  -6.215  -10.605 1.00 29.92 ? 145  PRO A N   1 
ATOM   1074 C CA  . PRO A 1 145 ? 19.684  -6.787  -9.980  1.00 30.85 ? 145  PRO A CA  1 
ATOM   1075 C C   . PRO A 1 145 ? 19.882  -6.375  -8.524  1.00 30.98 ? 145  PRO A C   1 
ATOM   1076 O O   . PRO A 1 145 ? 19.624  -5.235  -8.146  1.00 31.15 ? 145  PRO A O   1 
ATOM   1077 C CB  . PRO A 1 145 ? 20.811  -6.301  -10.887 1.00 31.49 ? 145  PRO A CB  1 
ATOM   1078 C CG  . PRO A 1 145 ? 20.272  -5.016  -11.450 1.00 33.30 ? 145  PRO A CG  1 
ATOM   1079 C CD  . PRO A 1 145 ? 18.846  -5.368  -11.754 1.00 30.02 ? 145  PRO A CD  1 
ATOM   1080 N N   . ASN A 1 146 ? 20.321  -7.327  -7.708  1.00 33.25 ? 146  ASN A N   1 
ATOM   1081 C CA  . ASN A 1 146 ? 20.588  -7.073  -6.296  1.00 35.25 ? 146  ASN A CA  1 
ATOM   1082 C C   . ASN A 1 146 ? 19.341  -6.776  -5.469  1.00 35.69 ? 146  ASN A C   1 
ATOM   1083 O O   . ASN A 1 146 ? 19.436  -6.283  -4.343  1.00 36.59 ? 146  ASN A O   1 
ATOM   1084 C CB  . ASN A 1 146 ? 21.587  -5.917  -6.165  1.00 37.82 ? 146  ASN A CB  1 
ATOM   1085 C CG  . ASN A 1 146 ? 22.806  -6.103  -7.049  1.00 39.83 ? 146  ASN A CG  1 
ATOM   1086 O OD1 . ASN A 1 146 ? 23.454  -7.145  -7.010  1.00 41.43 ? 146  ASN A OD1 1 
ATOM   1087 N ND2 . ASN A 1 146 ? 23.122  -5.090  -7.855  1.00 41.47 ? 146  ASN A ND2 1 
ATOM   1088 N N   . LYS A 1 147 ? 18.171  -7.074  -6.022  1.00 34.58 ? 147  LYS A N   1 
ATOM   1089 C CA  . LYS A 1 147 ? 16.918  -6.846  -5.310  1.00 34.29 ? 147  LYS A CA  1 
ATOM   1090 C C   . LYS A 1 147 ? 16.031  -8.084  -5.391  1.00 32.65 ? 147  LYS A C   1 
ATOM   1091 O O   . LYS A 1 147 ? 16.102  -8.848  -6.351  1.00 31.83 ? 147  LYS A O   1 
ATOM   1092 C CB  . LYS A 1 147 ? 16.192  -5.631  -5.893  1.00 36.43 ? 147  LYS A CB  1 
ATOM   1093 C CG  . LYS A 1 147 ? 16.902  -4.316  -5.614  1.00 39.65 ? 147  LYS A CG  1 
ATOM   1094 C CD  . LYS A 1 147 ? 16.206  -3.154  -6.288  1.00 42.68 ? 147  LYS A CD  1 
ATOM   1095 C CE  . LYS A 1 147 ? 16.858  -1.829  -5.926  1.00 43.45 ? 147  LYS A CE  1 
ATOM   1096 N NZ  . LYS A 1 147 ? 16.658  -1.500  -4.489  1.00 46.25 ? 147  LYS A NZ  1 
ATOM   1097 N N   . TRP A 1 148 ? 15.203  -8.286  -4.373  1.00 32.06 ? 148  TRP A N   1 
ATOM   1098 C CA  . TRP A 1 148 ? 14.315  -9.441  -4.335  1.00 32.13 ? 148  TRP A CA  1 
ATOM   1099 C C   . TRP A 1 148 ? 13.267  -9.283  -3.247  1.00 31.36 ? 148  TRP A C   1 
ATOM   1100 O O   . TRP A 1 148 ? 13.430  -8.482  -2.327  1.00 31.09 ? 148  TRP A O   1 
ATOM   1101 C CB  . TRP A 1 148 ? 15.108  -10.727 -4.083  1.00 33.04 ? 148  TRP A CB  1 
ATOM   1102 C CG  . TRP A 1 148 ? 16.017  -10.661 -2.877  1.00 34.67 ? 148  TRP A CG  1 
ATOM   1103 C CD1 . TRP A 1 148 ? 17.331  -10.290 -2.861  1.00 35.63 ? 148  TRP A CD1 1 
ATOM   1104 C CD2 . TRP A 1 148 ? 15.664  -10.940 -1.513  1.00 34.52 ? 148  TRP A CD2 1 
ATOM   1105 N NE1 . TRP A 1 148 ? 17.820  -10.322 -1.574  1.00 35.46 ? 148  TRP A NE1 1 
ATOM   1106 C CE2 . TRP A 1 148 ? 16.816  -10.716 -0.727  1.00 34.59 ? 148  TRP A CE2 1 
ATOM   1107 C CE3 . TRP A 1 148 ? 14.485  -11.356 -0.880  1.00 33.56 ? 148  TRP A CE3 1 
ATOM   1108 C CZ2 . TRP A 1 148 ? 16.824  -10.891 0.660   1.00 35.00 ? 148  TRP A CZ2 1 
ATOM   1109 C CZ3 . TRP A 1 148 ? 14.492  -11.532 0.499   1.00 33.97 ? 148  TRP A CZ3 1 
ATOM   1110 C CH2 . TRP A 1 148 ? 15.657  -11.299 1.254   1.00 34.32 ? 148  TRP A CH2 1 
ATOM   1111 N N   . VAL A 1 149 ? 12.191  -10.054 -3.358  1.00 30.00 ? 149  VAL A N   1 
ATOM   1112 C CA  . VAL A 1 149 ? 11.115  -9.997  -2.382  1.00 29.74 ? 149  VAL A CA  1 
ATOM   1113 C C   . VAL A 1 149 ? 10.592  -11.388 -2.053  1.00 30.59 ? 149  VAL A C   1 
ATOM   1114 O O   . VAL A 1 149 ? 10.286  -12.172 -2.950  1.00 30.61 ? 149  VAL A O   1 
ATOM   1115 C CB  . VAL A 1 149 ? 9.916   -9.159  -2.899  1.00 29.34 ? 149  VAL A CB  1 
ATOM   1116 C CG1 . VAL A 1 149 ? 8.827   -9.105  -1.832  1.00 29.66 ? 149  VAL A CG1 1 
ATOM   1117 C CG2 . VAL A 1 149 ? 10.370  -7.751  -3.259  1.00 30.22 ? 149  VAL A CG2 1 
ATOM   1118 N N   . LYS A 1 150 ? 10.509  -11.691 -0.761  1.00 29.20 ? 150  LYS A N   1 
ATOM   1119 C CA  . LYS A 1 150 ? 9.968   -12.965 -0.303  1.00 31.35 ? 150  LYS A CA  1 
ATOM   1120 C C   . LYS A 1 150 ? 8.732   -12.616 0.508   1.00 30.21 ? 150  LYS A C   1 
ATOM   1121 O O   . LYS A 1 150 ? 8.839   -12.103 1.619   1.00 29.25 ? 150  LYS A O   1 
ATOM   1122 C CB  . LYS A 1 150 ? 10.960  -13.709 0.594   1.00 33.89 ? 150  LYS A CB  1 
ATOM   1123 C CG  . LYS A 1 150 ? 12.177  -14.288 -0.113  1.00 38.53 ? 150  LYS A CG  1 
ATOM   1124 C CD  . LYS A 1 150 ? 13.040  -15.059 0.887   1.00 41.07 ? 150  LYS A CD  1 
ATOM   1125 C CE  . LYS A 1 150 ? 14.226  -15.740 0.219   1.00 44.63 ? 150  LYS A CE  1 
ATOM   1126 N NZ  . LYS A 1 150 ? 15.231  -14.773 -0.320  1.00 46.12 ? 150  LYS A NZ  1 
ATOM   1127 N N   . VAL A 1 151 ? 7.558   -12.886 -0.052  1.00 29.24 ? 151  VAL A N   1 
ATOM   1128 C CA  . VAL A 1 151 ? 6.309   -12.582 0.630   1.00 28.83 ? 151  VAL A CA  1 
ATOM   1129 C C   . VAL A 1 151 ? 5.986   -13.615 1.701   1.00 29.33 ? 151  VAL A C   1 
ATOM   1130 O O   . VAL A 1 151 ? 6.069   -14.818 1.456   1.00 30.27 ? 151  VAL A O   1 
ATOM   1131 C CB  . VAL A 1 151 ? 5.138   -12.531 -0.373  1.00 28.76 ? 151  VAL A CB  1 
ATOM   1132 C CG1 . VAL A 1 151 ? 3.860   -12.151 0.346   1.00 28.89 ? 151  VAL A CG1 1 
ATOM   1133 C CG2 . VAL A 1 151 ? 5.448   -11.539 -1.480  1.00 26.79 ? 151  VAL A CG2 1 
ATOM   1134 N N   . LYS A 1 152 ? 5.614   -13.151 2.890   1.00 28.58 ? 152  LYS A N   1 
ATOM   1135 C CA  . LYS A 1 152 ? 5.281   -14.071 3.971   1.00 29.94 ? 152  LYS A CA  1 
ATOM   1136 C C   . LYS A 1 152 ? 3.803   -14.437 3.916   1.00 30.31 ? 152  LYS A C   1 
ATOM   1137 O O   . LYS A 1 152 ? 3.449   -15.612 3.867   1.00 31.48 ? 152  LYS A O   1 
ATOM   1138 C CB  . LYS A 1 152 ? 5.606   -13.443 5.329   1.00 31.23 ? 152  LYS A CB  1 
ATOM   1139 C CG  . LYS A 1 152 ? 7.038   -12.948 5.455   1.00 33.90 ? 152  LYS A CG  1 
ATOM   1140 C CD  . LYS A 1 152 ? 8.051   -14.056 5.189   1.00 34.26 ? 152  LYS A CD  1 
ATOM   1141 C CE  . LYS A 1 152 ? 9.468   -13.517 5.255   1.00 37.03 ? 152  LYS A CE  1 
ATOM   1142 N NZ  . LYS A 1 152 ? 10.482  -14.544 4.891   1.00 37.34 ? 152  LYS A NZ  1 
ATOM   1143 N N   . GLY A 1 153 ? 2.946   -13.420 3.917   1.00 27.84 ? 153  GLY A N   1 
ATOM   1144 C CA  . GLY A 1 153 ? 1.515   -13.663 3.874   1.00 28.18 ? 153  GLY A CA  1 
ATOM   1145 C C   . GLY A 1 153 ? 0.736   -12.480 4.407   1.00 26.21 ? 153  GLY A C   1 
ATOM   1146 O O   . GLY A 1 153 ? 1.325   -11.468 4.788   1.00 27.28 ? 153  GLY A O   1 
ATOM   1147 N N   . PHE A 1 154 ? -0.589  -12.599 4.428   1.00 24.28 ? 154  PHE A N   1 
ATOM   1148 C CA  . PHE A 1 154 ? -1.449  -11.530 4.923   1.00 23.39 ? 154  PHE A CA  1 
ATOM   1149 C C   . PHE A 1 154 ? -1.891  -11.762 6.362   1.00 23.93 ? 154  PHE A C   1 
ATOM   1150 O O   . PHE A 1 154 ? -2.017  -12.902 6.808   1.00 25.31 ? 154  PHE A O   1 
ATOM   1151 C CB  . PHE A 1 154 ? -2.721  -11.416 4.079   1.00 22.94 ? 154  PHE A CB  1 
ATOM   1152 C CG  . PHE A 1 154 ? -2.483  -10.997 2.661   1.00 23.77 ? 154  PHE A CG  1 
ATOM   1153 C CD1 . PHE A 1 154 ? -2.162  -11.934 1.688   1.00 24.57 ? 154  PHE A CD1 1 
ATOM   1154 C CD2 . PHE A 1 154 ? -2.607  -9.662  2.293   1.00 24.06 ? 154  PHE A CD2 1 
ATOM   1155 C CE1 . PHE A 1 154 ? -1.967  -11.549 0.362   1.00 25.96 ? 154  PHE A CE1 1 
ATOM   1156 C CE2 . PHE A 1 154 ? -2.414  -9.264  0.971   1.00 24.96 ? 154  PHE A CE2 1 
ATOM   1157 C CZ  . PHE A 1 154 ? -2.096  -10.210 0.005   1.00 25.31 ? 154  PHE A CZ  1 
ATOM   1158 N N   . GLU A 1 155 ? -2.136  -10.670 7.079   1.00 23.24 ? 155  GLU A N   1 
ATOM   1159 C CA  . GLU A 1 155 ? -2.636  -10.735 8.446   1.00 24.86 ? 155  GLU A CA  1 
ATOM   1160 C C   . GLU A 1 155 ? -3.891  -9.871  8.458   1.00 25.37 ? 155  GLU A C   1 
ATOM   1161 O O   . GLU A 1 155 ? -4.064  -9.022  7.580   1.00 24.23 ? 155  GLU A O   1 
ATOM   1162 C CB  . GLU A 1 155 ? -1.597  -10.213 9.438   1.00 25.60 ? 155  GLU A CB  1 
ATOM   1163 C CG  . GLU A 1 155 ? -0.280  -10.961 9.337   1.00 29.25 ? 155  GLU A CG  1 
ATOM   1164 C CD  . GLU A 1 155 ? 0.528   -10.921 10.614  1.00 31.33 ? 155  GLU A CD  1 
ATOM   1165 O OE1 . GLU A 1 155 ? 0.561   -9.861  11.271  1.00 32.28 ? 155  GLU A OE1 1 
ATOM   1166 O OE2 . GLU A 1 155 ? 1.145   -11.953 10.953  1.00 33.05 ? 155  GLU A OE2 1 
ATOM   1167 N N   . ASN A 1 156 ? -4.765  -10.082 9.438   1.00 23.59 ? 156  ASN A N   1 
ATOM   1168 C CA  . ASN A 1 156 ? -6.019  -9.348  9.502   1.00 23.61 ? 156  ASN A CA  1 
ATOM   1169 C C   . ASN A 1 156 ? -5.963  -7.884  9.927   1.00 22.55 ? 156  ASN A C   1 
ATOM   1170 O O   . ASN A 1 156 ? -4.899  -7.336  10.222  1.00 24.31 ? 156  ASN A O   1 
ATOM   1171 C CB  . ASN A 1 156 ? -7.023  -10.093 10.390  1.00 23.91 ? 156  ASN A CB  1 
ATOM   1172 C CG  . ASN A 1 156 ? -6.528  -10.286 11.805  1.00 24.83 ? 156  ASN A CG  1 
ATOM   1173 O OD1 . ASN A 1 156 ? -5.730  -9.498  12.313  1.00 24.57 ? 156  ASN A OD1 1 
ATOM   1174 N ND2 . ASN A 1 156 ? -7.020  -11.333 12.461  1.00 24.71 ? 156  ASN A ND2 1 
ATOM   1175 N N   . LYS A 1 157 ? -7.135  -7.259  9.944   1.00 23.95 ? 157  LYS A N   1 
ATOM   1176 C CA  . LYS A 1 157 ? -7.270  -5.855  10.311  1.00 22.20 ? 157  LYS A CA  1 
ATOM   1177 C C   . LYS A 1 157 ? -6.706  -5.544  11.697  1.00 23.92 ? 157  LYS A C   1 
ATOM   1178 O O   . LYS A 1 157 ? -6.090  -4.496  11.904  1.00 24.09 ? 157  LYS A O   1 
ATOM   1179 C CB  . LYS A 1 157 ? -8.744  -5.452  10.242  1.00 23.53 ? 157  LYS A CB  1 
ATOM   1180 C CG  . LYS A 1 157 ? -9.009  -3.982  10.512  1.00 22.99 ? 157  LYS A CG  1 
ATOM   1181 C CD  . LYS A 1 157 ? -10.507 -3.707  10.564  1.00 24.31 ? 157  LYS A CD  1 
ATOM   1182 C CE  . LYS A 1 157 ? -10.771 -2.238  10.789  1.00 26.25 ? 157  LYS A CE  1 
ATOM   1183 N NZ  . LYS A 1 157 ? -12.217 -1.929  10.977  1.00 28.29 ? 157  LYS A NZ  1 
ATOM   1184 N N   . GLU A 1 158 ? -6.918  -6.447  12.648  1.00 25.35 ? 158  GLU A N   1 
ATOM   1185 C CA  . GLU A 1 158 ? -6.411  -6.236  14.001  1.00 27.55 ? 158  GLU A CA  1 
ATOM   1186 C C   . GLU A 1 158 ? -4.891  -6.062  13.954  1.00 26.87 ? 158  GLU A C   1 
ATOM   1187 O O   . GLU A 1 158 ? -4.337  -5.198  14.631  1.00 26.87 ? 158  GLU A O   1 
ATOM   1188 C CB  . GLU A 1 158 ? -6.786  -7.424  14.891  1.00 30.32 ? 158  GLU A CB  1 
ATOM   1189 C CG  . GLU A 1 158 ? -6.254  -7.336  16.307  1.00 37.94 ? 158  GLU A CG  1 
ATOM   1190 C CD  . GLU A 1 158 ? -6.807  -8.435  17.202  1.00 41.69 ? 158  GLU A CD  1 
ATOM   1191 O OE1 . GLU A 1 158 ? -6.340  -8.552  18.354  1.00 44.27 ? 158  GLU A OE1 1 
ATOM   1192 O OE2 . GLU A 1 158 ? -7.709  -9.174  16.754  1.00 42.91 ? 158  GLU A OE2 1 
ATOM   1193 N N   . SER A 1 159 ? -4.227  -6.878  13.140  1.00 26.29 ? 159  SER A N   1 
ATOM   1194 C CA  . SER A 1 159 ? -2.778  -6.805  13.000  1.00 26.00 ? 159  SER A CA  1 
ATOM   1195 C C   . SER A 1 159 ? -2.361  -5.525  12.283  1.00 24.67 ? 159  SER A C   1 
ATOM   1196 O O   . SER A 1 159 ? -1.377  -4.888  12.652  1.00 23.60 ? 159  SER A O   1 
ATOM   1197 C CB  . SER A 1 159 ? -2.256  -8.014  12.226  1.00 26.37 ? 159  SER A CB  1 
ATOM   1198 O OG  . SER A 1 159 ? -0.853  -7.919  12.035  1.00 30.42 ? 159  SER A OG  1 
ATOM   1199 N N   . ALA A 1 160 ? -3.118  -5.152  11.260  1.00 23.34 ? 160  ALA A N   1 
ATOM   1200 C CA  . ALA A 1 160 ? -2.822  -3.948  10.497  1.00 23.49 ? 160  ALA A CA  1 
ATOM   1201 C C   . ALA A 1 160 ? -2.888  -2.708  11.383  1.00 23.54 ? 160  ALA A C   1 
ATOM   1202 O O   . ALA A 1 160 ? -2.068  -1.798  11.253  1.00 23.72 ? 160  ALA A O   1 
ATOM   1203 C CB  . ALA A 1 160 ? -3.803  -3.815  9.328   1.00 20.51 ? 160  ALA A CB  1 
ATOM   1204 N N   . ILE A 1 161 ? -3.874  -2.669  12.274  1.00 24.61 ? 161  ILE A N   1 
ATOM   1205 C CA  . ILE A 1 161 ? -4.042  -1.540  13.185  1.00 24.91 ? 161  ILE A CA  1 
ATOM   1206 C C   . ILE A 1 161 ? -2.813  -1.405  14.078  1.00 24.04 ? 161  ILE A C   1 
ATOM   1207 O O   . ILE A 1 161 ? -2.354  -0.296  14.355  1.00 24.30 ? 161  ILE A O   1 
ATOM   1208 C CB  . ILE A 1 161 ? -5.316  -1.716  14.049  1.00 25.23 ? 161  ILE A CB  1 
ATOM   1209 C CG1 . ILE A 1 161 ? -6.553  -1.565  13.155  1.00 27.82 ? 161  ILE A CG1 1 
ATOM   1210 C CG2 . ILE A 1 161 ? -5.345  -0.679  15.176  1.00 27.54 ? 161  ILE A CG2 1 
ATOM   1211 C CD1 . ILE A 1 161 ? -7.849  -1.988  13.803  1.00 29.48 ? 161  ILE A CD1 1 
ATOM   1212 N N   . LYS A 1 162 ? -2.279  -2.536  14.523  1.00 24.10 ? 162  LYS A N   1 
ATOM   1213 C CA  . LYS A 1 162 ? -1.087  -2.524  15.366  1.00 25.01 ? 162  LYS A CA  1 
ATOM   1214 C C   . LYS A 1 162 ? 0.084   -1.924  14.603  1.00 23.87 ? 162  LYS A C   1 
ATOM   1215 O O   . LYS A 1 162 ? 0.847   -1.123  15.143  1.00 23.37 ? 162  LYS A O   1 
ATOM   1216 C CB  . LYS A 1 162 ? -0.749  -3.946  15.817  1.00 26.30 ? 162  LYS A CB  1 
ATOM   1217 C CG  . LYS A 1 162 ? -1.705  -4.487  16.869  1.00 31.03 ? 162  LYS A CG  1 
ATOM   1218 C CD  . LYS A 1 162 ? -1.330  -5.898  17.287  1.00 34.61 ? 162  LYS A CD  1 
ATOM   1219 C CE  . LYS A 1 162 ? -2.155  -6.349  18.479  1.00 37.99 ? 162  LYS A CE  1 
ATOM   1220 N NZ  . LYS A 1 162 ? -3.616  -6.310  18.194  1.00 39.25 ? 162  LYS A NZ  1 
ATOM   1221 N N   . VAL A 1 163 ? 0.215   -2.313  13.338  1.00 23.37 ? 163  VAL A N   1 
ATOM   1222 C CA  . VAL A 1 163 ? 1.282   -1.816  12.479  1.00 23.61 ? 163  VAL A CA  1 
ATOM   1223 C C   . VAL A 1 163 ? 1.159   -0.310  12.313  1.00 23.80 ? 163  VAL A C   1 
ATOM   1224 O O   . VAL A 1 163 ? 2.149   0.422   12.408  1.00 22.41 ? 163  VAL A O   1 
ATOM   1225 C CB  . VAL A 1 163 ? 1.221   -2.501  11.089  1.00 22.37 ? 163  VAL A CB  1 
ATOM   1226 C CG1 . VAL A 1 163 ? 2.251   -1.896  10.145  1.00 22.32 ? 163  VAL A CG1 1 
ATOM   1227 C CG2 . VAL A 1 163 ? 1.470   -3.994  11.251  1.00 24.81 ? 163  VAL A CG2 1 
ATOM   1228 N N   . LEU A 1 164 ? -0.064  0.153   12.067  1.00 24.73 ? 164  LEU A N   1 
ATOM   1229 C CA  . LEU A 1 164 ? -0.309  1.576   11.891  1.00 24.22 ? 164  LEU A CA  1 
ATOM   1230 C C   . LEU A 1 164 ? 0.007   2.369   13.156  1.00 24.75 ? 164  LEU A C   1 
ATOM   1231 O O   . LEU A 1 164 ? 0.708   3.372   13.099  1.00 26.23 ? 164  LEU A O   1 
ATOM   1232 C CB  . LEU A 1 164 ? -1.768  1.823   11.490  1.00 23.23 ? 164  LEU A CB  1 
ATOM   1233 C CG  . LEU A 1 164 ? -2.164  3.294   11.354  1.00 23.74 ? 164  LEU A CG  1 
ATOM   1234 C CD1 . LEU A 1 164 ? -1.332  3.956   10.252  1.00 23.51 ? 164  LEU A CD1 1 
ATOM   1235 C CD2 . LEU A 1 164 ? -3.637  3.390   11.036  1.00 25.57 ? 164  LEU A CD2 1 
ATOM   1236 N N   . GLU A 1 165 ? -0.509  1.920   14.297  1.00 26.25 ? 165  GLU A N   1 
ATOM   1237 C CA  . GLU A 1 165 ? -0.271  2.634   15.551  1.00 27.02 ? 165  GLU A CA  1 
ATOM   1238 C C   . GLU A 1 165 ? 1.216   2.694   15.885  1.00 26.84 ? 165  GLU A C   1 
ATOM   1239 O O   . GLU A 1 165 ? 1.716   3.710   16.369  1.00 26.32 ? 165  GLU A O   1 
ATOM   1240 C CB  . GLU A 1 165 ? -1.048  1.979   16.695  1.00 30.11 ? 165  GLU A CB  1 
ATOM   1241 C CG  . GLU A 1 165 ? -2.546  1.913   16.437  1.00 34.05 ? 165  GLU A CG  1 
ATOM   1242 C CD  . GLU A 1 165 ? -3.343  1.485   17.654  1.00 38.24 ? 165  GLU A CD  1 
ATOM   1243 O OE1 . GLU A 1 165 ? -2.807  0.713   18.478  1.00 41.23 ? 165  GLU A OE1 1 
ATOM   1244 O OE2 . GLU A 1 165 ? -4.515  1.910   17.775  1.00 38.65 ? 165  GLU A OE2 1 
ATOM   1245 N N   . LYS A 1 166 ? 1.923   1.601   15.625  1.00 26.53 ? 166  LYS A N   1 
ATOM   1246 C CA  . LYS A 1 166 ? 3.355   1.554   15.888  1.00 26.86 ? 166  LYS A CA  1 
ATOM   1247 C C   . LYS A 1 166 ? 4.068   2.572   14.994  1.00 26.95 ? 166  LYS A C   1 
ATOM   1248 O O   . LYS A 1 166 ? 5.008   3.249   15.426  1.00 26.34 ? 166  LYS A O   1 
ATOM   1249 C CB  . LYS A 1 166 ? 3.877   0.144   15.621  1.00 29.12 ? 166  LYS A CB  1 
ATOM   1250 C CG  . LYS A 1 166 ? 5.335   -0.069  15.943  1.00 35.11 ? 166  LYS A CG  1 
ATOM   1251 C CD  . LYS A 1 166 ? 5.650   -1.555  15.945  1.00 38.31 ? 166  LYS A CD  1 
ATOM   1252 C CE  . LYS A 1 166 ? 7.082   -1.804  16.368  1.00 41.51 ? 166  LYS A CE  1 
ATOM   1253 N NZ  . LYS A 1 166 ? 7.359   -3.264  16.480  1.00 45.07 ? 166  LYS A NZ  1 
ATOM   1254 N N   . ALA A 1 167 ? 3.609   2.694   13.750  1.00 25.12 ? 167  ALA A N   1 
ATOM   1255 C CA  . ALA A 1 167 ? 4.207   3.634   12.806  1.00 25.35 ? 167  ALA A CA  1 
ATOM   1256 C C   . ALA A 1 167 ? 3.883   5.075   13.192  1.00 25.55 ? 167  ALA A C   1 
ATOM   1257 O O   . ALA A 1 167 ? 4.695   5.980   12.994  1.00 24.57 ? 167  ALA A O   1 
ATOM   1258 C CB  . ALA A 1 167 ? 3.712   3.345   11.387  1.00 24.61 ? 167  ALA A CB  1 
ATOM   1259 N N   . ILE A 1 168 ? 2.688   5.288   13.731  1.00 25.67 ? 168  ILE A N   1 
ATOM   1260 C CA  . ILE A 1 168 ? 2.289   6.625   14.152  1.00 26.44 ? 168  ILE A CA  1 
ATOM   1261 C C   . ILE A 1 168 ? 3.118   7.052   15.358  1.00 27.43 ? 168  ILE A C   1 
ATOM   1262 O O   . ILE A 1 168 ? 3.627   8.169   15.404  1.00 28.19 ? 168  ILE A O   1 
ATOM   1263 C CB  . ILE A 1 168 ? 0.797   6.668   14.526  1.00 25.57 ? 168  ILE A CB  1 
ATOM   1264 C CG1 . ILE A 1 168 ? -0.049  6.517   13.261  1.00 26.07 ? 168  ILE A CG1 1 
ATOM   1265 C CG2 . ILE A 1 168 ? 0.468   7.981   15.244  1.00 25.45 ? 168  ILE A CG2 1 
ATOM   1266 C CD1 . ILE A 1 168 ? -1.526  6.325   13.529  1.00 25.44 ? 168  ILE A CD1 1 
ATOM   1267 N N   . LYS A 1 169 ? 3.256   6.155   16.332  1.00 28.40 ? 169  LYS A N   1 
ATOM   1268 C CA  . LYS A 1 169 ? 4.029   6.459   17.537  1.00 28.60 ? 169  LYS A CA  1 
ATOM   1269 C C   . LYS A 1 169 ? 5.490   6.728   17.205  1.00 28.20 ? 169  LYS A C   1 
ATOM   1270 O O   . LYS A 1 169 ? 6.096   7.652   17.744  1.00 27.13 ? 169  LYS A O   1 
ATOM   1271 C CB  . LYS A 1 169 ? 3.937   5.301   18.538  1.00 28.91 ? 169  LYS A CB  1 
ATOM   1272 C CG  . LYS A 1 169 ? 4.698   5.553   19.843  1.00 31.96 ? 169  LYS A CG  1 
ATOM   1273 C CD  . LYS A 1 169 ? 4.454   4.450   20.853  1.00 32.98 ? 169  LYS A CD  1 
ATOM   1274 C CE  . LYS A 1 169 ? 5.077   4.785   22.206  1.00 34.38 ? 169  LYS A CE  1 
ATOM   1275 N NZ  . LYS A 1 169 ? 4.735   3.752   23.226  1.00 34.38 ? 169  LYS A NZ  1 
ATOM   1276 N N   . ALA A 1 170 ? 6.050   5.921   16.312  1.00 28.51 ? 170  ALA A N   1 
ATOM   1277 C CA  . ALA A 1 170 ? 7.443   6.077   15.916  1.00 29.51 ? 170  ALA A CA  1 
ATOM   1278 C C   . ALA A 1 170 ? 7.699   7.467   15.346  1.00 30.81 ? 170  ALA A C   1 
ATOM   1279 O O   . ALA A 1 170 ? 8.737   8.071   15.613  1.00 30.68 ? 170  ALA A O   1 
ATOM   1280 C CB  . ALA A 1 170 ? 7.818   5.011   14.888  1.00 29.52 ? 170  ALA A CB  1 
ATOM   1281 N N   . TYR A 1 171 ? 6.753   7.978   14.561  1.00 31.58 ? 171  TYR A N   1 
ATOM   1282 C CA  . TYR A 1 171 ? 6.914   9.302   13.964  1.00 33.69 ? 171  TYR A CA  1 
ATOM   1283 C C   . TYR A 1 171 ? 6.872   10.392  15.027  1.00 35.07 ? 171  TYR A C   1 
ATOM   1284 O O   . TYR A 1 171 ? 7.581   11.393  14.925  1.00 35.30 ? 171  TYR A O   1 
ATOM   1285 C CB  . TYR A 1 171 ? 5.813   9.574   12.933  1.00 32.67 ? 171  TYR A CB  1 
ATOM   1286 C CG  . TYR A 1 171 ? 5.966   10.909  12.231  1.00 33.31 ? 171  TYR A CG  1 
ATOM   1287 C CD1 . TYR A 1 171 ? 6.899   11.079  11.207  1.00 33.17 ? 171  TYR A CD1 1 
ATOM   1288 C CD2 . TYR A 1 171 ? 5.200   12.011  12.612  1.00 33.36 ? 171  TYR A CD2 1 
ATOM   1289 C CE1 . TYR A 1 171 ? 7.064   12.317  10.579  1.00 34.29 ? 171  TYR A CE1 1 
ATOM   1290 C CE2 . TYR A 1 171 ? 5.359   13.250  11.993  1.00 32.85 ? 171  TYR A CE2 1 
ATOM   1291 C CZ  . TYR A 1 171 ? 6.288   13.395  10.982  1.00 34.20 ? 171  TYR A CZ  1 
ATOM   1292 O OH  . TYR A 1 171 ? 6.438   14.622  10.375  1.00 36.87 ? 171  TYR A OH  1 
ATOM   1293 N N   . GLN A 1 172 ? 6.026   10.194  16.033  1.00 37.44 ? 172  GLN A N   1 
ATOM   1294 C CA  . GLN A 1 172 ? 5.873   11.157  17.122  1.00 41.32 ? 172  GLN A CA  1 
ATOM   1295 C C   . GLN A 1 172 ? 7.070   11.170  18.070  1.00 41.42 ? 172  GLN A C   1 
ATOM   1296 O O   . GLN A 1 172 ? 7.977   10.330  17.900  1.00 43.55 ? 172  GLN A O   1 
ATOM   1297 C CB  . GLN A 1 172 ? 4.604   10.852  17.918  1.00 42.68 ? 172  GLN A CB  1 
ATOM   1298 C CG  . GLN A 1 172 ? 3.314   11.026  17.135  1.00 46.27 ? 172  GLN A CG  1 
ATOM   1299 C CD  . GLN A 1 172 ? 2.085   10.612  17.938  1.00 48.80 ? 172  GLN A CD  1 
ATOM   1300 O OE1 . GLN A 1 172 ? 0.948   10.736  17.471  1.00 49.13 ? 172  GLN A OE1 1 
ATOM   1301 N NE2 . GLN A 1 172 ? 2.313   10.113  19.152  1.00 48.91 ? 172  GLN A NE2 1 
HETATM 1302 O O   . HOH B 2 .   ? -2.677  20.900  5.525   1.00 48.44 ? 2001 HOH A O   1 
HETATM 1303 O O   . HOH B 2 .   ? 0.231   21.250  5.587   1.00 42.47 ? 2002 HOH A O   1 
HETATM 1304 O O   . HOH B 2 .   ? 0.492   19.598  2.988   1.00 45.95 ? 2003 HOH A O   1 
HETATM 1305 O O   . HOH B 2 .   ? -10.342 13.060  13.308  1.00 56.08 ? 2004 HOH A O   1 
HETATM 1306 O O   . HOH B 2 .   ? 3.786   23.001  2.250   1.00 56.50 ? 2005 HOH A O   1 
HETATM 1307 O O   . HOH B 2 .   ? 3.477   25.131  6.396   1.00 54.71 ? 2006 HOH A O   1 
HETATM 1308 O O   . HOH B 2 .   ? -8.342  6.813   16.086  1.00 52.41 ? 2007 HOH A O   1 
HETATM 1309 O O   . HOH B 2 .   ? -18.060 9.810   10.150  1.00 57.38 ? 2008 HOH A O   1 
HETATM 1310 O O   . HOH B 2 .   ? -2.354  15.227  2.860   1.00 44.44 ? 2009 HOH A O   1 
HETATM 1311 O O   . HOH B 2 .   ? -13.932 6.042   11.511  1.00 50.79 ? 2010 HOH A O   1 
HETATM 1312 O O   . HOH B 2 .   ? -14.367 11.196  9.679   1.00 47.48 ? 2011 HOH A O   1 
HETATM 1313 O O   . HOH B 2 .   ? -16.440 7.645   7.045   1.00 57.10 ? 2012 HOH A O   1 
HETATM 1314 O O   . HOH B 2 .   ? -0.989  3.035   -20.691 1.00 46.08 ? 2013 HOH A O   1 
HETATM 1315 O O   . HOH B 2 .   ? -7.938  3.982   14.596  1.00 37.96 ? 2014 HOH A O   1 
HETATM 1316 O O   . HOH B 2 .   ? -0.244  15.489  -0.810  1.00 41.18 ? 2015 HOH A O   1 
HETATM 1317 O O   . HOH B 2 .   ? 1.041   20.473  -6.529  0.50 35.34 ? 2016 HOH A O   1 
HETATM 1318 O O   . HOH B 2 .   ? -1.832  5.142   -15.194 1.00 26.43 ? 2017 HOH A O   1 
HETATM 1319 O O   . HOH B 2 .   ? -4.009  8.253   -13.698 1.00 28.11 ? 2018 HOH A O   1 
HETATM 1320 O O   . HOH B 2 .   ? -7.027  6.258   -15.074 1.00 36.04 ? 2019 HOH A O   1 
HETATM 1321 O O   . HOH B 2 .   ? -6.209  1.970   -16.332 1.00 52.65 ? 2020 HOH A O   1 
HETATM 1322 O O   . HOH B 2 .   ? -4.207  4.182   -18.706 1.00 47.02 ? 2021 HOH A O   1 
HETATM 1323 O O   . HOH B 2 .   ? -14.128 9.925   7.110   1.00 52.49 ? 2022 HOH A O   1 
HETATM 1324 O O   . HOH B 2 .   ? 0.351   2.320   -18.380 1.00 32.49 ? 2023 HOH A O   1 
HETATM 1325 O O   . HOH B 2 .   ? 0.324   0.569   -22.292 1.00 54.76 ? 2024 HOH A O   1 
HETATM 1326 O O   . HOH B 2 .   ? -5.660  -22.098 -7.206  1.00 49.10 ? 2025 HOH A O   1 
HETATM 1327 O O   . HOH B 2 .   ? -0.016  18.124  -3.755  1.00 35.96 ? 2026 HOH A O   1 
HETATM 1328 O O   . HOH B 2 .   ? 7.317   9.516   -0.842  1.00 38.47 ? 2027 HOH A O   1 
HETATM 1329 O O   . HOH B 2 .   ? 5.237   4.928   -0.372  1.00 33.50 ? 2028 HOH A O   1 
HETATM 1330 O O   . HOH B 2 .   ? 10.135  -0.116  -5.964  1.00 47.03 ? 2029 HOH A O   1 
HETATM 1331 O O   . HOH B 2 .   ? -4.608  5.768   -13.763 1.00 39.49 ? 2030 HOH A O   1 
HETATM 1332 O O   . HOH B 2 .   ? -8.913  -5.320  -7.921  1.00 43.64 ? 2031 HOH A O   1 
HETATM 1333 O O   . HOH B 2 .   ? -3.499  3.236   -14.683 1.00 26.13 ? 2032 HOH A O   1 
HETATM 1334 O O   . HOH B 2 .   ? 0.507   -0.020  -17.381 1.00 29.80 ? 2033 HOH A O   1 
HETATM 1335 O O   . HOH B 2 .   ? -3.042  0.040   -18.195 1.00 56.71 ? 2034 HOH A O   1 
HETATM 1336 O O   . HOH B 2 .   ? -17.122 -15.210 -0.767  1.00 45.82 ? 2035 HOH A O   1 
HETATM 1337 O O   . HOH B 2 .   ? -7.980  -20.850 -9.317  1.00 47.80 ? 2036 HOH A O   1 
HETATM 1338 O O   . HOH B 2 .   ? -13.315 -20.955 -0.180  1.00 60.30 ? 2037 HOH A O   1 
HETATM 1339 O O   . HOH B 2 .   ? 0.619   4.220   -16.552 1.00 24.47 ? 2038 HOH A O   1 
HETATM 1340 O O   . HOH B 2 .   ? -0.232  6.551   -13.444 1.00 22.15 ? 2039 HOH A O   1 
HETATM 1341 O O   . HOH B 2 .   ? 3.188   0.161   -21.048 1.00 34.19 ? 2040 HOH A O   1 
HETATM 1342 O O   . HOH B 2 .   ? 2.088   -1.625  -19.098 1.00 45.64 ? 2041 HOH A O   1 
HETATM 1343 O O   . HOH B 2 .   ? 2.910   2.360   -19.331 1.00 25.41 ? 2042 HOH A O   1 
HETATM 1344 O O   . HOH B 2 .   ? 20.687  -14.155 -7.942  1.00 61.65 ? 2043 HOH A O   1 
HETATM 1345 O O   . HOH B 2 .   ? 1.280   5.245   -11.457 1.00 17.99 ? 2044 HOH A O   1 
HETATM 1346 O O   . HOH B 2 .   ? 6.030   4.900   -4.605  1.00 37.97 ? 2045 HOH A O   1 
HETATM 1347 O O   . HOH B 2 .   ? 1.529   7.852   -15.250 1.00 21.31 ? 2046 HOH A O   1 
HETATM 1348 O O   . HOH B 2 .   ? 7.955   5.469   -2.060  1.00 48.55 ? 2047 HOH A O   1 
HETATM 1349 O O   . HOH B 2 .   ? 15.260  7.776   -1.807  1.00 50.32 ? 2048 HOH A O   1 
HETATM 1350 O O   . HOH B 2 .   ? -8.605  4.052   -15.415 1.00 39.54 ? 2049 HOH A O   1 
HETATM 1351 O O   . HOH B 2 .   ? -7.224  9.010   -16.472 1.00 48.25 ? 2050 HOH A O   1 
HETATM 1352 O O   . HOH B 2 .   ? -1.675  16.618  -7.417  1.00 54.37 ? 2051 HOH A O   1 
HETATM 1353 O O   . HOH B 2 .   ? -0.809  16.677  -10.233 0.50 30.55 ? 2052 HOH A O   1 
HETATM 1354 O O   . HOH B 2 .   ? 1.552   16.005  -5.696  1.00 47.98 ? 2053 HOH A O   1 
HETATM 1355 O O   . HOH B 2 .   ? 16.082  -17.024 3.978   1.00 54.41 ? 2054 HOH A O   1 
HETATM 1356 O O   . HOH B 2 .   ? 12.890  11.128  -11.300 1.00 20.84 ? 2055 HOH A O   1 
HETATM 1357 O O   . HOH B 2 .   ? 12.483  9.092   -7.127  1.00 42.76 ? 2056 HOH A O   1 
HETATM 1358 O O   . HOH B 2 .   ? 11.865  2.094   -6.318  1.00 46.77 ? 2057 HOH A O   1 
HETATM 1359 O O   . HOH B 2 .   ? 14.853  5.797   -9.153  1.00 35.21 ? 2058 HOH A O   1 
HETATM 1360 O O   . HOH B 2 .   ? 22.551  -3.461  6.055   1.00 48.60 ? 2059 HOH A O   1 
HETATM 1361 O O   . HOH B 2 .   ? 12.012  -0.945  -16.819 1.00 32.97 ? 2060 HOH A O   1 
HETATM 1362 O O   . HOH B 2 .   ? 7.975   -9.816  -17.539 1.00 20.31 ? 2061 HOH A O   1 
HETATM 1363 O O   . HOH B 2 .   ? 8.701   -6.155  -12.975 1.00 23.91 ? 2062 HOH A O   1 
HETATM 1364 O O   . HOH B 2 .   ? 2.599   -9.594  -11.477 1.00 27.67 ? 2063 HOH A O   1 
HETATM 1365 O O   . HOH B 2 .   ? 3.665   -3.481  -17.931 1.00 25.36 ? 2064 HOH A O   1 
HETATM 1366 O O   . HOH B 2 .   ? -16.786 -13.041 12.262  1.00 57.00 ? 2065 HOH A O   1 
HETATM 1367 O O   . HOH B 2 .   ? -3.594  -4.662  -12.548 1.00 42.51 ? 2066 HOH A O   1 
HETATM 1368 O O   . HOH B 2 .   ? -14.590 -14.426 -1.772  1.00 37.00 ? 2067 HOH A O   1 
HETATM 1369 O O   . HOH B 2 .   ? -18.392 -11.414 -1.850  1.00 60.32 ? 2068 HOH A O   1 
HETATM 1370 O O   . HOH B 2 .   ? 8.379   -0.381  -8.738  1.00 44.63 ? 2069 HOH A O   1 
HETATM 1371 O O   . HOH B 2 .   ? 6.509   -0.235  -4.751  1.00 38.27 ? 2070 HOH A O   1 
HETATM 1372 O O   . HOH B 2 .   ? -11.130 -6.634  -4.425  1.00 38.77 ? 2071 HOH A O   1 
HETATM 1373 O O   . HOH B 2 .   ? -15.227 -17.794 -0.927  1.00 48.99 ? 2072 HOH A O   1 
HETATM 1374 O O   . HOH B 2 .   ? -7.317  -3.357  -6.350  1.00 27.57 ? 2073 HOH A O   1 
HETATM 1375 O O   . HOH B 2 .   ? -5.472  -5.998  -10.314 1.00 35.05 ? 2074 HOH A O   1 
HETATM 1376 O O   . HOH B 2 .   ? -7.908  -18.227 -8.521  1.00 35.84 ? 2075 HOH A O   1 
HETATM 1377 O O   . HOH B 2 .   ? -1.274  -20.012 -5.791  1.00 51.97 ? 2076 HOH A O   1 
HETATM 1378 O O   . HOH B 2 .   ? -7.728  -6.464  -14.150 1.00 47.93 ? 2077 HOH A O   1 
HETATM 1379 O O   . HOH B 2 .   ? 7.434   2.228   -1.721  1.00 43.90 ? 2078 HOH A O   1 
HETATM 1380 O O   . HOH B 2 .   ? 18.082  -12.138 -6.587  1.00 57.58 ? 2079 HOH A O   1 
HETATM 1381 O O   . HOH B 2 .   ? 12.784  -15.694 -7.003  1.00 47.47 ? 2080 HOH A O   1 
HETATM 1382 O O   . HOH B 2 .   ? 10.257  -18.408 -6.075  1.00 52.77 ? 2081 HOH A O   1 
HETATM 1383 O O   . HOH B 2 .   ? 19.843  0.449   -10.328 1.00 46.05 ? 2082 HOH A O   1 
HETATM 1384 O O   . HOH B 2 .   ? 4.777   12.411  5.676   1.00 34.30 ? 2083 HOH A O   1 
HETATM 1385 O O   . HOH B 2 .   ? 8.256   9.713   8.134   1.00 33.76 ? 2084 HOH A O   1 
HETATM 1386 O O   . HOH B 2 .   ? -4.827  -15.265 3.577   1.00 45.27 ? 2085 HOH A O   1 
HETATM 1387 O O   . HOH B 2 .   ? 7.082   1.492   12.558  1.00 36.03 ? 2086 HOH A O   1 
HETATM 1388 O O   . HOH B 2 .   ? 2.763   -11.511 15.291  1.00 37.01 ? 2087 HOH A O   1 
HETATM 1389 O O   . HOH B 2 .   ? 1.389   -7.846  17.501  1.00 36.01 ? 2088 HOH A O   1 
HETATM 1390 O O   . HOH B 2 .   ? -2.283  6.079   17.281  1.00 40.87 ? 2089 HOH A O   1 
HETATM 1391 O O   . HOH B 2 .   ? 2.638   -5.756  16.847  1.00 44.99 ? 2090 HOH A O   1 
HETATM 1392 O O   . HOH B 2 .   ? 8.519   4.203   18.891  1.00 35.67 ? 2091 HOH A O   1 
HETATM 1393 O O   . HOH B 2 .   ? 8.320   1.091   16.090  1.00 52.94 ? 2092 HOH A O   1 
HETATM 1394 O O   . HOH B 2 .   ? 11.251  9.200   3.475   1.00 52.44 ? 2093 HOH A O   1 
HETATM 1395 O O   . HOH B 2 .   ? 6.677   5.192   2.008   1.00 37.66 ? 2094 HOH A O   1 
HETATM 1396 O O   . HOH B 2 .   ? -17.036 -4.864  -8.286  1.00 43.33 ? 2095 HOH A O   1 
HETATM 1397 O O   . HOH B 2 .   ? -9.823  0.652   -13.678 1.00 36.57 ? 2096 HOH A O   1 
HETATM 1398 O O   . HOH B 2 .   ? -8.793  7.128   -13.248 1.00 23.77 ? 2097 HOH A O   1 
HETATM 1399 O O   . HOH B 2 .   ? -10.137 3.674   -13.277 1.00 24.56 ? 2098 HOH A O   1 
HETATM 1400 O O   . HOH B 2 .   ? -5.638  10.233  -13.735 1.00 26.50 ? 2099 HOH A O   1 
HETATM 1401 O O   . HOH B 2 .   ? -7.241  13.460  -14.393 1.00 20.62 ? 2100 HOH A O   1 
HETATM 1402 O O   . HOH B 2 .   ? -2.379  14.441  -9.041  1.00 20.90 ? 2101 HOH A O   1 
HETATM 1403 O O   . HOH B 2 .   ? -15.707 -1.503  7.511   1.00 50.22 ? 2102 HOH A O   1 
HETATM 1404 O O   . HOH B 2 .   ? -12.357 -1.365  7.583   1.00 28.24 ? 2103 HOH A O   1 
HETATM 1405 O O   . HOH B 2 .   ? 2.575   -12.367 8.287   1.00 31.61 ? 2104 HOH A O   1 
HETATM 1406 O O   . HOH B 2 .   ? 13.603  -15.631 4.580   1.00 54.08 ? 2105 HOH A O   1 
HETATM 1407 O O   . HOH B 2 .   ? 16.468  -9.584  4.396   1.00 44.81 ? 2106 HOH A O   1 
HETATM 1408 O O   . HOH B 2 .   ? 17.038  -12.758 6.268   1.00 46.81 ? 2107 HOH A O   1 
HETATM 1409 O O   . HOH B 2 .   ? 14.363  -2.225  -0.069  1.00 45.52 ? 2108 HOH A O   1 
HETATM 1410 O O   . HOH B 2 .   ? 18.793  -2.910  6.384   1.00 46.00 ? 2109 HOH A O   1 
HETATM 1411 O O   . HOH B 2 .   ? 12.845  -2.533  7.054   1.00 34.24 ? 2110 HOH A O   1 
HETATM 1412 O O   . HOH B 2 .   ? 9.631   -4.490  0.068   1.00 39.70 ? 2111 HOH A O   1 
HETATM 1413 O O   . HOH B 2 .   ? 5.679   0.123   4.982   1.00 33.50 ? 2112 HOH A O   1 
HETATM 1414 O O   . HOH B 2 .   ? 9.029   -0.473  5.625   1.00 34.88 ? 2113 HOH A O   1 
HETATM 1415 O O   . HOH B 2 .   ? 5.549   -4.652  9.809   1.00 41.68 ? 2114 HOH A O   1 
HETATM 1416 O O   . HOH B 2 .   ? 8.471   -1.581  -1.578  1.00 45.03 ? 2115 HOH A O   1 
HETATM 1417 O O   . HOH B 2 .   ? -15.166 0.601   1.425   1.00 37.08 ? 2116 HOH A O   1 
HETATM 1418 O O   . HOH B 2 .   ? -18.514 2.555   6.675   1.00 51.72 ? 2117 HOH A O   1 
HETATM 1419 O O   . HOH B 2 .   ? -16.337 3.476   5.331   1.00 24.83 ? 2118 HOH A O   1 
HETATM 1420 O O   . HOH B 2 .   ? -21.956 3.866   1.957   1.00 46.68 ? 2119 HOH A O   1 
HETATM 1421 O O   . HOH B 2 .   ? -21.205 8.988   -0.970  1.00 47.74 ? 2120 HOH A O   1 
HETATM 1422 O O   . HOH B 2 .   ? -17.584 6.514   4.824   1.00 34.27 ? 2121 HOH A O   1 
HETATM 1423 O O   . HOH B 2 .   ? -13.368 2.003   -4.823  1.00 42.58 ? 2122 HOH A O   1 
HETATM 1424 O O   . HOH B 2 .   ? -16.415 1.416   -8.549  1.00 32.43 ? 2123 HOH A O   1 
HETATM 1425 O O   . HOH B 2 .   ? -18.688 -4.696  -5.572  1.00 44.43 ? 2124 HOH A O   1 
HETATM 1426 O O   . HOH B 2 .   ? -13.287 -0.291  -3.392  1.00 30.25 ? 2125 HOH A O   1 
HETATM 1427 O O   . HOH B 2 .   ? -22.783 -0.268  1.182   1.00 40.86 ? 2126 HOH A O   1 
HETATM 1428 O O   . HOH B 2 .   ? -17.697 -1.425  5.377   1.00 35.26 ? 2127 HOH A O   1 
HETATM 1429 O O   . HOH B 2 .   ? -19.621 -8.078  5.137   1.00 48.40 ? 2128 HOH A O   1 
HETATM 1430 O O   . HOH B 2 .   ? -17.658 -7.033  -5.547  1.00 47.14 ? 2129 HOH A O   1 
HETATM 1431 O O   . HOH B 2 .   ? -13.709 -3.144  8.887   1.00 33.19 ? 2130 HOH A O   1 
HETATM 1432 O O   . HOH B 2 .   ? -13.119 -6.583  10.855  1.00 35.49 ? 2131 HOH A O   1 
HETATM 1433 O O   . HOH B 2 .   ? -9.166  -8.450  12.504  1.00 23.67 ? 2132 HOH A O   1 
HETATM 1434 O O   . HOH B 2 .   ? -12.812 -10.577 11.426  1.00 43.72 ? 2133 HOH A O   1 
HETATM 1435 O O   . HOH B 2 .   ? -13.709 -14.567 0.901   1.00 39.18 ? 2134 HOH A O   1 
HETATM 1436 O O   . HOH B 2 .   ? -14.931 -11.896 -2.200  1.00 33.40 ? 2135 HOH A O   1 
HETATM 1437 O O   . HOH B 2 .   ? -16.451 -11.551 1.054   1.00 36.62 ? 2136 HOH A O   1 
HETATM 1438 O O   . HOH B 2 .   ? -10.044 -15.054 0.691   1.00 51.95 ? 2137 HOH A O   1 
HETATM 1439 O O   . HOH B 2 .   ? -11.735 -9.623  -3.682  1.00 31.18 ? 2138 HOH A O   1 
HETATM 1440 O O   . HOH B 2 .   ? -12.791 -16.475 -2.888  1.00 45.21 ? 2139 HOH A O   1 
HETATM 1441 O O   . HOH B 2 .   ? -2.500  -18.869 0.568   1.00 55.31 ? 2140 HOH A O   1 
HETATM 1442 O O   . HOH B 2 .   ? -4.732  -14.749 -8.813  1.00 24.14 ? 2141 HOH A O   1 
HETATM 1443 O O   . HOH B 2 .   ? 0.329   -15.673 -4.792  1.00 28.80 ? 2142 HOH A O   1 
HETATM 1444 O O   . HOH B 2 .   ? -0.699  -18.023 -4.235  1.00 47.09 ? 2143 HOH A O   1 
HETATM 1445 O O   . HOH B 2 .   ? -5.176  -17.277 -8.187  1.00 32.49 ? 2144 HOH A O   1 
HETATM 1446 O O   . HOH B 2 .   ? -4.691  -7.689  -13.402 1.00 32.93 ? 2145 HOH A O   1 
HETATM 1447 O O   . HOH B 2 .   ? -2.760  -15.166 -0.558  1.00 46.32 ? 2146 HOH A O   1 
HETATM 1448 O O   . HOH B 2 .   ? 9.925   -9.316  -6.471  1.00 24.09 ? 2147 HOH A O   1 
HETATM 1449 O O   . HOH B 2 .   ? 4.802   -16.775 -6.377  1.00 46.73 ? 2148 HOH A O   1 
HETATM 1450 O O   . HOH B 2 .   ? 9.346   -16.595 -1.845  1.00 41.16 ? 2149 HOH A O   1 
HETATM 1451 O O   . HOH B 2 .   ? 10.672  -8.586  -12.476 1.00 22.61 ? 2150 HOH A O   1 
HETATM 1452 O O   . HOH B 2 .   ? 10.592  -14.403 -7.287  1.00 25.04 ? 2151 HOH A O   1 
HETATM 1453 O O   . HOH B 2 .   ? 17.942  -10.751 -9.024  1.00 47.73 ? 2152 HOH A O   1 
HETATM 1454 O O   . HOH B 2 .   ? 12.050  -11.513 -6.411  1.00 34.92 ? 2153 HOH A O   1 
HETATM 1455 O O   . HOH B 2 .   ? 16.525  -1.412  -8.913  1.00 36.11 ? 2154 HOH A O   1 
HETATM 1456 O O   . HOH B 2 .   ? 10.948  -3.894  -11.964 1.00 20.03 ? 2155 HOH A O   1 
HETATM 1457 O O   . HOH B 2 .   ? 10.148  -2.212  -8.910  1.00 47.05 ? 2156 HOH A O   1 
HETATM 1458 O O   . HOH B 2 .   ? 16.011  -9.178  -8.673  1.00 21.14 ? 2157 HOH A O   1 
HETATM 1459 O O   . HOH B 2 .   ? 13.143  -1.423  -6.514  1.00 55.64 ? 2158 HOH A O   1 
HETATM 1460 O O   . HOH B 2 .   ? 19.109  -2.679  -9.021  1.00 35.66 ? 2159 HOH A O   1 
HETATM 1461 O O   . HOH B 2 .   ? 21.122  -10.137 -8.997  1.00 49.26 ? 2160 HOH A O   1 
HETATM 1462 O O   . HOH B 2 .   ? 25.467  -6.951  -9.322  1.00 54.69 ? 2161 HOH A O   1 
HETATM 1463 O O   . HOH B 2 .   ? 17.509  1.327   -4.737  1.00 53.83 ? 2162 HOH A O   1 
HETATM 1464 O O   . HOH B 2 .   ? 19.645  -14.057 -2.387  1.00 55.50 ? 2163 HOH A O   1 
HETATM 1465 O O   . HOH B 2 .   ? 4.461   -17.982 4.304   1.00 39.00 ? 2164 HOH A O   1 
HETATM 1466 O O   . HOH B 2 .   ? 9.652   -16.470 2.703   1.00 52.92 ? 2165 HOH A O   1 
HETATM 1467 O O   . HOH B 2 .   ? -1.554  -15.077 3.558   1.00 30.29 ? 2166 HOH A O   1 
HETATM 1468 O O   . HOH B 2 .   ? 1.089   -14.550 7.196   1.00 51.21 ? 2167 HOH A O   1 
HETATM 1469 O O   . HOH B 2 .   ? -4.691  -14.104 6.986   1.00 59.09 ? 2168 HOH A O   1 
HETATM 1470 O O   . HOH B 2 .   ? 3.199   -10.859 12.206  1.00 32.36 ? 2169 HOH A O   1 
HETATM 1471 O O   . HOH B 2 .   ? 0.551   -10.911 14.114  1.00 42.60 ? 2170 HOH A O   1 
HETATM 1472 O O   . HOH B 2 .   ? -4.309  -10.466 14.348  1.00 31.91 ? 2171 HOH A O   1 
HETATM 1473 O O   . HOH B 2 .   ? -9.543  -12.229 11.190  1.00 41.46 ? 2172 HOH A O   1 
HETATM 1474 O O   . HOH B 2 .   ? -4.084  -12.456 10.995  1.00 28.15 ? 2173 HOH A O   1 
HETATM 1475 O O   . HOH B 2 .   ? -10.285 -4.261  14.330  1.00 51.50 ? 2174 HOH A O   1 
HETATM 1476 O O   . HOH B 2 .   ? -9.492  -9.891  14.749  1.00 36.06 ? 2175 HOH A O   1 
HETATM 1477 O O   . HOH B 2 .   ? -6.803  -11.410 15.837  1.00 44.21 ? 2176 HOH A O   1 
HETATM 1478 O O   . HOH B 2 .   ? -5.360  -4.365  16.816  1.00 35.34 ? 2177 HOH A O   1 
HETATM 1479 O O   . HOH B 2 .   ? -7.664  -5.386  19.766  1.00 56.42 ? 2178 HOH A O   1 
HETATM 1480 O O   . HOH B 2 .   ? 1.014   -6.573  13.649  1.00 29.84 ? 2179 HOH A O   1 
HETATM 1481 O O   . HOH B 2 .   ? -0.379  -8.395  15.404  1.00 35.29 ? 2180 HOH A O   1 
HETATM 1482 O O   . HOH B 2 .   ? -3.659  -7.234  22.319  0.50 51.54 ? 2181 HOH A O   1 
HETATM 1483 O O   . HOH B 2 .   ? 4.858   0.005   11.828  1.00 32.39 ? 2182 HOH A O   1 
HETATM 1484 O O   . HOH B 2 .   ? 0.092   5.136   18.024  1.00 33.92 ? 2183 HOH A O   1 
HETATM 1485 O O   . HOH B 2 .   ? -4.310  1.633   20.966  1.00 42.05 ? 2184 HOH A O   1 
HETATM 1486 O O   . HOH B 2 .   ? 6.870   2.668   17.414  1.00 29.62 ? 2185 HOH A O   1 
HETATM 1487 O O   . HOH B 2 .   ? 5.482   -5.658  17.775  1.00 28.85 ? 2186 HOH A O   1 
HETATM 1488 O O   . HOH B 2 .   ? 7.458   -4.008  13.464  0.50 46.60 ? 2187 HOH A O   1 
HETATM 1489 O O   . HOH B 2 .   ? 1.892   3.273   23.165  1.00 49.61 ? 2188 HOH A O   1 
HETATM 1490 O O   . HOH B 2 .   ? 4.912   16.416  11.402  1.00 49.91 ? 2189 HOH A O   1 
HETATM 1491 O O   . HOH B 2 .   ? 9.968   11.446  12.915  1.00 37.75 ? 2190 HOH A O   1 
HETATM 1492 O O   . HOH B 2 .   ? 0.978   7.431   19.443  1.00 41.71 ? 2191 HOH A O   1 
# 
loop_
_pdbx_poly_seq_scheme.asym_id 
_pdbx_poly_seq_scheme.entity_id 
_pdbx_poly_seq_scheme.seq_id 
_pdbx_poly_seq_scheme.mon_id 
_pdbx_poly_seq_scheme.ndb_seq_num 
_pdbx_poly_seq_scheme.pdb_seq_num 
_pdbx_poly_seq_scheme.auth_seq_num 
_pdbx_poly_seq_scheme.pdb_mon_id 
_pdbx_poly_seq_scheme.auth_mon_id 
_pdbx_poly_seq_scheme.pdb_strand_id 
_pdbx_poly_seq_scheme.pdb_ins_code 
_pdbx_poly_seq_scheme.hetero 
A 1 1   MET 1   1   ?   ?   ?   A . n 
A 1 2   ASN 2   2   ?   ?   ?   A . n 
A 1 3   LEU 3   3   ?   ?   ?   A . n 
A 1 4   GLU 4   4   ?   ?   ?   A . n 
A 1 5   LYS 5   5   ?   ?   ?   A . n 
A 1 6   LEU 6   6   ?   ?   ?   A . n 
A 1 7   GLU 7   7   7   GLU GLU A . n 
A 1 8   VAL 8   8   8   VAL VAL A . n 
A 1 9   SER 9   9   9   SER SER A . n 
A 1 10  HIS 10  10  10  HIS HIS A . n 
A 1 11  ASP 11  11  11  ASP ASP A . n 
A 1 12  ALA 12  12  12  ALA ALA A . n 
A 1 13  ASP 13  13  13  ASP ASP A . n 
A 1 14  SER 14  14  14  SER SER A . n 
A 1 15  LEU 15  15  15  LEU LEU A . n 
A 1 16  CYS 16  16  16  CYS CYS A . n 
A 1 17  VAL 17  17  17  VAL VAL A . n 
A 1 18  VAL 18  18  18  VAL VAL A . n 
A 1 19  ILE 19  19  19  ILE ILE A . n 
A 1 20  GLU 20  20  20  GLU GLU A . n 
A 1 21  ILE 21  21  21  ILE ILE A . n 
A 1 22  SER 22  22  22  SER SER A . n 
A 1 23  LYS 23  23  23  LYS LYS A . n 
A 1 24  HIS 24  24  24  HIS HIS A . n 
A 1 25  SER 25  25  25  SER SER A . n 
A 1 26  ASN 26  26  26  ASN ASN A . n 
A 1 27  ILE 27  27  27  ILE ILE A . n 
A 1 28  LYS 28  28  28  LYS LYS A . n 
A 1 29  TYR 29  29  29  TYR TYR A . n 
A 1 30  GLU 30  30  30  GLU GLU A . n 
A 1 31  LEU 31  31  31  LEU LEU A . n 
A 1 32  ASP 32  32  32  ASP ASP A . n 
A 1 33  LYS 33  33  33  LYS LYS A . n 
A 1 34  GLU 34  34  34  GLU GLU A . n 
A 1 35  SER 35  35  35  SER SER A . n 
A 1 36  GLY 36  36  36  GLY GLY A . n 
A 1 37  ALA 37  37  37  ALA ALA A . n 
A 1 38  LEU 38  38  38  LEU LEU A . n 
A 1 39  MET 39  39  39  MET MET A . n 
A 1 40  VAL 40  40  40  VAL VAL A . n 
A 1 41  ASP 41  41  41  ASP ASP A . n 
A 1 42  ARG 42  42  42  ARG ARG A . n 
A 1 43  VAL 43  43  43  VAL VAL A . n 
A 1 44  LEU 44  44  44  LEU LEU A . n 
A 1 45  TYR 45  45  45  TYR TYR A . n 
A 1 46  GLY 46  46  46  GLY GLY A . n 
A 1 47  ALA 47  47  47  ALA ALA A . n 
A 1 48  GLN 48  48  48  GLN GLN A . n 
A 1 49  ASN 49  49  49  ASN ASN A . n 
A 1 50  TYR 50  50  50  TYR TYR A . n 
A 1 51  PRO 51  51  51  PRO PRO A . n 
A 1 52  ALA 52  52  52  ALA ALA A . n 
A 1 53  ASN 53  53  53  ASN ASN A . n 
A 1 54  TYR 54  54  54  TYR TYR A . n 
A 1 55  GLY 55  55  55  GLY GLY A . n 
A 1 56  PHE 56  56  56  PHE PHE A . n 
A 1 57  VAL 57  57  57  VAL VAL A . n 
A 1 58  PRO 58  58  58  PRO PRO A . n 
A 1 59  ASN 59  59  59  ASN ASN A . n 
A 1 60  THR 60  60  60  THR THR A . n 
A 1 61  LEU 61  61  61  LEU LEU A . n 
A 1 62  GLY 62  62  62  GLY GLY A . n 
A 1 63  SER 63  63  63  SER SER A . n 
A 1 64  ASP 64  64  64  ASP ASP A . n 
A 1 65  GLY 65  65  65  GLY GLY A . n 
A 1 66  ASP 66  66  66  ASP ASP A . n 
A 1 67  PRO 67  67  67  PRO PRO A . n 
A 1 68  VAL 68  68  68  VAL VAL A . n 
A 1 69  ASP 69  69  69  ASP ASP A . n 
A 1 70  ALA 70  70  70  ALA ALA A . n 
A 1 71  LEU 71  71  71  LEU LEU A . n 
A 1 72  VAL 72  72  72  VAL VAL A . n 
A 1 73  LEU 73  73  73  LEU LEU A . n 
A 1 74  SER 74  74  74  SER SER A . n 
A 1 75  ASP 75  75  75  ASP ASP A . n 
A 1 76  VAL 76  76  76  VAL VAL A . n 
A 1 77  ALA 77  77  77  ALA ALA A . n 
A 1 78  PHE 78  78  78  PHE PHE A . n 
A 1 79  GLN 79  79  79  GLN GLN A . n 
A 1 80  ALA 80  80  80  ALA ALA A . n 
A 1 81  GLY 81  81  81  GLY GLY A . n 
A 1 82  SER 82  82  82  SER SER A . n 
A 1 83  VAL 83  83  83  VAL VAL A . n 
A 1 84  VAL 84  84  84  VAL VAL A . n 
A 1 85  LYS 85  85  85  LYS LYS A . n 
A 1 86  ALA 86  86  86  ALA ALA A . n 
A 1 87  ARG 87  87  87  ARG ARG A . n 
A 1 88  LEU 88  88  88  LEU LEU A . n 
A 1 89  VAL 89  89  89  VAL VAL A . n 
A 1 90  GLY 90  90  90  GLY GLY A . n 
A 1 91  VAL 91  91  91  VAL VAL A . n 
A 1 92  LEU 92  92  92  LEU LEU A . n 
A 1 93  ASN 93  93  93  ASN ASN A . n 
A 1 94  MET 94  94  94  MET MET A . n 
A 1 95  GLU 95  95  95  GLU GLU A . n 
A 1 96  ASP 96  96  96  ASP ASP A . n 
A 1 97  GLU 97  97  97  GLU GLU A . n 
A 1 98  SER 98  98  98  SER SER A . n 
A 1 99  GLY 99  99  99  GLY GLY A . n 
A 1 100 MET 100 100 100 MET MET A . n 
A 1 101 ASP 101 101 101 ASP ASP A . n 
A 1 102 GLU 102 102 102 GLU GLU A . n 
A 1 103 LYS 103 103 103 LYS LYS A . n 
A 1 104 LEU 104 104 104 LEU LEU A . n 
A 1 105 ILE 105 105 105 ILE ILE A . n 
A 1 106 ALA 106 106 106 ALA ALA A . n 
A 1 107 LEU 107 107 107 LEU LEU A . n 
A 1 108 PRO 108 108 108 PRO PRO A . n 
A 1 109 ILE 109 109 109 ILE ILE A . n 
A 1 110 ASP 110 110 110 ASP ASP A . n 
A 1 111 LYS 111 111 111 LYS LYS A . n 
A 1 112 ILE 112 112 112 ILE ILE A . n 
A 1 113 ASP 113 113 113 ASP ASP A . n 
A 1 114 PRO 114 114 114 PRO PRO A . n 
A 1 115 THR 115 115 115 THR THR A . n 
A 1 116 HIS 116 116 116 HIS HIS A . n 
A 1 117 SER 117 117 117 SER SER A . n 
A 1 118 TYR 118 118 118 TYR TYR A . n 
A 1 119 VAL 119 119 119 VAL VAL A . n 
A 1 120 LYS 120 120 120 LYS LYS A . n 
A 1 121 ASP 121 121 121 ASP ASP A . n 
A 1 122 ILE 122 122 122 ILE ILE A . n 
A 1 123 ASP 123 123 123 ASP ASP A . n 
A 1 124 ASP 124 124 124 ASP ASP A . n 
A 1 125 LEU 125 125 125 LEU LEU A . n 
A 1 126 SER 126 126 126 SER SER A . n 
A 1 127 LYS 127 127 127 LYS LYS A . n 
A 1 128 HIS 128 128 128 HIS HIS A . n 
A 1 129 THR 129 129 129 THR THR A . n 
A 1 130 LEU 130 130 130 LEU LEU A . n 
A 1 131 ASP 131 131 131 ASP ASP A . n 
A 1 132 LYS 132 132 132 LYS LYS A . n 
A 1 133 ILE 133 133 133 ILE ILE A . n 
A 1 134 LYS 134 134 134 LYS LYS A . n 
A 1 135 HIS 135 135 135 HIS HIS A . n 
A 1 136 PHE 136 136 136 PHE PHE A . n 
A 1 137 PHE 137 137 137 PHE PHE A . n 
A 1 138 GLU 138 138 138 GLU GLU A . n 
A 1 139 THR 139 139 139 THR THR A . n 
A 1 140 TYR 140 140 140 TYR TYR A . n 
A 1 141 LYS 141 141 141 LYS LYS A . n 
A 1 142 ASP 142 142 142 ASP ASP A . n 
A 1 143 LEU 143 143 143 LEU LEU A . n 
A 1 144 GLU 144 144 144 GLU GLU A . n 
A 1 145 PRO 145 145 145 PRO PRO A . n 
A 1 146 ASN 146 146 146 ASN ASN A . n 
A 1 147 LYS 147 147 147 LYS LYS A . n 
A 1 148 TRP 148 148 148 TRP TRP A . n 
A 1 149 VAL 149 149 149 VAL VAL A . n 
A 1 150 LYS 150 150 150 LYS LYS A . n 
A 1 151 VAL 151 151 151 VAL VAL A . n 
A 1 152 LYS 152 152 152 LYS LYS A . n 
A 1 153 GLY 153 153 153 GLY GLY A . n 
A 1 154 PHE 154 154 154 PHE PHE A . n 
A 1 155 GLU 155 155 155 GLU GLU A . n 
A 1 156 ASN 156 156 156 ASN ASN A . n 
A 1 157 LYS 157 157 157 LYS LYS A . n 
A 1 158 GLU 158 158 158 GLU GLU A . n 
A 1 159 SER 159 159 159 SER SER A . n 
A 1 160 ALA 160 160 160 ALA ALA A . n 
A 1 161 ILE 161 161 161 ILE ILE A . n 
A 1 162 LYS 162 162 162 LYS LYS A . n 
A 1 163 VAL 163 163 163 VAL VAL A . n 
A 1 164 LEU 164 164 164 LEU LEU A . n 
A 1 165 GLU 165 165 165 GLU GLU A . n 
A 1 166 LYS 166 166 166 LYS LYS A . n 
A 1 167 ALA 167 167 167 ALA ALA A . n 
A 1 168 ILE 168 168 168 ILE ILE A . n 
A 1 169 LYS 169 169 169 LYS LYS A . n 
A 1 170 ALA 170 170 170 ALA ALA A . n 
A 1 171 TYR 171 171 171 TYR TYR A . n 
A 1 172 GLN 172 172 172 GLN GLN A . n 
A 1 173 GLY 173 173 ?   ?   ?   A . n 
# 
loop_
_pdbx_nonpoly_scheme.asym_id 
_pdbx_nonpoly_scheme.entity_id 
_pdbx_nonpoly_scheme.mon_id 
_pdbx_nonpoly_scheme.ndb_seq_num 
_pdbx_nonpoly_scheme.pdb_seq_num 
_pdbx_nonpoly_scheme.auth_seq_num 
_pdbx_nonpoly_scheme.pdb_mon_id 
_pdbx_nonpoly_scheme.auth_mon_id 
_pdbx_nonpoly_scheme.pdb_strand_id 
_pdbx_nonpoly_scheme.pdb_ins_code 
B 2 HOH 1   2001 2001 HOH HOH A . 
B 2 HOH 2   2002 2002 HOH HOH A . 
B 2 HOH 3   2003 2003 HOH HOH A . 
B 2 HOH 4   2004 2004 HOH HOH A . 
B 2 HOH 5   2005 2005 HOH HOH A . 
B 2 HOH 6   2006 2006 HOH HOH A . 
B 2 HOH 7   2007 2007 HOH HOH A . 
B 2 HOH 8   2008 2008 HOH HOH A . 
B 2 HOH 9   2009 2009 HOH HOH A . 
B 2 HOH 10  2010 2010 HOH HOH A . 
B 2 HOH 11  2011 2011 HOH HOH A . 
B 2 HOH 12  2012 2012 HOH HOH A . 
B 2 HOH 13  2013 2013 HOH HOH A . 
B 2 HOH 14  2014 2014 HOH HOH A . 
B 2 HOH 15  2015 2015 HOH HOH A . 
B 2 HOH 16  2016 2016 HOH HOH A . 
B 2 HOH 17  2017 2017 HOH HOH A . 
B 2 HOH 18  2018 2018 HOH HOH A . 
B 2 HOH 19  2019 2019 HOH HOH A . 
B 2 HOH 20  2020 2020 HOH HOH A . 
B 2 HOH 21  2021 2021 HOH HOH A . 
B 2 HOH 22  2022 2022 HOH HOH A . 
B 2 HOH 23  2023 2023 HOH HOH A . 
B 2 HOH 24  2024 2024 HOH HOH A . 
B 2 HOH 25  2025 2025 HOH HOH A . 
B 2 HOH 26  2026 2026 HOH HOH A . 
B 2 HOH 27  2027 2027 HOH HOH A . 
B 2 HOH 28  2028 2028 HOH HOH A . 
B 2 HOH 29  2029 2029 HOH HOH A . 
B 2 HOH 30  2030 2030 HOH HOH A . 
B 2 HOH 31  2031 2031 HOH HOH A . 
B 2 HOH 32  2032 2032 HOH HOH A . 
B 2 HOH 33  2033 2033 HOH HOH A . 
B 2 HOH 34  2034 2034 HOH HOH A . 
B 2 HOH 35  2035 2035 HOH HOH A . 
B 2 HOH 36  2036 2036 HOH HOH A . 
B 2 HOH 37  2037 2037 HOH HOH A . 
B 2 HOH 38  2038 2038 HOH HOH A . 
B 2 HOH 39  2039 2039 HOH HOH A . 
B 2 HOH 40  2040 2040 HOH HOH A . 
B 2 HOH 41  2041 2041 HOH HOH A . 
B 2 HOH 42  2042 2042 HOH HOH A . 
B 2 HOH 43  2043 2043 HOH HOH A . 
B 2 HOH 44  2044 2044 HOH HOH A . 
B 2 HOH 45  2045 2045 HOH HOH A . 
B 2 HOH 46  2046 2046 HOH HOH A . 
B 2 HOH 47  2047 2047 HOH HOH A . 
B 2 HOH 48  2048 2048 HOH HOH A . 
B 2 HOH 49  2049 2049 HOH HOH A . 
B 2 HOH 50  2050 2050 HOH HOH A . 
B 2 HOH 51  2051 2051 HOH HOH A . 
B 2 HOH 52  2052 2052 HOH HOH A . 
B 2 HOH 53  2053 2053 HOH HOH A . 
B 2 HOH 54  2054 2054 HOH HOH A . 
B 2 HOH 55  2055 2055 HOH HOH A . 
B 2 HOH 56  2056 2056 HOH HOH A . 
B 2 HOH 57  2057 2057 HOH HOH A . 
B 2 HOH 58  2058 2058 HOH HOH A . 
B 2 HOH 59  2059 2059 HOH HOH A . 
B 2 HOH 60  2060 2060 HOH HOH A . 
B 2 HOH 61  2061 2061 HOH HOH A . 
B 2 HOH 62  2062 2062 HOH HOH A . 
B 2 HOH 63  2063 2063 HOH HOH A . 
B 2 HOH 64  2064 2064 HOH HOH A . 
B 2 HOH 65  2065 2065 HOH HOH A . 
B 2 HOH 66  2066 2066 HOH HOH A . 
B 2 HOH 67  2067 2067 HOH HOH A . 
B 2 HOH 68  2068 2068 HOH HOH A . 
B 2 HOH 69  2069 2069 HOH HOH A . 
B 2 HOH 70  2070 2070 HOH HOH A . 
B 2 HOH 71  2071 2071 HOH HOH A . 
B 2 HOH 72  2072 2072 HOH HOH A . 
B 2 HOH 73  2073 2073 HOH HOH A . 
B 2 HOH 74  2074 2074 HOH HOH A . 
B 2 HOH 75  2075 2075 HOH HOH A . 
B 2 HOH 76  2076 2076 HOH HOH A . 
B 2 HOH 77  2077 2077 HOH HOH A . 
B 2 HOH 78  2078 2078 HOH HOH A . 
B 2 HOH 79  2079 2079 HOH HOH A . 
B 2 HOH 80  2080 2080 HOH HOH A . 
B 2 HOH 81  2081 2081 HOH HOH A . 
B 2 HOH 82  2082 2082 HOH HOH A . 
B 2 HOH 83  2083 2083 HOH HOH A . 
B 2 HOH 84  2084 2084 HOH HOH A . 
B 2 HOH 85  2085 2085 HOH HOH A . 
B 2 HOH 86  2086 2086 HOH HOH A . 
B 2 HOH 87  2087 2087 HOH HOH A . 
B 2 HOH 88  2088 2088 HOH HOH A . 
B 2 HOH 89  2089 2089 HOH HOH A . 
B 2 HOH 90  2090 2090 HOH HOH A . 
B 2 HOH 91  2091 2091 HOH HOH A . 
B 2 HOH 92  2092 2092 HOH HOH A . 
B 2 HOH 93  2093 2093 HOH HOH A . 
B 2 HOH 94  2094 2094 HOH HOH A . 
B 2 HOH 95  2095 2095 HOH HOH A . 
B 2 HOH 96  2096 2096 HOH HOH A . 
B 2 HOH 97  2097 2097 HOH HOH A . 
B 2 HOH 98  2098 2098 HOH HOH A . 
B 2 HOH 99  2099 2099 HOH HOH A . 
B 2 HOH 100 2100 2100 HOH HOH A . 
B 2 HOH 101 2101 2101 HOH HOH A . 
B 2 HOH 102 2102 2102 HOH HOH A . 
B 2 HOH 103 2103 2103 HOH HOH A . 
B 2 HOH 104 2104 2104 HOH HOH A . 
B 2 HOH 105 2105 2105 HOH HOH A . 
B 2 HOH 106 2106 2106 HOH HOH A . 
B 2 HOH 107 2107 2107 HOH HOH A . 
B 2 HOH 108 2108 2108 HOH HOH A . 
B 2 HOH 109 2109 2109 HOH HOH A . 
B 2 HOH 110 2110 2110 HOH HOH A . 
B 2 HOH 111 2111 2111 HOH HOH A . 
B 2 HOH 112 2112 2112 HOH HOH A . 
B 2 HOH 113 2113 2113 HOH HOH A . 
B 2 HOH 114 2114 2114 HOH HOH A . 
B 2 HOH 115 2115 2115 HOH HOH A . 
B 2 HOH 116 2116 2116 HOH HOH A . 
B 2 HOH 117 2117 2117 HOH HOH A . 
B 2 HOH 118 2118 2118 HOH HOH A . 
B 2 HOH 119 2119 2119 HOH HOH A . 
B 2 HOH 120 2120 2120 HOH HOH A . 
B 2 HOH 121 2121 2121 HOH HOH A . 
B 2 HOH 122 2122 2122 HOH HOH A . 
B 2 HOH 123 2123 2123 HOH HOH A . 
B 2 HOH 124 2124 2124 HOH HOH A . 
B 2 HOH 125 2125 2125 HOH HOH A . 
B 2 HOH 126 2126 2126 HOH HOH A . 
B 2 HOH 127 2127 2127 HOH HOH A . 
B 2 HOH 128 2128 2128 HOH HOH A . 
B 2 HOH 129 2129 2129 HOH HOH A . 
B 2 HOH 130 2130 2130 HOH HOH A . 
B 2 HOH 131 2131 2131 HOH HOH A . 
B 2 HOH 132 2132 2132 HOH HOH A . 
B 2 HOH 133 2133 2133 HOH HOH A . 
B 2 HOH 134 2134 2134 HOH HOH A . 
B 2 HOH 135 2135 2135 HOH HOH A . 
B 2 HOH 136 2136 2136 HOH HOH A . 
B 2 HOH 137 2137 2137 HOH HOH A . 
B 2 HOH 138 2138 2138 HOH HOH A . 
B 2 HOH 139 2139 2139 HOH HOH A . 
B 2 HOH 140 2140 2140 HOH HOH A . 
B 2 HOH 141 2141 2141 HOH HOH A . 
B 2 HOH 142 2142 2142 HOH HOH A . 
B 2 HOH 143 2143 2143 HOH HOH A . 
B 2 HOH 144 2144 2144 HOH HOH A . 
B 2 HOH 145 2145 2145 HOH HOH A . 
B 2 HOH 146 2146 2146 HOH HOH A . 
B 2 HOH 147 2147 2147 HOH HOH A . 
B 2 HOH 148 2148 2148 HOH HOH A . 
B 2 HOH 149 2149 2149 HOH HOH A . 
B 2 HOH 150 2150 2150 HOH HOH A . 
B 2 HOH 151 2151 2151 HOH HOH A . 
B 2 HOH 152 2152 2152 HOH HOH A . 
B 2 HOH 153 2153 2153 HOH HOH A . 
B 2 HOH 154 2154 2154 HOH HOH A . 
B 2 HOH 155 2155 2155 HOH HOH A . 
B 2 HOH 156 2156 2156 HOH HOH A . 
B 2 HOH 157 2157 2157 HOH HOH A . 
B 2 HOH 158 2158 2158 HOH HOH A . 
B 2 HOH 159 2159 2159 HOH HOH A . 
B 2 HOH 160 2160 2160 HOH HOH A . 
B 2 HOH 161 2161 2161 HOH HOH A . 
B 2 HOH 162 2162 2162 HOH HOH A . 
B 2 HOH 163 2163 2163 HOH HOH A . 
B 2 HOH 164 2164 2164 HOH HOH A . 
B 2 HOH 165 2165 2165 HOH HOH A . 
B 2 HOH 166 2166 2166 HOH HOH A . 
B 2 HOH 167 2167 2167 HOH HOH A . 
B 2 HOH 168 2168 2168 HOH HOH A . 
B 2 HOH 169 2169 2169 HOH HOH A . 
B 2 HOH 170 2170 2170 HOH HOH A . 
B 2 HOH 171 2171 2171 HOH HOH A . 
B 2 HOH 172 2172 2172 HOH HOH A . 
B 2 HOH 173 2173 2173 HOH HOH A . 
B 2 HOH 174 2174 2174 HOH HOH A . 
B 2 HOH 175 2175 2175 HOH HOH A . 
B 2 HOH 176 2176 2176 HOH HOH A . 
B 2 HOH 177 2177 2177 HOH HOH A . 
B 2 HOH 178 2178 2178 HOH HOH A . 
B 2 HOH 179 2179 2179 HOH HOH A . 
B 2 HOH 180 2180 2180 HOH HOH A . 
B 2 HOH 181 2181 2181 HOH HOH A . 
B 2 HOH 182 2182 2182 HOH HOH A . 
B 2 HOH 183 2183 2183 HOH HOH A . 
B 2 HOH 184 2184 2184 HOH HOH A . 
B 2 HOH 185 2185 2185 HOH HOH A . 
B 2 HOH 186 2186 2186 HOH HOH A . 
B 2 HOH 187 2187 2187 HOH HOH A . 
B 2 HOH 188 2188 2188 HOH HOH A . 
B 2 HOH 189 2189 2189 HOH HOH A . 
B 2 HOH 190 2190 2190 HOH HOH A . 
B 2 HOH 191 2191 2191 HOH HOH A . 
# 
_pdbx_struct_assembly.id                   1 
_pdbx_struct_assembly.details              author_and_software_defined_assembly 
_pdbx_struct_assembly.method_details       PQS 
_pdbx_struct_assembly.oligomeric_details   hexameric 
_pdbx_struct_assembly.oligomeric_count     6 
# 
_pdbx_struct_assembly_gen.assembly_id       1 
_pdbx_struct_assembly_gen.oper_expression   1,2,3,4,5,6 
_pdbx_struct_assembly_gen.asym_id_list      A,B 
# 
loop_
_pdbx_struct_oper_list.id 
_pdbx_struct_oper_list.type 
_pdbx_struct_oper_list.name 
_pdbx_struct_oper_list.symmetry_operation 
_pdbx_struct_oper_list.matrix[1][1] 
_pdbx_struct_oper_list.matrix[1][2] 
_pdbx_struct_oper_list.matrix[1][3] 
_pdbx_struct_oper_list.vector[1] 
_pdbx_struct_oper_list.matrix[2][1] 
_pdbx_struct_oper_list.matrix[2][2] 
_pdbx_struct_oper_list.matrix[2][3] 
_pdbx_struct_oper_list.vector[2] 
_pdbx_struct_oper_list.matrix[3][1] 
_pdbx_struct_oper_list.matrix[3][2] 
_pdbx_struct_oper_list.matrix[3][3] 
_pdbx_struct_oper_list.vector[3] 
1 'identity operation'         1_555  x,y,z            1.0000000000  0.0000000000  0.0000000000  0.0000000000   0.0000000000  1.0000000000  0.0000000000  0.0000000000   0.0000000000  0.0000000000  1.0000000000  0.0000000000   
2 'crystal symmetry operation' 11_555 -x+y,y,-z+1/2    -0.7077655046 0.4152981422  -0.5714852960 -26.6903663117 0.4152981422  -0.4098145509 -0.8121449914 -10.1962795746 -0.5714852960 -0.8121449914 0.1175800555  -21.0580075793 
3 'crystal symmetry operation' 3_565  -x+y,-x+1,z      -0.3374293270 -0.2373801174 0.9109292668  12.1991363760  0.9048416027  0.1850940980  0.3834082013  18.2454913622  -0.2596211149 0.9536198691  0.1523352289  -24.7879691637 
4 'crystal symmetry operation' 2_665  -y+1,x-y+1,z     -0.3374293270 0.9048416027  -0.2596211149 -18.8284134577 -0.2373801174 0.1850940980  0.9536198691  23.1569995670  0.9109292668  0.3834082013  0.1523352289  -14.3319404233 
5 'crystal symmetry operation' 12_565 x,x-y+1,-z+1/2   -0.3803453656 -0.7826585880 0.4927300860  4.4432873544   -0.7826585880 -0.0114582684 -0.6223457582 -15.8661464497 0.4927300860  -0.6223457582 -0.6081963660 -30.7898377048 
6 'crystal symmetry operation' 10_665 -y+1,-x+1,-z+1/2 0.7629695241  -0.3001010396 -0.5725529419 -13.5812156641 -0.3001010396 -0.9489153768 0.0974626792  7.5241562529   -0.5725529419 0.0974626792  -0.8140541474 -45.7621898570 
# 
loop_
_pdbx_struct_special_symmetry.id 
_pdbx_struct_special_symmetry.PDB_model_num 
_pdbx_struct_special_symmetry.auth_asym_id 
_pdbx_struct_special_symmetry.auth_comp_id 
_pdbx_struct_special_symmetry.auth_seq_id 
_pdbx_struct_special_symmetry.PDB_ins_code 
_pdbx_struct_special_symmetry.label_asym_id 
_pdbx_struct_special_symmetry.label_comp_id 
_pdbx_struct_special_symmetry.label_seq_id 
1 1 A HOH 2016 ? B HOH . 
2 1 A HOH 2052 ? B HOH . 
3 1 A HOH 2181 ? B HOH . 
4 1 A HOH 2187 ? B HOH . 
# 
loop_
_pdbx_audit_revision_history.ordinal 
_pdbx_audit_revision_history.data_content_type 
_pdbx_audit_revision_history.major_revision 
_pdbx_audit_revision_history.minor_revision 
_pdbx_audit_revision_history.revision_date 
1 'Structure model' 1 0 2006-10-18 
2 'Structure model' 1 1 2011-05-08 
3 'Structure model' 1 2 2011-07-13 
4 'Structure model' 1 3 2023-12-13 
# 
_pdbx_audit_revision_details.ordinal             1 
_pdbx_audit_revision_details.revision_ordinal    1 
_pdbx_audit_revision_details.data_content_type   'Structure model' 
_pdbx_audit_revision_details.provider            repository 
_pdbx_audit_revision_details.type                'Initial release' 
_pdbx_audit_revision_details.description         ? 
_pdbx_audit_revision_details.details             ? 
# 
loop_
_pdbx_audit_revision_group.ordinal 
_pdbx_audit_revision_group.revision_ordinal 
_pdbx_audit_revision_group.data_content_type 
_pdbx_audit_revision_group.group 
1 2 'Structure model' 'Version format compliance' 
2 3 'Structure model' 'Version format compliance' 
3 4 'Structure model' 'Data collection'           
4 4 'Structure model' 'Database references'       
5 4 'Structure model' Other                       
6 4 'Structure model' 'Refinement description'    
# 
loop_
_pdbx_audit_revision_category.ordinal 
_pdbx_audit_revision_category.revision_ordinal 
_pdbx_audit_revision_category.data_content_type 
_pdbx_audit_revision_category.category 
1 4 'Structure model' chem_comp_atom                
2 4 'Structure model' chem_comp_bond                
3 4 'Structure model' database_2                    
4 4 'Structure model' pdbx_database_status          
5 4 'Structure model' pdbx_initial_refinement_model 
# 
loop_
_pdbx_audit_revision_item.ordinal 
_pdbx_audit_revision_item.revision_ordinal 
_pdbx_audit_revision_item.data_content_type 
_pdbx_audit_revision_item.item 
1 4 'Structure model' '_database_2.pdbx_DOI'                 
2 4 'Structure model' '_database_2.pdbx_database_accession'  
3 4 'Structure model' '_pdbx_database_status.status_code_sf' 
# 
loop_
_software.name 
_software.classification 
_software.version 
_software.citation_id 
_software.pdbx_ordinal 
CNS       refinement       1.1 ? 1 
HKL-2000  'data reduction' .   ? 2 
SCALEPACK 'data scaling'   .   ? 3 
AMoRE     phasing          .   ? 4 
# 
_pdbx_database_remark.id     700 
_pdbx_database_remark.text   
;
SHEET
THE SHEET STRUCTURE OF THIS MOLECULE IS BIFURCATED. IN
ORDER TO REPRESENT THIS FEATURE IN THE SHEET RECORDS BELOW,
TWO SHEETS ARE DEFINED.
;
# 
loop_
_pdbx_validate_symm_contact.id 
_pdbx_validate_symm_contact.PDB_model_num 
_pdbx_validate_symm_contact.auth_atom_id_1 
_pdbx_validate_symm_contact.auth_asym_id_1 
_pdbx_validate_symm_contact.auth_comp_id_1 
_pdbx_validate_symm_contact.auth_seq_id_1 
_pdbx_validate_symm_contact.PDB_ins_code_1 
_pdbx_validate_symm_contact.label_alt_id_1 
_pdbx_validate_symm_contact.site_symmetry_1 
_pdbx_validate_symm_contact.auth_atom_id_2 
_pdbx_validate_symm_contact.auth_asym_id_2 
_pdbx_validate_symm_contact.auth_comp_id_2 
_pdbx_validate_symm_contact.auth_seq_id_2 
_pdbx_validate_symm_contact.PDB_ins_code_2 
_pdbx_validate_symm_contact.label_alt_id_2 
_pdbx_validate_symm_contact.site_symmetry_2 
_pdbx_validate_symm_contact.dist 
1 1 O A HOH 2090 ? ? 1_555 O A HOH 2090 ? ? 9_555  1.08 
2 1 O A HOH 2068 ? ? 1_555 O A HOH 2068 ? ? 11_555 1.12 
# 
loop_
_pdbx_validate_torsion.id 
_pdbx_validate_torsion.PDB_model_num 
_pdbx_validate_torsion.auth_comp_id 
_pdbx_validate_torsion.auth_asym_id 
_pdbx_validate_torsion.auth_seq_id 
_pdbx_validate_torsion.PDB_ins_code 
_pdbx_validate_torsion.label_alt_id 
_pdbx_validate_torsion.phi 
_pdbx_validate_torsion.psi 
1 1 SER A 14 ? ? -171.73 61.60  
2 1 HIS A 24 ? ? 78.61   -11.41 
3 1 GLU A 34 ? ? -174.48 -21.60 
# 
loop_
_pdbx_distant_solvent_atoms.id 
_pdbx_distant_solvent_atoms.PDB_model_num 
_pdbx_distant_solvent_atoms.auth_atom_id 
_pdbx_distant_solvent_atoms.label_alt_id 
_pdbx_distant_solvent_atoms.auth_asym_id 
_pdbx_distant_solvent_atoms.auth_comp_id 
_pdbx_distant_solvent_atoms.auth_seq_id 
_pdbx_distant_solvent_atoms.PDB_ins_code 
_pdbx_distant_solvent_atoms.neighbor_macromolecule_distance 
_pdbx_distant_solvent_atoms.neighbor_ligand_distance 
1  1 O ? A HOH 2002 ? 5.97 . 
2  1 O ? A HOH 2003 ? 6.61 . 
3  1 O ? A HOH 2005 ? 6.69 . 
4  1 O ? A HOH 2006 ? 9.93 . 
5  1 O ? A HOH 2008 ? 6.98 . 
6  1 O ? A HOH 2013 ? 6.33 . 
7  1 O ? A HOH 2021 ? 6.68 . 
8  1 O ? A HOH 2024 ? 6.41 . 
9  1 O ? A HOH 2036 ? 6.28 . 
10 1 O ? A HOH 2037 ? 7.33 . 
11 1 O ? A HOH 2043 ? 6.84 . 
12 1 O ? A HOH 2059 ? 5.98 . 
13 1 O ? A HOH 2065 ? 6.31 . 
14 1 O ? A HOH 2072 ? 6.33 . 
15 1 O ? A HOH 2081 ? 6.17 . 
# 
loop_
_pdbx_unobs_or_zero_occ_residues.id 
_pdbx_unobs_or_zero_occ_residues.PDB_model_num 
_pdbx_unobs_or_zero_occ_residues.polymer_flag 
_pdbx_unobs_or_zero_occ_residues.occupancy_flag 
_pdbx_unobs_or_zero_occ_residues.auth_asym_id 
_pdbx_unobs_or_zero_occ_residues.auth_comp_id 
_pdbx_unobs_or_zero_occ_residues.auth_seq_id 
_pdbx_unobs_or_zero_occ_residues.PDB_ins_code 
_pdbx_unobs_or_zero_occ_residues.label_asym_id 
_pdbx_unobs_or_zero_occ_residues.label_comp_id 
_pdbx_unobs_or_zero_occ_residues.label_seq_id 
1 1 Y 1 A MET 1   ? A MET 1   
2 1 Y 1 A ASN 2   ? A ASN 2   
3 1 Y 1 A LEU 3   ? A LEU 3   
4 1 Y 1 A GLU 4   ? A GLU 4   
5 1 Y 1 A LYS 5   ? A LYS 5   
6 1 Y 1 A LEU 6   ? A LEU 6   
7 1 Y 1 A GLY 173 ? A GLY 173 
# 
loop_
_chem_comp_atom.comp_id 
_chem_comp_atom.atom_id 
_chem_comp_atom.type_symbol 
_chem_comp_atom.pdbx_aromatic_flag 
_chem_comp_atom.pdbx_stereo_config 
_chem_comp_atom.pdbx_ordinal 
ALA N    N N N 1   
ALA CA   C N S 2   
ALA C    C N N 3   
ALA O    O N N 4   
ALA CB   C N N 5   
ALA OXT  O N N 6   
ALA H    H N N 7   
ALA H2   H N N 8   
ALA HA   H N N 9   
ALA HB1  H N N 10  
ALA HB2  H N N 11  
ALA HB3  H N N 12  
ALA HXT  H N N 13  
ARG N    N N N 14  
ARG CA   C N S 15  
ARG C    C N N 16  
ARG O    O N N 17  
ARG CB   C N N 18  
ARG CG   C N N 19  
ARG CD   C N N 20  
ARG NE   N N N 21  
ARG CZ   C N N 22  
ARG NH1  N N N 23  
ARG NH2  N N N 24  
ARG OXT  O N N 25  
ARG H    H N N 26  
ARG H2   H N N 27  
ARG HA   H N N 28  
ARG HB2  H N N 29  
ARG HB3  H N N 30  
ARG HG2  H N N 31  
ARG HG3  H N N 32  
ARG HD2  H N N 33  
ARG HD3  H N N 34  
ARG HE   H N N 35  
ARG HH11 H N N 36  
ARG HH12 H N N 37  
ARG HH21 H N N 38  
ARG HH22 H N N 39  
ARG HXT  H N N 40  
ASN N    N N N 41  
ASN CA   C N S 42  
ASN C    C N N 43  
ASN O    O N N 44  
ASN CB   C N N 45  
ASN CG   C N N 46  
ASN OD1  O N N 47  
ASN ND2  N N N 48  
ASN OXT  O N N 49  
ASN H    H N N 50  
ASN H2   H N N 51  
ASN HA   H N N 52  
ASN HB2  H N N 53  
ASN HB3  H N N 54  
ASN HD21 H N N 55  
ASN HD22 H N N 56  
ASN HXT  H N N 57  
ASP N    N N N 58  
ASP CA   C N S 59  
ASP C    C N N 60  
ASP O    O N N 61  
ASP CB   C N N 62  
ASP CG   C N N 63  
ASP OD1  O N N 64  
ASP OD2  O N N 65  
ASP OXT  O N N 66  
ASP H    H N N 67  
ASP H2   H N N 68  
ASP HA   H N N 69  
ASP HB2  H N N 70  
ASP HB3  H N N 71  
ASP HD2  H N N 72  
ASP HXT  H N N 73  
CYS N    N N N 74  
CYS CA   C N R 75  
CYS C    C N N 76  
CYS O    O N N 77  
CYS CB   C N N 78  
CYS SG   S N N 79  
CYS OXT  O N N 80  
CYS H    H N N 81  
CYS H2   H N N 82  
CYS HA   H N N 83  
CYS HB2  H N N 84  
CYS HB3  H N N 85  
CYS HG   H N N 86  
CYS HXT  H N N 87  
GLN N    N N N 88  
GLN CA   C N S 89  
GLN C    C N N 90  
GLN O    O N N 91  
GLN CB   C N N 92  
GLN CG   C N N 93  
GLN CD   C N N 94  
GLN OE1  O N N 95  
GLN NE2  N N N 96  
GLN OXT  O N N 97  
GLN H    H N N 98  
GLN H2   H N N 99  
GLN HA   H N N 100 
GLN HB2  H N N 101 
GLN HB3  H N N 102 
GLN HG2  H N N 103 
GLN HG3  H N N 104 
GLN HE21 H N N 105 
GLN HE22 H N N 106 
GLN HXT  H N N 107 
GLU N    N N N 108 
GLU CA   C N S 109 
GLU C    C N N 110 
GLU O    O N N 111 
GLU CB   C N N 112 
GLU CG   C N N 113 
GLU CD   C N N 114 
GLU OE1  O N N 115 
GLU OE2  O N N 116 
GLU OXT  O N N 117 
GLU H    H N N 118 
GLU H2   H N N 119 
GLU HA   H N N 120 
GLU HB2  H N N 121 
GLU HB3  H N N 122 
GLU HG2  H N N 123 
GLU HG3  H N N 124 
GLU HE2  H N N 125 
GLU HXT  H N N 126 
GLY N    N N N 127 
GLY CA   C N N 128 
GLY C    C N N 129 
GLY O    O N N 130 
GLY OXT  O N N 131 
GLY H    H N N 132 
GLY H2   H N N 133 
GLY HA2  H N N 134 
GLY HA3  H N N 135 
GLY HXT  H N N 136 
HIS N    N N N 137 
HIS CA   C N S 138 
HIS C    C N N 139 
HIS O    O N N 140 
HIS CB   C N N 141 
HIS CG   C Y N 142 
HIS ND1  N Y N 143 
HIS CD2  C Y N 144 
HIS CE1  C Y N 145 
HIS NE2  N Y N 146 
HIS OXT  O N N 147 
HIS H    H N N 148 
HIS H2   H N N 149 
HIS HA   H N N 150 
HIS HB2  H N N 151 
HIS HB3  H N N 152 
HIS HD1  H N N 153 
HIS HD2  H N N 154 
HIS HE1  H N N 155 
HIS HE2  H N N 156 
HIS HXT  H N N 157 
HOH O    O N N 158 
HOH H1   H N N 159 
HOH H2   H N N 160 
ILE N    N N N 161 
ILE CA   C N S 162 
ILE C    C N N 163 
ILE O    O N N 164 
ILE CB   C N S 165 
ILE CG1  C N N 166 
ILE CG2  C N N 167 
ILE CD1  C N N 168 
ILE OXT  O N N 169 
ILE H    H N N 170 
ILE H2   H N N 171 
ILE HA   H N N 172 
ILE HB   H N N 173 
ILE HG12 H N N 174 
ILE HG13 H N N 175 
ILE HG21 H N N 176 
ILE HG22 H N N 177 
ILE HG23 H N N 178 
ILE HD11 H N N 179 
ILE HD12 H N N 180 
ILE HD13 H N N 181 
ILE HXT  H N N 182 
LEU N    N N N 183 
LEU CA   C N S 184 
LEU C    C N N 185 
LEU O    O N N 186 
LEU CB   C N N 187 
LEU CG   C N N 188 
LEU CD1  C N N 189 
LEU CD2  C N N 190 
LEU OXT  O N N 191 
LEU H    H N N 192 
LEU H2   H N N 193 
LEU HA   H N N 194 
LEU HB2  H N N 195 
LEU HB3  H N N 196 
LEU HG   H N N 197 
LEU HD11 H N N 198 
LEU HD12 H N N 199 
LEU HD13 H N N 200 
LEU HD21 H N N 201 
LEU HD22 H N N 202 
LEU HD23 H N N 203 
LEU HXT  H N N 204 
LYS N    N N N 205 
LYS CA   C N S 206 
LYS C    C N N 207 
LYS O    O N N 208 
LYS CB   C N N 209 
LYS CG   C N N 210 
LYS CD   C N N 211 
LYS CE   C N N 212 
LYS NZ   N N N 213 
LYS OXT  O N N 214 
LYS H    H N N 215 
LYS H2   H N N 216 
LYS HA   H N N 217 
LYS HB2  H N N 218 
LYS HB3  H N N 219 
LYS HG2  H N N 220 
LYS HG3  H N N 221 
LYS HD2  H N N 222 
LYS HD3  H N N 223 
LYS HE2  H N N 224 
LYS HE3  H N N 225 
LYS HZ1  H N N 226 
LYS HZ2  H N N 227 
LYS HZ3  H N N 228 
LYS HXT  H N N 229 
MET N    N N N 230 
MET CA   C N S 231 
MET C    C N N 232 
MET O    O N N 233 
MET CB   C N N 234 
MET CG   C N N 235 
MET SD   S N N 236 
MET CE   C N N 237 
MET OXT  O N N 238 
MET H    H N N 239 
MET H2   H N N 240 
MET HA   H N N 241 
MET HB2  H N N 242 
MET HB3  H N N 243 
MET HG2  H N N 244 
MET HG3  H N N 245 
MET HE1  H N N 246 
MET HE2  H N N 247 
MET HE3  H N N 248 
MET HXT  H N N 249 
PHE N    N N N 250 
PHE CA   C N S 251 
PHE C    C N N 252 
PHE O    O N N 253 
PHE CB   C N N 254 
PHE CG   C Y N 255 
PHE CD1  C Y N 256 
PHE CD2  C Y N 257 
PHE CE1  C Y N 258 
PHE CE2  C Y N 259 
PHE CZ   C Y N 260 
PHE OXT  O N N 261 
PHE H    H N N 262 
PHE H2   H N N 263 
PHE HA   H N N 264 
PHE HB2  H N N 265 
PHE HB3  H N N 266 
PHE HD1  H N N 267 
PHE HD2  H N N 268 
PHE HE1  H N N 269 
PHE HE2  H N N 270 
PHE HZ   H N N 271 
PHE HXT  H N N 272 
PRO N    N N N 273 
PRO CA   C N S 274 
PRO C    C N N 275 
PRO O    O N N 276 
PRO CB   C N N 277 
PRO CG   C N N 278 
PRO CD   C N N 279 
PRO OXT  O N N 280 
PRO H    H N N 281 
PRO HA   H N N 282 
PRO HB2  H N N 283 
PRO HB3  H N N 284 
PRO HG2  H N N 285 
PRO HG3  H N N 286 
PRO HD2  H N N 287 
PRO HD3  H N N 288 
PRO HXT  H N N 289 
SER N    N N N 290 
SER CA   C N S 291 
SER C    C N N 292 
SER O    O N N 293 
SER CB   C N N 294 
SER OG   O N N 295 
SER OXT  O N N 296 
SER H    H N N 297 
SER H2   H N N 298 
SER HA   H N N 299 
SER HB2  H N N 300 
SER HB3  H N N 301 
SER HG   H N N 302 
SER HXT  H N N 303 
THR N    N N N 304 
THR CA   C N S 305 
THR C    C N N 306 
THR O    O N N 307 
THR CB   C N R 308 
THR OG1  O N N 309 
THR CG2  C N N 310 
THR OXT  O N N 311 
THR H    H N N 312 
THR H2   H N N 313 
THR HA   H N N 314 
THR HB   H N N 315 
THR HG1  H N N 316 
THR HG21 H N N 317 
THR HG22 H N N 318 
THR HG23 H N N 319 
THR HXT  H N N 320 
TRP N    N N N 321 
TRP CA   C N S 322 
TRP C    C N N 323 
TRP O    O N N 324 
TRP CB   C N N 325 
TRP CG   C Y N 326 
TRP CD1  C Y N 327 
TRP CD2  C Y N 328 
TRP NE1  N Y N 329 
TRP CE2  C Y N 330 
TRP CE3  C Y N 331 
TRP CZ2  C Y N 332 
TRP CZ3  C Y N 333 
TRP CH2  C Y N 334 
TRP OXT  O N N 335 
TRP H    H N N 336 
TRP H2   H N N 337 
TRP HA   H N N 338 
TRP HB2  H N N 339 
TRP HB3  H N N 340 
TRP HD1  H N N 341 
TRP HE1  H N N 342 
TRP HE3  H N N 343 
TRP HZ2  H N N 344 
TRP HZ3  H N N 345 
TRP HH2  H N N 346 
TRP HXT  H N N 347 
TYR N    N N N 348 
TYR CA   C N S 349 
TYR C    C N N 350 
TYR O    O N N 351 
TYR CB   C N N 352 
TYR CG   C Y N 353 
TYR CD1  C Y N 354 
TYR CD2  C Y N 355 
TYR CE1  C Y N 356 
TYR CE2  C Y N 357 
TYR CZ   C Y N 358 
TYR OH   O N N 359 
TYR OXT  O N N 360 
TYR H    H N N 361 
TYR H2   H N N 362 
TYR HA   H N N 363 
TYR HB2  H N N 364 
TYR HB3  H N N 365 
TYR HD1  H N N 366 
TYR HD2  H N N 367 
TYR HE1  H N N 368 
TYR HE2  H N N 369 
TYR HH   H N N 370 
TYR HXT  H N N 371 
VAL N    N N N 372 
VAL CA   C N S 373 
VAL C    C N N 374 
VAL O    O N N 375 
VAL CB   C N N 376 
VAL CG1  C N N 377 
VAL CG2  C N N 378 
VAL OXT  O N N 379 
VAL H    H N N 380 
VAL H2   H N N 381 
VAL HA   H N N 382 
VAL HB   H N N 383 
VAL HG11 H N N 384 
VAL HG12 H N N 385 
VAL HG13 H N N 386 
VAL HG21 H N N 387 
VAL HG22 H N N 388 
VAL HG23 H N N 389 
VAL HXT  H N N 390 
# 
loop_
_chem_comp_bond.comp_id 
_chem_comp_bond.atom_id_1 
_chem_comp_bond.atom_id_2 
_chem_comp_bond.value_order 
_chem_comp_bond.pdbx_aromatic_flag 
_chem_comp_bond.pdbx_stereo_config 
_chem_comp_bond.pdbx_ordinal 
ALA N   CA   sing N N 1   
ALA N   H    sing N N 2   
ALA N   H2   sing N N 3   
ALA CA  C    sing N N 4   
ALA CA  CB   sing N N 5   
ALA CA  HA   sing N N 6   
ALA C   O    doub N N 7   
ALA C   OXT  sing N N 8   
ALA CB  HB1  sing N N 9   
ALA CB  HB2  sing N N 10  
ALA CB  HB3  sing N N 11  
ALA OXT HXT  sing N N 12  
ARG N   CA   sing N N 13  
ARG N   H    sing N N 14  
ARG N   H2   sing N N 15  
ARG CA  C    sing N N 16  
ARG CA  CB   sing N N 17  
ARG CA  HA   sing N N 18  
ARG C   O    doub N N 19  
ARG C   OXT  sing N N 20  
ARG CB  CG   sing N N 21  
ARG CB  HB2  sing N N 22  
ARG CB  HB3  sing N N 23  
ARG CG  CD   sing N N 24  
ARG CG  HG2  sing N N 25  
ARG CG  HG3  sing N N 26  
ARG CD  NE   sing N N 27  
ARG CD  HD2  sing N N 28  
ARG CD  HD3  sing N N 29  
ARG NE  CZ   sing N N 30  
ARG NE  HE   sing N N 31  
ARG CZ  NH1  sing N N 32  
ARG CZ  NH2  doub N N 33  
ARG NH1 HH11 sing N N 34  
ARG NH1 HH12 sing N N 35  
ARG NH2 HH21 sing N N 36  
ARG NH2 HH22 sing N N 37  
ARG OXT HXT  sing N N 38  
ASN N   CA   sing N N 39  
ASN N   H    sing N N 40  
ASN N   H2   sing N N 41  
ASN CA  C    sing N N 42  
ASN CA  CB   sing N N 43  
ASN CA  HA   sing N N 44  
ASN C   O    doub N N 45  
ASN C   OXT  sing N N 46  
ASN CB  CG   sing N N 47  
ASN CB  HB2  sing N N 48  
ASN CB  HB3  sing N N 49  
ASN CG  OD1  doub N N 50  
ASN CG  ND2  sing N N 51  
ASN ND2 HD21 sing N N 52  
ASN ND2 HD22 sing N N 53  
ASN OXT HXT  sing N N 54  
ASP N   CA   sing N N 55  
ASP N   H    sing N N 56  
ASP N   H2   sing N N 57  
ASP CA  C    sing N N 58  
ASP CA  CB   sing N N 59  
ASP CA  HA   sing N N 60  
ASP C   O    doub N N 61  
ASP C   OXT  sing N N 62  
ASP CB  CG   sing N N 63  
ASP CB  HB2  sing N N 64  
ASP CB  HB3  sing N N 65  
ASP CG  OD1  doub N N 66  
ASP CG  OD2  sing N N 67  
ASP OD2 HD2  sing N N 68  
ASP OXT HXT  sing N N 69  
CYS N   CA   sing N N 70  
CYS N   H    sing N N 71  
CYS N   H2   sing N N 72  
CYS CA  C    sing N N 73  
CYS CA  CB   sing N N 74  
CYS CA  HA   sing N N 75  
CYS C   O    doub N N 76  
CYS C   OXT  sing N N 77  
CYS CB  SG   sing N N 78  
CYS CB  HB2  sing N N 79  
CYS CB  HB3  sing N N 80  
CYS SG  HG   sing N N 81  
CYS OXT HXT  sing N N 82  
GLN N   CA   sing N N 83  
GLN N   H    sing N N 84  
GLN N   H2   sing N N 85  
GLN CA  C    sing N N 86  
GLN CA  CB   sing N N 87  
GLN CA  HA   sing N N 88  
GLN C   O    doub N N 89  
GLN C   OXT  sing N N 90  
GLN CB  CG   sing N N 91  
GLN CB  HB2  sing N N 92  
GLN CB  HB3  sing N N 93  
GLN CG  CD   sing N N 94  
GLN CG  HG2  sing N N 95  
GLN CG  HG3  sing N N 96  
GLN CD  OE1  doub N N 97  
GLN CD  NE2  sing N N 98  
GLN NE2 HE21 sing N N 99  
GLN NE2 HE22 sing N N 100 
GLN OXT HXT  sing N N 101 
GLU N   CA   sing N N 102 
GLU N   H    sing N N 103 
GLU N   H2   sing N N 104 
GLU CA  C    sing N N 105 
GLU CA  CB   sing N N 106 
GLU CA  HA   sing N N 107 
GLU C   O    doub N N 108 
GLU C   OXT  sing N N 109 
GLU CB  CG   sing N N 110 
GLU CB  HB2  sing N N 111 
GLU CB  HB3  sing N N 112 
GLU CG  CD   sing N N 113 
GLU CG  HG2  sing N N 114 
GLU CG  HG3  sing N N 115 
GLU CD  OE1  doub N N 116 
GLU CD  OE2  sing N N 117 
GLU OE2 HE2  sing N N 118 
GLU OXT HXT  sing N N 119 
GLY N   CA   sing N N 120 
GLY N   H    sing N N 121 
GLY N   H2   sing N N 122 
GLY CA  C    sing N N 123 
GLY CA  HA2  sing N N 124 
GLY CA  HA3  sing N N 125 
GLY C   O    doub N N 126 
GLY C   OXT  sing N N 127 
GLY OXT HXT  sing N N 128 
HIS N   CA   sing N N 129 
HIS N   H    sing N N 130 
HIS N   H2   sing N N 131 
HIS CA  C    sing N N 132 
HIS CA  CB   sing N N 133 
HIS CA  HA   sing N N 134 
HIS C   O    doub N N 135 
HIS C   OXT  sing N N 136 
HIS CB  CG   sing N N 137 
HIS CB  HB2  sing N N 138 
HIS CB  HB3  sing N N 139 
HIS CG  ND1  sing Y N 140 
HIS CG  CD2  doub Y N 141 
HIS ND1 CE1  doub Y N 142 
HIS ND1 HD1  sing N N 143 
HIS CD2 NE2  sing Y N 144 
HIS CD2 HD2  sing N N 145 
HIS CE1 NE2  sing Y N 146 
HIS CE1 HE1  sing N N 147 
HIS NE2 HE2  sing N N 148 
HIS OXT HXT  sing N N 149 
HOH O   H1   sing N N 150 
HOH O   H2   sing N N 151 
ILE N   CA   sing N N 152 
ILE N   H    sing N N 153 
ILE N   H2   sing N N 154 
ILE CA  C    sing N N 155 
ILE CA  CB   sing N N 156 
ILE CA  HA   sing N N 157 
ILE C   O    doub N N 158 
ILE C   OXT  sing N N 159 
ILE CB  CG1  sing N N 160 
ILE CB  CG2  sing N N 161 
ILE CB  HB   sing N N 162 
ILE CG1 CD1  sing N N 163 
ILE CG1 HG12 sing N N 164 
ILE CG1 HG13 sing N N 165 
ILE CG2 HG21 sing N N 166 
ILE CG2 HG22 sing N N 167 
ILE CG2 HG23 sing N N 168 
ILE CD1 HD11 sing N N 169 
ILE CD1 HD12 sing N N 170 
ILE CD1 HD13 sing N N 171 
ILE OXT HXT  sing N N 172 
LEU N   CA   sing N N 173 
LEU N   H    sing N N 174 
LEU N   H2   sing N N 175 
LEU CA  C    sing N N 176 
LEU CA  CB   sing N N 177 
LEU CA  HA   sing N N 178 
LEU C   O    doub N N 179 
LEU C   OXT  sing N N 180 
LEU CB  CG   sing N N 181 
LEU CB  HB2  sing N N 182 
LEU CB  HB3  sing N N 183 
LEU CG  CD1  sing N N 184 
LEU CG  CD2  sing N N 185 
LEU CG  HG   sing N N 186 
LEU CD1 HD11 sing N N 187 
LEU CD1 HD12 sing N N 188 
LEU CD1 HD13 sing N N 189 
LEU CD2 HD21 sing N N 190 
LEU CD2 HD22 sing N N 191 
LEU CD2 HD23 sing N N 192 
LEU OXT HXT  sing N N 193 
LYS N   CA   sing N N 194 
LYS N   H    sing N N 195 
LYS N   H2   sing N N 196 
LYS CA  C    sing N N 197 
LYS CA  CB   sing N N 198 
LYS CA  HA   sing N N 199 
LYS C   O    doub N N 200 
LYS C   OXT  sing N N 201 
LYS CB  CG   sing N N 202 
LYS CB  HB2  sing N N 203 
LYS CB  HB3  sing N N 204 
LYS CG  CD   sing N N 205 
LYS CG  HG2  sing N N 206 
LYS CG  HG3  sing N N 207 
LYS CD  CE   sing N N 208 
LYS CD  HD2  sing N N 209 
LYS CD  HD3  sing N N 210 
LYS CE  NZ   sing N N 211 
LYS CE  HE2  sing N N 212 
LYS CE  HE3  sing N N 213 
LYS NZ  HZ1  sing N N 214 
LYS NZ  HZ2  sing N N 215 
LYS NZ  HZ3  sing N N 216 
LYS OXT HXT  sing N N 217 
MET N   CA   sing N N 218 
MET N   H    sing N N 219 
MET N   H2   sing N N 220 
MET CA  C    sing N N 221 
MET CA  CB   sing N N 222 
MET CA  HA   sing N N 223 
MET C   O    doub N N 224 
MET C   OXT  sing N N 225 
MET CB  CG   sing N N 226 
MET CB  HB2  sing N N 227 
MET CB  HB3  sing N N 228 
MET CG  SD   sing N N 229 
MET CG  HG2  sing N N 230 
MET CG  HG3  sing N N 231 
MET SD  CE   sing N N 232 
MET CE  HE1  sing N N 233 
MET CE  HE2  sing N N 234 
MET CE  HE3  sing N N 235 
MET OXT HXT  sing N N 236 
PHE N   CA   sing N N 237 
PHE N   H    sing N N 238 
PHE N   H2   sing N N 239 
PHE CA  C    sing N N 240 
PHE CA  CB   sing N N 241 
PHE CA  HA   sing N N 242 
PHE C   O    doub N N 243 
PHE C   OXT  sing N N 244 
PHE CB  CG   sing N N 245 
PHE CB  HB2  sing N N 246 
PHE CB  HB3  sing N N 247 
PHE CG  CD1  doub Y N 248 
PHE CG  CD2  sing Y N 249 
PHE CD1 CE1  sing Y N 250 
PHE CD1 HD1  sing N N 251 
PHE CD2 CE2  doub Y N 252 
PHE CD2 HD2  sing N N 253 
PHE CE1 CZ   doub Y N 254 
PHE CE1 HE1  sing N N 255 
PHE CE2 CZ   sing Y N 256 
PHE CE2 HE2  sing N N 257 
PHE CZ  HZ   sing N N 258 
PHE OXT HXT  sing N N 259 
PRO N   CA   sing N N 260 
PRO N   CD   sing N N 261 
PRO N   H    sing N N 262 
PRO CA  C    sing N N 263 
PRO CA  CB   sing N N 264 
PRO CA  HA   sing N N 265 
PRO C   O    doub N N 266 
PRO C   OXT  sing N N 267 
PRO CB  CG   sing N N 268 
PRO CB  HB2  sing N N 269 
PRO CB  HB3  sing N N 270 
PRO CG  CD   sing N N 271 
PRO CG  HG2  sing N N 272 
PRO CG  HG3  sing N N 273 
PRO CD  HD2  sing N N 274 
PRO CD  HD3  sing N N 275 
PRO OXT HXT  sing N N 276 
SER N   CA   sing N N 277 
SER N   H    sing N N 278 
SER N   H2   sing N N 279 
SER CA  C    sing N N 280 
SER CA  CB   sing N N 281 
SER CA  HA   sing N N 282 
SER C   O    doub N N 283 
SER C   OXT  sing N N 284 
SER CB  OG   sing N N 285 
SER CB  HB2  sing N N 286 
SER CB  HB3  sing N N 287 
SER OG  HG   sing N N 288 
SER OXT HXT  sing N N 289 
THR N   CA   sing N N 290 
THR N   H    sing N N 291 
THR N   H2   sing N N 292 
THR CA  C    sing N N 293 
THR CA  CB   sing N N 294 
THR CA  HA   sing N N 295 
THR C   O    doub N N 296 
THR C   OXT  sing N N 297 
THR CB  OG1  sing N N 298 
THR CB  CG2  sing N N 299 
THR CB  HB   sing N N 300 
THR OG1 HG1  sing N N 301 
THR CG2 HG21 sing N N 302 
THR CG2 HG22 sing N N 303 
THR CG2 HG23 sing N N 304 
THR OXT HXT  sing N N 305 
TRP N   CA   sing N N 306 
TRP N   H    sing N N 307 
TRP N   H2   sing N N 308 
TRP CA  C    sing N N 309 
TRP CA  CB   sing N N 310 
TRP CA  HA   sing N N 311 
TRP C   O    doub N N 312 
TRP C   OXT  sing N N 313 
TRP CB  CG   sing N N 314 
TRP CB  HB2  sing N N 315 
TRP CB  HB3  sing N N 316 
TRP CG  CD1  doub Y N 317 
TRP CG  CD2  sing Y N 318 
TRP CD1 NE1  sing Y N 319 
TRP CD1 HD1  sing N N 320 
TRP CD2 CE2  doub Y N 321 
TRP CD2 CE3  sing Y N 322 
TRP NE1 CE2  sing Y N 323 
TRP NE1 HE1  sing N N 324 
TRP CE2 CZ2  sing Y N 325 
TRP CE3 CZ3  doub Y N 326 
TRP CE3 HE3  sing N N 327 
TRP CZ2 CH2  doub Y N 328 
TRP CZ2 HZ2  sing N N 329 
TRP CZ3 CH2  sing Y N 330 
TRP CZ3 HZ3  sing N N 331 
TRP CH2 HH2  sing N N 332 
TRP OXT HXT  sing N N 333 
TYR N   CA   sing N N 334 
TYR N   H    sing N N 335 
TYR N   H2   sing N N 336 
TYR CA  C    sing N N 337 
TYR CA  CB   sing N N 338 
TYR CA  HA   sing N N 339 
TYR C   O    doub N N 340 
TYR C   OXT  sing N N 341 
TYR CB  CG   sing N N 342 
TYR CB  HB2  sing N N 343 
TYR CB  HB3  sing N N 344 
TYR CG  CD1  doub Y N 345 
TYR CG  CD2  sing Y N 346 
TYR CD1 CE1  sing Y N 347 
TYR CD1 HD1  sing N N 348 
TYR CD2 CE2  doub Y N 349 
TYR CD2 HD2  sing N N 350 
TYR CE1 CZ   doub Y N 351 
TYR CE1 HE1  sing N N 352 
TYR CE2 CZ   sing Y N 353 
TYR CE2 HE2  sing N N 354 
TYR CZ  OH   sing N N 355 
TYR OH  HH   sing N N 356 
TYR OXT HXT  sing N N 357 
VAL N   CA   sing N N 358 
VAL N   H    sing N N 359 
VAL N   H2   sing N N 360 
VAL CA  C    sing N N 361 
VAL CA  CB   sing N N 362 
VAL CA  HA   sing N N 363 
VAL C   O    doub N N 364 
VAL C   OXT  sing N N 365 
VAL CB  CG1  sing N N 366 
VAL CB  CG2  sing N N 367 
VAL CB  HB   sing N N 368 
VAL CG1 HG11 sing N N 369 
VAL CG1 HG12 sing N N 370 
VAL CG1 HG13 sing N N 371 
VAL CG2 HG21 sing N N 372 
VAL CG2 HG22 sing N N 373 
VAL CG2 HG23 sing N N 374 
VAL OXT HXT  sing N N 375 
# 
_pdbx_entity_nonpoly.entity_id   2 
_pdbx_entity_nonpoly.name        water 
_pdbx_entity_nonpoly.comp_id     HOH 
# 
_pdbx_initial_refinement_model.id               1 
_pdbx_initial_refinement_model.entity_id_list   ? 
_pdbx_initial_refinement_model.type             'experimental model' 
_pdbx_initial_refinement_model.source_name      PDB 
_pdbx_initial_refinement_model.accession_code   1QEZ 
_pdbx_initial_refinement_model.details          'PDB ENTRY 1QEZ' 
# 
